data_5CDP
#
_entry.id   5CDP
#
_cell.length_a   93.364
_cell.length_b   93.364
_cell.length_c   411.244
_cell.angle_alpha   90.000
_cell.angle_beta   90.000
_cell.angle_gamma   120.000
#
_symmetry.space_group_name_H-M   'P 61'
#
loop_
_entity.id
_entity.type
_entity.pdbx_description
1 polymer 'DNA gyrase subunit A'
2 polymer 'DNA gyrase subunit B'
3 polymer "DNA (5'-D(*AP*GP*CP*CP*GP*TP*AP*G*GP*GP*TP*AP*CP*CP*TP*AP*CP*GP*GP*CP*T)-3')"
4 polymer "DNA (5'-D(*AP*GP*CP*CP*GP*TP*AP*G*GP*GP*TP*AP*CP*CP*TP*AP*CP*GP*GP*CP*T)-3')"
5 non-polymer 'SODIUM ION'
6 non-polymer 'MANGANESE (II) ION'
7 non-polymer "(5S,5aR,8aR,9R)-9-(4-hydroxy-3,5-dimethoxyphenyl)-8-oxo-5,5a,6,8,8a,9-hexahydrofuro[3',4':6,7]naphtho[2,3-d][1,3]dioxol -5-yl 4,6-O-[(1R)-ethylidene]-beta-D-glucopyranoside"
8 water water
#
loop_
_entity_poly.entity_id
_entity_poly.type
_entity_poly.pdbx_seq_one_letter_code
_entity_poly.pdbx_strand_id
1 'polypeptide(L)'
;INERNITSEMRESFLDYAMSVIVARALPDVRDGLKPVHRRILYGLNEQGMTPDKSYKKSARIVGDVMGKYHPHGDSSIYE
AMVRMAQDFSYRYPLVDGQGNFGSMDGDGAAAMRFTEARMTKITLELLRDINKDTIDFIDNYDGNEREPSVLPARFPNLL
ANGASGIAVGMATNIPPHNLTELINGVLSLSKNPDISIAELMEDIEGPDFPTAGLILGKSGIRRAYETGRGSIQMRSRAV
IEERGGGRQRIVVTEIPFQVNKARMIEKIAELVRDKKIDGITDLRDETSLRTGVRVVIDVRKDANASVILNNLYKQTPLQ
TSFGVNMIALVNGRPKLINLKEALVHYLEHQKTVVRRRTQYNLRKAKDRAHILEGLRIALDHIDEIISTIRESDTDKVAM
ESLQQRFKLSEKQAQAILDMRLRRLTGLERDKIEAEYNELLNYISELETILADEEVLLQLVRDELTEIRDRFGDDRRTEI
QLG
;
A,C
2 'polypeptide(L)'
;KLADCSSKSPEECEIFLVEGDSAGGSTKSGRDSRTQAILPLRGKILNVEKARLDRILNNNEIRQMITAFGTGIGGDFDLA
KARYHKIVIMTDADVDGAHIRTLLLTFFYRFMRPLIEAGYVYIAQPPTGYKGLGEMNADQLWETTMNPEHRALLQVKLED
AIEADQTFEMLMGDVVENRRQFIEDNAVYA
;
B,D
3 'polydeoxyribonucleotide' (DA)(DG)(DC)(DC)(DG)(DT)(DA)(DG) E,F
4 'polydeoxyribonucleotide' (DG)(DG)(DT)(DA)(DC)(DC)(DT)(DA)(DC)(DG)(DG)(DC)(DT) G,H
#
loop_
_chem_comp.id
_chem_comp.type
_chem_comp.name
_chem_comp.formula
DA DNA linking 2'-DEOXYADENOSINE-5'-MONOPHOSPHATE 'C10 H14 N5 O6 P'
DC DNA linking 2'-DEOXYCYTIDINE-5'-MONOPHOSPHATE 'C9 H14 N3 O7 P'
DG DNA linking 2'-DEOXYGUANOSINE-5'-MONOPHOSPHATE 'C10 H14 N5 O7 P'
DT DNA linking THYMIDINE-5'-MONOPHOSPHATE 'C10 H15 N2 O8 P'
EVP non-polymer '(5S,5aR,8aR,9R)-9-(4-hydroxy-3,5-dimethoxyphenyl)-8-oxo-5,5a,6,8,8a,9-hexahydrofuro[3',4':6,7]naphtho[2,3-d][1,3]dioxol -5-yl 4,6-O-[(1R)-ethylidene]-beta-D-glucopyranoside' 'C29 H32 O13'
MN non-polymer 'MANGANESE (II) ION' 'Mn 2'
NA non-polymer 'SODIUM ION' 'Na 1'
#
# COMPACT_ATOMS: atom_id res chain seq x y z
N ILE A 1 -6.93 -21.64 -31.22
CA ILE A 1 -8.02 -22.55 -30.90
C ILE A 1 -9.27 -22.31 -31.78
N ASN A 2 -9.12 -21.37 -32.75
CA ASN A 2 -10.11 -20.93 -33.74
C ASN A 2 -11.45 -20.41 -33.14
N GLU A 3 -12.51 -21.26 -33.14
CA GLU A 3 -13.86 -20.90 -32.74
C GLU A 3 -14.24 -21.24 -31.30
N ARG A 4 -15.33 -20.62 -30.81
CA ARG A 4 -15.87 -20.83 -29.46
C ARG A 4 -17.39 -20.58 -29.42
N ASN A 5 -18.16 -21.61 -29.03
CA ASN A 5 -19.63 -21.55 -28.92
C ASN A 5 -20.03 -20.66 -27.71
N ILE A 6 -20.91 -19.65 -27.95
CA ILE A 6 -21.35 -18.67 -26.95
C ILE A 6 -22.01 -19.34 -25.71
N THR A 7 -22.80 -20.42 -25.92
CA THR A 7 -23.45 -21.16 -24.83
C THR A 7 -22.41 -21.86 -23.94
N SER A 8 -21.43 -22.55 -24.54
CA SER A 8 -20.33 -23.24 -23.85
C SER A 8 -19.46 -22.25 -23.10
N GLU A 9 -19.13 -21.12 -23.76
CA GLU A 9 -18.32 -20.03 -23.20
C GLU A 9 -19.01 -19.42 -21.97
N MET A 10 -20.32 -19.14 -22.06
CA MET A 10 -21.12 -18.56 -20.98
C MET A 10 -21.19 -19.49 -19.78
N ARG A 11 -21.51 -20.77 -20.01
N ARG A 11 -21.51 -20.78 -20.02
CA ARG A 11 -21.63 -21.78 -18.96
CA ARG A 11 -21.63 -21.81 -18.99
C ARG A 11 -20.31 -22.02 -18.20
C ARG A 11 -20.32 -22.00 -18.22
N GLU A 12 -19.18 -22.10 -18.94
CA GLU A 12 -17.85 -22.29 -18.35
C GLU A 12 -17.33 -21.07 -17.63
N SER A 13 -17.42 -19.87 -18.24
CA SER A 13 -16.93 -18.64 -17.62
C SER A 13 -17.73 -18.24 -16.41
N PHE A 14 -19.07 -18.43 -16.46
CA PHE A 14 -19.93 -18.11 -15.33
C PHE A 14 -19.73 -19.07 -14.17
N LEU A 15 -19.61 -20.40 -14.45
CA LEU A 15 -19.40 -21.38 -13.40
C LEU A 15 -18.04 -21.17 -12.71
N ASP A 16 -17.00 -20.82 -13.49
CA ASP A 16 -15.65 -20.54 -12.98
C ASP A 16 -15.71 -19.42 -11.95
N TYR A 17 -16.41 -18.32 -12.29
CA TYR A 17 -16.59 -17.16 -11.42
C TYR A 17 -17.45 -17.52 -10.20
N ALA A 18 -18.65 -18.13 -10.44
CA ALA A 18 -19.59 -18.53 -9.40
C ALA A 18 -18.91 -19.37 -8.33
N MET A 19 -18.20 -20.43 -8.74
N MET A 19 -18.21 -20.44 -8.75
CA MET A 19 -17.46 -21.34 -7.87
CA MET A 19 -17.47 -21.36 -7.87
C MET A 19 -16.40 -20.64 -7.04
C MET A 19 -16.41 -20.65 -7.03
N SER A 20 -15.60 -19.76 -7.66
CA SER A 20 -14.54 -19.00 -7.00
C SER A 20 -15.11 -18.05 -5.93
N VAL A 21 -16.26 -17.42 -6.18
CA VAL A 21 -16.90 -16.53 -5.20
C VAL A 21 -17.43 -17.34 -4.00
N ILE A 22 -17.97 -18.54 -4.29
CA ILE A 22 -18.52 -19.47 -3.31
C ILE A 22 -17.43 -20.06 -2.39
N VAL A 23 -16.39 -20.70 -2.97
CA VAL A 23 -15.35 -21.40 -2.18
C VAL A 23 -14.13 -20.55 -1.86
N ALA A 24 -13.97 -19.38 -2.52
CA ALA A 24 -12.77 -18.55 -2.32
C ALA A 24 -13.02 -17.03 -2.23
N ARG A 25 -14.15 -16.60 -1.62
CA ARG A 25 -14.42 -15.16 -1.46
C ARG A 25 -15.44 -14.79 -0.40
N ALA A 26 -16.73 -15.08 -0.69
CA ALA A 26 -17.91 -14.63 0.06
C ALA A 26 -18.38 -15.50 1.21
N LEU A 27 -17.98 -16.77 1.24
CA LEU A 27 -18.45 -17.67 2.27
C LEU A 27 -17.37 -18.07 3.28
N PRO A 28 -17.74 -18.14 4.58
CA PRO A 28 -16.76 -18.55 5.59
C PRO A 28 -16.62 -20.06 5.70
N ASP A 29 -15.47 -20.52 6.21
CA ASP A 29 -15.25 -21.95 6.44
C ASP A 29 -15.89 -22.27 7.80
N VAL A 30 -16.59 -23.41 7.90
CA VAL A 30 -17.27 -23.85 9.14
C VAL A 30 -16.27 -24.03 10.34
N ARG A 31 -15.01 -24.42 10.04
CA ARG A 31 -13.96 -24.73 11.00
C ARG A 31 -13.41 -23.51 11.74
N ASP A 32 -12.93 -22.48 11.01
CA ASP A 32 -12.35 -21.27 11.63
C ASP A 32 -13.24 -20.02 11.53
N GLY A 33 -14.34 -20.12 10.77
CA GLY A 33 -15.29 -19.03 10.59
C GLY A 33 -14.79 -17.89 9.74
N LEU A 34 -13.78 -18.16 8.90
CA LEU A 34 -13.14 -17.14 8.08
C LEU A 34 -13.33 -17.31 6.59
N LYS A 35 -13.28 -16.17 5.89
CA LYS A 35 -13.27 -16.05 4.44
C LYS A 35 -11.78 -15.91 4.07
N PRO A 36 -11.36 -16.19 2.81
CA PRO A 36 -9.91 -16.07 2.47
C PRO A 36 -9.23 -14.75 2.83
N VAL A 37 -9.87 -13.60 2.60
CA VAL A 37 -9.25 -12.30 2.89
C VAL A 37 -8.91 -12.15 4.39
N HIS A 38 -9.84 -12.54 5.28
CA HIS A 38 -9.67 -12.49 6.73
C HIS A 38 -8.59 -13.42 7.23
N ARG A 39 -8.54 -14.66 6.69
CA ARG A 39 -7.56 -15.67 7.03
C ARG A 39 -6.15 -15.22 6.64
N ARG A 40 -6.03 -14.58 5.46
CA ARG A 40 -4.76 -14.06 4.94
C ARG A 40 -4.23 -12.88 5.75
N ILE A 41 -5.13 -12.04 6.29
CA ILE A 41 -4.78 -10.90 7.14
C ILE A 41 -4.18 -11.42 8.43
N LEU A 42 -4.92 -12.33 9.11
CA LEU A 42 -4.50 -12.91 10.39
C LEU A 42 -3.22 -13.71 10.28
N TYR A 43 -3.09 -14.51 9.19
CA TYR A 43 -1.88 -15.29 8.94
C TYR A 43 -0.71 -14.34 8.69
N GLY A 44 -0.99 -13.27 7.94
CA GLY A 44 -0.05 -12.20 7.64
C GLY A 44 0.44 -11.54 8.90
N LEU A 45 -0.46 -11.20 9.82
CA LEU A 45 -0.10 -10.61 11.10
C LEU A 45 0.81 -11.54 11.90
N ASN A 46 0.52 -12.87 11.88
CA ASN A 46 1.33 -13.88 12.56
C ASN A 46 2.72 -13.99 11.96
N GLU A 47 2.82 -14.06 10.62
CA GLU A 47 4.09 -14.16 9.90
C GLU A 47 4.96 -12.93 10.07
N GLN A 48 4.33 -11.75 10.20
CA GLN A 48 5.01 -10.47 10.41
C GLN A 48 5.34 -10.23 11.92
N GLY A 49 4.97 -11.19 12.78
CA GLY A 49 5.18 -11.12 14.23
C GLY A 49 4.41 -10.01 14.92
N MET A 50 3.18 -9.71 14.43
CA MET A 50 2.31 -8.63 14.94
C MET A 50 1.45 -9.03 16.14
N THR A 51 2.08 -9.68 17.12
CA THR A 51 1.48 -10.19 18.35
C THR A 51 1.10 -9.03 19.30
N PRO A 52 0.13 -9.24 20.24
CA PRO A 52 -0.29 -8.14 21.14
C PRO A 52 0.78 -7.47 22.01
N ASP A 53 1.89 -8.16 22.27
CA ASP A 53 2.98 -7.64 23.10
C ASP A 53 3.87 -6.66 22.34
N LYS A 54 3.89 -6.75 20.99
CA LYS A 54 4.72 -5.88 20.16
C LYS A 54 3.96 -4.61 19.77
N SER A 55 4.69 -3.54 19.44
CA SER A 55 4.10 -2.26 19.05
C SER A 55 3.29 -2.38 17.73
N TYR A 56 2.35 -1.45 17.52
CA TYR A 56 1.52 -1.39 16.32
C TYR A 56 2.36 -1.16 15.05
N LYS A 57 1.93 -1.73 13.92
CA LYS A 57 2.58 -1.56 12.63
C LYS A 57 1.63 -0.80 11.72
N LYS A 58 2.17 0.07 10.86
CA LYS A 58 1.41 0.85 9.88
C LYS A 58 0.57 -0.09 9.01
N SER A 59 -0.73 0.19 8.91
CA SER A 59 -1.70 -0.61 8.16
C SER A 59 -1.31 -0.87 6.70
N ALA A 60 -0.72 0.12 6.01
CA ALA A 60 -0.29 0.02 4.62
C ALA A 60 0.77 -1.07 4.43
N ARG A 61 1.65 -1.25 5.44
CA ARG A 61 2.71 -2.26 5.45
C ARG A 61 2.12 -3.66 5.61
N ILE A 62 1.13 -3.81 6.52
CA ILE A 62 0.40 -5.06 6.76
C ILE A 62 -0.32 -5.47 5.46
N VAL A 63 -1.11 -4.53 4.89
CA VAL A 63 -1.91 -4.72 3.68
C VAL A 63 -1.06 -5.06 2.45
N GLY A 64 0.03 -4.32 2.25
CA GLY A 64 0.95 -4.52 1.13
C GLY A 64 1.57 -5.91 1.12
N ASP A 65 1.98 -6.39 2.30
N ASP A 65 1.98 -6.39 2.31
CA ASP A 65 2.58 -7.71 2.50
CA ASP A 65 2.57 -7.71 2.55
C ASP A 65 1.56 -8.82 2.26
C ASP A 65 1.55 -8.80 2.25
N VAL A 66 0.30 -8.63 2.74
CA VAL A 66 -0.81 -9.58 2.57
C VAL A 66 -1.23 -9.66 1.09
N MET A 67 -1.29 -8.51 0.40
CA MET A 67 -1.64 -8.36 -1.03
C MET A 67 -0.61 -9.04 -1.92
N GLY A 68 0.67 -8.78 -1.65
CA GLY A 68 1.79 -9.32 -2.40
C GLY A 68 2.00 -10.81 -2.21
N LYS A 69 1.92 -11.27 -0.95
CA LYS A 69 2.16 -12.67 -0.62
C LYS A 69 0.96 -13.60 -0.79
N TYR A 70 -0.27 -13.16 -0.43
CA TYR A 70 -1.39 -14.11 -0.43
C TYR A 70 -2.67 -13.69 -1.13
N HIS A 71 -2.98 -12.39 -1.20
CA HIS A 71 -4.26 -11.91 -1.69
C HIS A 71 -4.15 -11.01 -2.93
N PRO A 72 -4.19 -11.59 -4.15
CA PRO A 72 -3.99 -10.75 -5.36
C PRO A 72 -5.22 -9.97 -5.80
N HIS A 73 -5.65 -9.04 -4.96
CA HIS A 73 -6.82 -8.19 -5.15
C HIS A 73 -6.52 -6.76 -4.68
N GLY A 74 -7.50 -5.85 -4.84
CA GLY A 74 -7.38 -4.44 -4.45
C GLY A 74 -7.09 -4.27 -2.97
N ASP A 75 -6.27 -3.26 -2.62
CA ASP A 75 -5.89 -2.99 -1.22
C ASP A 75 -7.07 -2.58 -0.34
N SER A 76 -8.10 -1.94 -0.92
CA SER A 76 -9.30 -1.51 -0.19
C SER A 76 -10.07 -2.71 0.36
N SER A 77 -10.15 -3.81 -0.39
CA SER A 77 -10.83 -5.04 0.07
C SER A 77 -10.12 -5.62 1.27
N ILE A 78 -8.77 -5.60 1.26
CA ILE A 78 -7.93 -6.09 2.35
C ILE A 78 -8.05 -5.16 3.56
N TYR A 79 -7.77 -3.87 3.36
CA TYR A 79 -7.82 -2.89 4.43
C TYR A 79 -9.19 -2.78 5.11
N GLU A 80 -10.28 -2.67 4.33
CA GLU A 80 -11.62 -2.57 4.88
C GLU A 80 -12.05 -3.82 5.65
N ALA A 81 -11.53 -5.01 5.27
CA ALA A 81 -11.77 -6.26 5.99
C ALA A 81 -11.04 -6.23 7.33
N MET A 82 -9.80 -5.70 7.36
CA MET A 82 -8.98 -5.55 8.58
C MET A 82 -9.62 -4.52 9.51
N VAL A 83 -10.18 -3.44 8.95
CA VAL A 83 -10.86 -2.37 9.70
C VAL A 83 -12.06 -2.94 10.46
N ARG A 84 -12.94 -3.72 9.78
CA ARG A 84 -14.12 -4.33 10.41
CA ARG A 84 -14.12 -4.34 10.39
C ARG A 84 -13.74 -5.19 11.60
N MET A 85 -12.67 -6.01 11.45
CA MET A 85 -12.13 -6.91 12.50
C MET A 85 -11.69 -6.14 13.75
N ALA A 86 -11.44 -4.82 13.62
CA ALA A 86 -10.99 -3.95 14.70
C ALA A 86 -12.12 -3.14 15.35
N GLN A 87 -13.34 -3.19 14.80
CA GLN A 87 -14.48 -2.42 15.28
C GLN A 87 -15.27 -3.21 16.33
N ASP A 88 -15.39 -2.63 17.55
CA ASP A 88 -16.11 -3.29 18.64
C ASP A 88 -17.63 -3.31 18.42
N PHE A 89 -18.14 -2.54 17.43
CA PHE A 89 -19.55 -2.53 17.08
C PHE A 89 -19.85 -3.53 15.94
N SER A 90 -18.79 -4.06 15.27
CA SER A 90 -18.93 -5.03 14.18
C SER A 90 -18.59 -6.43 14.64
N TYR A 91 -17.50 -6.58 15.41
CA TYR A 91 -17.05 -7.87 15.91
C TYR A 91 -17.38 -8.06 17.37
N ARG A 92 -18.07 -9.17 17.68
CA ARG A 92 -18.42 -9.56 19.04
C ARG A 92 -17.13 -9.84 19.85
N TYR A 93 -16.09 -10.35 19.18
CA TYR A 93 -14.75 -10.61 19.75
C TYR A 93 -13.75 -10.11 18.72
N PRO A 94 -13.37 -8.81 18.79
CA PRO A 94 -12.48 -8.25 17.76
C PRO A 94 -11.17 -9.01 17.60
N LEU A 95 -10.75 -9.16 16.35
CA LEU A 95 -9.57 -9.92 15.95
C LEU A 95 -8.37 -9.05 15.66
N VAL A 96 -8.60 -7.75 15.43
CA VAL A 96 -7.55 -6.77 15.12
C VAL A 96 -7.61 -5.67 16.17
N ASP A 97 -6.43 -5.26 16.62
CA ASP A 97 -6.24 -4.18 17.58
C ASP A 97 -5.74 -3.00 16.75
N GLY A 98 -6.60 -2.00 16.59
CA GLY A 98 -6.31 -0.82 15.79
C GLY A 98 -5.94 0.44 16.55
N GLN A 99 -5.00 1.20 15.97
CA GLN A 99 -4.50 2.48 16.47
C GLN A 99 -4.87 3.53 15.41
N GLY A 100 -5.66 4.54 15.81
CA GLY A 100 -6.14 5.62 14.96
C GLY A 100 -7.62 5.54 14.67
N ASN A 101 -8.11 6.32 13.69
CA ASN A 101 -9.51 6.36 13.29
C ASN A 101 -9.85 5.07 12.54
N PHE A 102 -10.63 4.19 13.20
CA PHE A 102 -11.04 2.91 12.62
C PHE A 102 -12.54 2.87 12.28
N GLY A 103 -13.17 4.04 12.22
CA GLY A 103 -14.58 4.19 11.87
C GLY A 103 -15.54 4.29 13.05
N SER A 104 -16.82 4.52 12.75
CA SER A 104 -17.88 4.68 13.75
C SER A 104 -19.19 3.97 13.38
N MET A 105 -20.17 3.97 14.32
CA MET A 105 -21.51 3.39 14.12
C MET A 105 -22.33 4.23 13.11
N ASP A 106 -21.87 5.46 12.80
CA ASP A 106 -22.50 6.39 11.85
C ASP A 106 -22.08 6.14 10.40
N GLY A 107 -21.31 5.08 10.18
CA GLY A 107 -20.85 4.69 8.86
C GLY A 107 -19.69 5.49 8.34
N ASP A 108 -19.03 6.25 9.23
CA ASP A 108 -17.83 7.01 8.87
C ASP A 108 -16.76 5.95 8.61
N GLY A 109 -16.01 6.14 7.54
CA GLY A 109 -14.95 5.21 7.22
C GLY A 109 -13.75 5.39 8.14
N ALA A 110 -12.82 4.46 8.07
CA ALA A 110 -11.58 4.56 8.83
C ALA A 110 -10.69 5.58 8.14
N ALA A 111 -9.64 6.06 8.82
CA ALA A 111 -8.68 6.96 8.21
C ALA A 111 -7.92 6.16 7.13
N ALA A 112 -7.29 6.83 6.15
CA ALA A 112 -6.49 6.16 5.10
C ALA A 112 -5.49 5.19 5.76
N MET A 113 -5.20 4.04 5.09
CA MET A 113 -4.31 3.00 5.64
C MET A 113 -2.89 3.51 5.98
N ARG A 114 -2.48 4.66 5.42
CA ARG A 114 -1.18 5.27 5.70
C ARG A 114 -1.15 5.95 7.08
N PHE A 115 -2.34 6.27 7.65
CA PHE A 115 -2.45 6.92 8.95
C PHE A 115 -2.64 5.92 10.06
N THR A 116 -3.40 4.86 9.81
CA THR A 116 -3.70 3.89 10.86
C THR A 116 -2.60 2.85 11.06
N GLU A 117 -2.65 2.22 12.23
CA GLU A 117 -1.73 1.17 12.65
C GLU A 117 -2.54 0.02 13.26
N ALA A 118 -1.98 -1.20 13.25
CA ALA A 118 -2.65 -2.37 13.78
C ALA A 118 -1.71 -3.47 14.28
N ARG A 119 -2.30 -4.45 14.98
CA ARG A 119 -1.68 -5.68 15.50
C ARG A 119 -2.83 -6.64 15.88
N MET A 120 -2.50 -7.88 16.28
CA MET A 120 -3.47 -8.87 16.73
C MET A 120 -4.05 -8.48 18.08
N THR A 121 -5.25 -9.00 18.39
CA THR A 121 -5.83 -8.90 19.72
C THR A 121 -5.35 -10.19 20.43
N LYS A 122 -5.50 -10.26 21.76
CA LYS A 122 -5.13 -11.45 22.53
C LYS A 122 -5.93 -12.69 22.10
N ILE A 123 -7.23 -12.52 21.77
CA ILE A 123 -8.08 -13.64 21.36
C ILE A 123 -7.62 -14.22 19.99
N THR A 124 -7.03 -13.40 19.08
CA THR A 124 -6.51 -13.84 17.78
C THR A 124 -5.37 -14.84 17.95
N LEU A 125 -4.58 -14.71 19.03
CA LEU A 125 -3.53 -15.69 19.36
C LEU A 125 -4.14 -17.09 19.47
N GLU A 126 -5.42 -17.18 19.92
CA GLU A 126 -6.16 -18.44 20.06
C GLU A 126 -6.60 -19.00 18.71
N LEU A 127 -6.74 -18.15 17.68
CA LEU A 127 -7.09 -18.61 16.34
C LEU A 127 -5.84 -19.20 15.67
N LEU A 128 -4.67 -18.61 15.97
CA LEU A 128 -3.38 -18.97 15.39
C LEU A 128 -2.57 -19.98 16.19
N ARG A 129 -2.94 -20.23 17.46
CA ARG A 129 -2.28 -21.17 18.37
C ARG A 129 -2.09 -22.56 17.73
N ASP A 130 -0.83 -23.04 17.70
CA ASP A 130 -0.36 -24.35 17.19
C ASP A 130 -0.32 -24.47 15.64
N ILE A 131 -0.45 -23.34 14.91
CA ILE A 131 -0.38 -23.33 13.44
C ILE A 131 0.95 -23.92 12.90
N ASN A 132 2.05 -23.78 13.69
CA ASN A 132 3.38 -24.28 13.30
C ASN A 132 3.72 -25.59 14.03
N LYS A 133 2.68 -26.37 14.38
CA LYS A 133 2.78 -27.67 15.04
C LYS A 133 2.08 -28.74 14.18
N ASP A 134 2.11 -28.57 12.83
CA ASP A 134 1.49 -29.45 11.83
C ASP A 134 0.03 -29.85 12.21
N THR A 135 -0.78 -28.85 12.61
CA THR A 135 -2.17 -29.04 13.03
C THR A 135 -3.14 -28.82 11.88
N ILE A 136 -2.74 -28.02 10.89
CA ILE A 136 -3.57 -27.67 9.75
C ILE A 136 -2.77 -27.82 8.46
N ASP A 137 -3.45 -27.97 7.32
CA ASP A 137 -2.75 -28.13 6.05
C ASP A 137 -2.42 -26.80 5.39
N PHE A 138 -1.16 -26.64 4.99
CA PHE A 138 -0.70 -25.48 4.26
C PHE A 138 -0.81 -25.81 2.77
N ILE A 139 -1.07 -24.80 1.96
CA ILE A 139 -1.20 -24.92 0.52
C ILE A 139 -0.29 -23.88 -0.14
N ASP A 140 -0.03 -24.06 -1.43
CA ASP A 140 0.74 -23.08 -2.20
C ASP A 140 -0.11 -21.83 -2.37
N ASN A 141 0.53 -20.66 -2.36
CA ASN A 141 -0.14 -19.39 -2.59
C ASN A 141 -0.50 -19.26 -4.11
N TYR A 142 -1.09 -18.13 -4.53
CA TYR A 142 -1.53 -17.87 -5.91
C TYR A 142 -0.44 -18.01 -6.99
N ASP A 143 0.83 -17.65 -6.69
CA ASP A 143 1.93 -17.68 -7.67
C ASP A 143 2.97 -18.79 -7.43
N GLY A 144 2.81 -19.56 -6.36
CA GLY A 144 3.72 -20.64 -6.00
C GLY A 144 5.00 -20.21 -5.31
N ASN A 145 5.12 -18.90 -5.00
CA ASN A 145 6.30 -18.35 -4.30
C ASN A 145 6.15 -18.35 -2.79
N GLU A 146 4.94 -18.67 -2.29
CA GLU A 146 4.66 -18.68 -0.85
C GLU A 146 3.79 -19.86 -0.44
N ARG A 147 3.62 -20.02 0.87
CA ARG A 147 2.76 -21.05 1.49
C ARG A 147 1.79 -20.33 2.42
N GLU A 148 0.54 -20.78 2.43
CA GLU A 148 -0.51 -20.19 3.26
C GLU A 148 -1.37 -21.29 3.88
N PRO A 149 -2.00 -21.05 5.06
CA PRO A 149 -2.86 -22.09 5.64
C PRO A 149 -4.19 -22.25 4.89
N SER A 150 -4.67 -23.49 4.76
CA SER A 150 -5.97 -23.74 4.15
C SER A 150 -7.07 -23.37 5.17
N VAL A 151 -6.74 -23.47 6.48
CA VAL A 151 -7.63 -23.20 7.61
C VAL A 151 -6.78 -22.86 8.84
N LEU A 152 -7.33 -22.13 9.81
CA LEU A 152 -6.62 -21.81 11.04
C LEU A 152 -7.00 -22.81 12.15
N PRO A 153 -6.09 -23.12 13.10
CA PRO A 153 -6.44 -24.07 14.19
C PRO A 153 -7.75 -23.72 14.94
N ALA A 154 -8.01 -22.39 15.14
CA ALA A 154 -9.24 -21.81 15.73
C ALA A 154 -9.66 -22.48 17.03
N ARG A 155 -8.95 -22.18 18.11
CA ARG A 155 -9.12 -22.83 19.41
C ARG A 155 -10.35 -22.38 20.20
N PHE A 156 -11.15 -21.45 19.63
CA PHE A 156 -12.47 -21.03 20.13
C PHE A 156 -13.43 -21.07 18.91
N PRO A 157 -14.75 -21.36 19.09
CA PRO A 157 -15.66 -21.43 17.92
C PRO A 157 -15.97 -20.06 17.30
N ASN A 158 -15.07 -19.60 16.40
CA ASN A 158 -15.13 -18.28 15.76
C ASN A 158 -16.28 -18.05 14.76
N LEU A 159 -16.74 -19.08 14.03
CA LEU A 159 -17.84 -18.91 13.08
C LEU A 159 -19.08 -18.37 13.79
N LEU A 160 -19.45 -19.03 14.89
CA LEU A 160 -20.63 -18.63 15.65
C LEU A 160 -20.35 -17.45 16.55
N ALA A 161 -19.13 -17.33 17.11
CA ALA A 161 -18.78 -16.23 18.00
C ALA A 161 -18.89 -14.86 17.33
N ASN A 162 -18.23 -14.70 16.17
CA ASN A 162 -18.22 -13.44 15.45
C ASN A 162 -19.26 -13.35 14.32
N GLY A 163 -19.85 -14.48 13.94
CA GLY A 163 -20.84 -14.55 12.87
C GLY A 163 -20.23 -14.30 11.51
N ALA A 164 -21.08 -14.14 10.48
CA ALA A 164 -20.63 -13.87 9.10
C ALA A 164 -21.77 -13.38 8.24
N SER A 165 -21.45 -12.54 7.28
CA SER A 165 -22.37 -12.08 6.26
C SER A 165 -21.62 -12.06 4.93
N GLY A 166 -22.24 -12.59 3.88
CA GLY A 166 -21.61 -12.64 2.58
C GLY A 166 -22.57 -12.87 1.45
N ILE A 167 -22.44 -12.07 0.38
CA ILE A 167 -23.26 -12.23 -0.83
C ILE A 167 -22.37 -12.97 -1.83
N ALA A 168 -22.74 -14.21 -2.19
CA ALA A 168 -21.97 -15.00 -3.15
C ALA A 168 -22.66 -14.98 -4.52
N VAL A 169 -22.72 -16.14 -5.20
CA VAL A 169 -23.40 -16.30 -6.48
C VAL A 169 -24.31 -17.51 -6.27
N GLY A 170 -25.59 -17.33 -6.54
CA GLY A 170 -26.61 -18.37 -6.37
C GLY A 170 -27.01 -18.58 -4.92
N MET A 171 -26.31 -17.91 -3.99
CA MET A 171 -26.54 -18.04 -2.55
C MET A 171 -25.87 -16.92 -1.80
N ALA A 172 -26.22 -16.80 -0.52
CA ALA A 172 -25.65 -15.82 0.39
C ALA A 172 -25.56 -16.43 1.80
N THR A 173 -24.94 -15.73 2.75
CA THR A 173 -24.86 -16.20 4.13
C THR A 173 -25.13 -15.08 5.12
N ASN A 174 -25.77 -15.43 6.23
CA ASN A 174 -26.08 -14.49 7.30
C ASN A 174 -26.16 -15.24 8.60
N ILE A 175 -25.01 -15.31 9.28
CA ILE A 175 -24.82 -16.00 10.55
C ILE A 175 -24.62 -14.93 11.64
N PRO A 176 -25.48 -14.89 12.68
CA PRO A 176 -25.32 -13.85 13.72
C PRO A 176 -24.21 -14.18 14.72
N PRO A 177 -23.65 -13.16 15.42
CA PRO A 177 -22.66 -13.46 16.47
C PRO A 177 -23.32 -14.07 17.72
N HIS A 178 -22.51 -14.73 18.57
CA HIS A 178 -22.97 -15.42 19.77
C HIS A 178 -22.03 -15.15 20.96
N ASN A 179 -22.51 -15.48 22.18
CA ASN A 179 -21.71 -15.31 23.38
C ASN A 179 -20.73 -16.49 23.52
N LEU A 180 -19.44 -16.17 23.74
CA LEU A 180 -18.37 -17.16 23.83
C LEU A 180 -18.52 -18.13 25.01
N THR A 181 -19.04 -17.67 26.15
CA THR A 181 -19.24 -18.53 27.32
C THR A 181 -20.29 -19.58 26.95
N GLU A 182 -21.42 -19.12 26.39
CA GLU A 182 -22.54 -19.95 25.95
C GLU A 182 -22.10 -20.99 24.90
N LEU A 183 -21.35 -20.54 23.87
CA LEU A 183 -20.84 -21.42 22.79
C LEU A 183 -19.93 -22.52 23.30
N ILE A 184 -18.91 -22.19 24.13
CA ILE A 184 -17.98 -23.19 24.68
C ILE A 184 -18.73 -24.17 25.56
N ASN A 185 -19.68 -23.67 26.40
CA ASN A 185 -20.54 -24.53 27.24
C ASN A 185 -21.35 -25.49 26.36
N GLY A 186 -21.82 -25.01 25.20
CA GLY A 186 -22.55 -25.78 24.22
C GLY A 186 -21.69 -26.86 23.58
N VAL A 187 -20.43 -26.50 23.24
CA VAL A 187 -19.45 -27.43 22.68
C VAL A 187 -19.12 -28.52 23.71
N LEU A 188 -18.93 -28.12 24.99
CA LEU A 188 -18.65 -29.04 26.10
C LEU A 188 -19.79 -30.05 26.29
N SER A 189 -21.05 -29.57 26.30
CA SER A 189 -22.24 -30.42 26.43
C SER A 189 -22.33 -31.44 25.29
N LEU A 190 -22.07 -30.99 24.03
CA LEU A 190 -22.04 -31.83 22.83
C LEU A 190 -20.94 -32.91 22.93
N SER A 191 -19.76 -32.55 23.49
CA SER A 191 -18.64 -33.48 23.64
C SER A 191 -18.96 -34.64 24.61
N LYS A 192 -19.91 -34.43 25.54
CA LYS A 192 -20.34 -35.44 26.52
C LYS A 192 -21.61 -36.18 26.06
N ASN A 193 -22.25 -35.73 24.97
CA ASN A 193 -23.47 -36.33 24.44
C ASN A 193 -23.59 -36.10 22.94
N PRO A 194 -23.15 -37.06 22.09
CA PRO A 194 -23.27 -36.86 20.62
C PRO A 194 -24.71 -36.75 20.14
N ASP A 195 -25.67 -37.28 20.92
CA ASP A 195 -27.10 -37.30 20.61
C ASP A 195 -27.89 -36.13 21.24
N ILE A 196 -27.19 -35.09 21.69
CA ILE A 196 -27.80 -33.90 22.28
C ILE A 196 -28.76 -33.22 21.25
N SER A 197 -29.95 -32.80 21.70
CA SER A 197 -30.91 -32.12 20.82
C SER A 197 -30.59 -30.62 20.73
N ILE A 198 -31.21 -29.92 19.75
CA ILE A 198 -31.09 -28.47 19.57
C ILE A 198 -31.65 -27.78 20.82
N ALA A 199 -32.82 -28.26 21.30
CA ALA A 199 -33.49 -27.73 22.50
C ALA A 199 -32.57 -27.82 23.72
N GLU A 200 -31.86 -28.95 23.87
CA GLU A 200 -30.89 -29.15 24.95
C GLU A 200 -29.71 -28.19 24.78
N LEU A 201 -29.19 -28.04 23.54
CA LEU A 201 -28.08 -27.10 23.24
C LEU A 201 -28.46 -25.65 23.55
N MET A 202 -29.75 -25.32 23.38
CA MET A 202 -30.29 -24.00 23.68
C MET A 202 -30.36 -23.69 25.19
N GLU A 203 -30.06 -24.67 26.06
CA GLU A 203 -29.95 -24.46 27.51
C GLU A 203 -28.63 -23.73 27.77
N ASP A 204 -27.63 -23.94 26.90
CA ASP A 204 -26.34 -23.26 26.93
C ASP A 204 -26.37 -22.02 26.03
N ILE A 205 -26.76 -22.18 24.77
CA ILE A 205 -26.81 -21.12 23.77
C ILE A 205 -28.24 -20.56 23.68
N GLU A 206 -28.52 -19.51 24.48
CA GLU A 206 -29.82 -18.83 24.57
C GLU A 206 -30.28 -18.29 23.21
N GLY A 207 -29.32 -17.78 22.45
CA GLY A 207 -29.53 -17.20 21.13
C GLY A 207 -28.35 -16.34 20.74
N PRO A 208 -28.49 -15.52 19.67
CA PRO A 208 -27.37 -14.63 19.30
C PRO A 208 -27.04 -13.59 20.37
N ASP A 209 -25.80 -13.09 20.33
CA ASP A 209 -25.33 -12.06 21.25
C ASP A 209 -24.56 -11.03 20.42
N PHE A 210 -25.23 -9.93 20.13
CA PHE A 210 -24.74 -8.86 19.29
C PHE A 210 -23.76 -7.95 20.02
N PRO A 211 -22.67 -7.49 19.35
CA PRO A 211 -21.71 -6.57 20.01
C PRO A 211 -22.37 -5.26 20.45
N THR A 212 -23.42 -4.86 19.72
CA THR A 212 -24.24 -3.66 19.89
C THR A 212 -25.35 -3.84 20.97
N ALA A 213 -25.35 -4.99 21.69
CA ALA A 213 -26.31 -5.35 22.74
C ALA A 213 -27.77 -5.31 22.23
N GLY A 214 -28.63 -4.47 22.80
CA GLY A 214 -30.01 -4.39 22.37
C GLY A 214 -30.88 -5.55 22.86
N LEU A 215 -32.04 -5.75 22.22
CA LEU A 215 -33.02 -6.75 22.58
C LEU A 215 -33.39 -7.67 21.41
N ILE A 216 -33.82 -8.90 21.74
CA ILE A 216 -34.40 -9.88 20.81
C ILE A 216 -35.81 -10.17 21.33
N LEU A 217 -36.82 -10.07 20.44
CA LEU A 217 -38.22 -10.37 20.78
C LEU A 217 -38.57 -11.83 20.51
N GLY A 218 -38.67 -12.62 21.58
CA GLY A 218 -39.08 -14.02 21.51
C GLY A 218 -37.99 -15.01 21.17
N LYS A 219 -38.32 -16.31 21.31
N LYS A 219 -38.29 -16.32 21.34
CA LYS A 219 -37.39 -17.43 21.03
CA LYS A 219 -37.35 -17.41 21.06
C LYS A 219 -37.75 -18.23 19.78
C LYS A 219 -37.73 -18.26 19.84
N SER A 220 -38.95 -18.00 19.20
N SER A 220 -38.89 -17.98 19.22
CA SER A 220 -39.45 -18.74 18.03
CA SER A 220 -39.41 -18.73 18.06
C SER A 220 -38.56 -18.60 16.77
C SER A 220 -38.53 -18.61 16.81
N GLY A 221 -38.07 -17.39 16.51
CA GLY A 221 -37.19 -17.11 15.38
C GLY A 221 -35.82 -17.72 15.57
N ILE A 222 -35.31 -17.67 16.83
CA ILE A 222 -34.03 -18.24 17.27
C ILE A 222 -34.09 -19.76 17.09
N ARG A 223 -35.14 -20.39 17.66
CA ARG A 223 -35.38 -21.83 17.61
C ARG A 223 -35.38 -22.37 16.18
N ARG A 224 -36.17 -21.76 15.29
N ARG A 224 -36.18 -21.76 15.29
CA ARG A 224 -36.30 -22.12 13.87
CA ARG A 224 -36.30 -22.12 13.87
C ARG A 224 -34.95 -22.03 13.16
C ARG A 224 -34.96 -22.02 13.15
N ALA A 225 -34.17 -20.96 13.44
CA ALA A 225 -32.84 -20.74 12.87
C ALA A 225 -31.85 -21.82 13.32
N TYR A 226 -31.94 -22.24 14.59
CA TYR A 226 -31.06 -23.27 15.14
C TYR A 226 -31.43 -24.68 14.70
N GLU A 227 -32.73 -24.91 14.44
N GLU A 227 -32.73 -24.91 14.45
CA GLU A 227 -33.25 -26.19 14.01
CA GLU A 227 -33.26 -26.20 14.01
C GLU A 227 -33.04 -26.44 12.51
C GLU A 227 -33.03 -26.45 12.52
N THR A 228 -33.19 -25.39 11.69
CA THR A 228 -33.11 -25.48 10.22
C THR A 228 -31.97 -24.75 9.53
N GLY A 229 -31.39 -23.76 10.20
CA GLY A 229 -30.36 -22.89 9.62
C GLY A 229 -30.95 -21.61 9.06
N ARG A 230 -32.30 -21.51 9.07
N ARG A 230 -32.30 -21.51 9.10
CA ARG A 230 -33.06 -20.38 8.56
CA ARG A 230 -33.05 -20.37 8.59
C ARG A 230 -34.14 -19.94 9.54
C ARG A 230 -34.14 -19.94 9.55
N GLY A 231 -34.26 -18.63 9.72
CA GLY A 231 -35.25 -18.03 10.61
C GLY A 231 -35.08 -16.53 10.72
N SER A 232 -36.17 -15.84 11.05
CA SER A 232 -36.22 -14.39 11.17
C SER A 232 -36.15 -13.98 12.64
N ILE A 233 -35.14 -13.18 13.00
CA ILE A 233 -34.96 -12.74 14.40
C ILE A 233 -35.26 -11.25 14.54
N GLN A 234 -36.26 -10.92 15.37
CA GLN A 234 -36.64 -9.53 15.61
C GLN A 234 -35.71 -8.86 16.64
N MET A 235 -34.95 -7.87 16.18
CA MET A 235 -34.02 -7.11 17.03
C MET A 235 -34.63 -5.77 17.34
N ARG A 236 -34.58 -5.37 18.61
CA ARG A 236 -35.09 -4.08 19.05
C ARG A 236 -34.02 -3.28 19.74
N SER A 237 -34.09 -1.96 19.57
CA SER A 237 -33.20 -1.02 20.23
C SER A 237 -33.51 -1.04 21.74
N ARG A 238 -32.58 -0.58 22.58
CA ARG A 238 -32.87 -0.44 23.99
C ARG A 238 -33.38 0.97 24.12
N ALA A 239 -34.69 1.12 24.36
CA ALA A 239 -35.35 2.43 24.51
C ALA A 239 -36.18 2.50 25.79
N VAL A 240 -36.12 3.67 26.46
CA VAL A 240 -36.91 3.96 27.66
C VAL A 240 -37.66 5.27 27.48
N ILE A 241 -38.74 5.45 28.25
CA ILE A 241 -39.52 6.68 28.30
C ILE A 241 -39.21 7.34 29.66
N GLU A 242 -38.84 8.62 29.64
CA GLU A 242 -38.54 9.37 30.86
C GLU A 242 -39.02 10.82 30.77
N GLU A 243 -39.20 11.46 31.93
CA GLU A 243 -39.62 12.86 32.05
C GLU A 243 -38.46 13.78 31.69
N ARG A 244 -38.80 14.97 31.17
CA ARG A 244 -37.77 15.96 30.80
C ARG A 244 -38.05 17.35 31.40
N GLY A 245 -39.10 17.44 32.21
CA GLY A 245 -39.52 18.68 32.84
C GLY A 245 -40.82 19.22 32.28
N GLY A 246 -41.50 20.03 33.09
CA GLY A 246 -42.78 20.67 32.77
C GLY A 246 -43.87 19.75 32.27
N GLY A 247 -43.92 18.53 32.83
CA GLY A 247 -44.90 17.52 32.45
C GLY A 247 -44.65 16.87 31.09
N ARG A 248 -43.51 17.20 30.44
CA ARG A 248 -43.13 16.68 29.14
C ARG A 248 -42.25 15.43 29.28
N GLN A 249 -42.24 14.58 28.23
CA GLN A 249 -41.47 13.33 28.21
C GLN A 249 -40.62 13.19 26.96
N ARG A 250 -39.76 12.17 26.97
CA ARG A 250 -38.86 11.85 25.87
C ARG A 250 -38.55 10.35 25.81
N ILE A 251 -38.22 9.87 24.61
CA ILE A 251 -37.78 8.50 24.37
C ILE A 251 -36.25 8.60 24.28
N VAL A 252 -35.53 7.77 25.07
CA VAL A 252 -34.06 7.75 25.10
C VAL A 252 -33.62 6.37 24.62
N VAL A 253 -32.89 6.32 23.50
CA VAL A 253 -32.38 5.09 22.88
C VAL A 253 -30.89 5.01 23.20
N THR A 254 -30.46 3.93 23.88
CA THR A 254 -29.05 3.77 24.29
C THR A 254 -28.34 2.62 23.57
N GLU A 255 -29.10 1.75 22.90
CA GLU A 255 -28.56 0.61 22.15
C GLU A 255 -29.41 0.47 20.90
N ILE A 256 -28.79 0.20 19.76
CA ILE A 256 -29.49 0.06 18.48
C ILE A 256 -29.29 -1.35 17.91
N PRO A 257 -30.10 -1.83 16.93
CA PRO A 257 -29.89 -3.18 16.40
C PRO A 257 -28.57 -3.32 15.64
N PHE A 258 -28.04 -4.54 15.59
CA PHE A 258 -26.80 -4.89 14.93
C PHE A 258 -26.82 -4.51 13.44
N GLN A 259 -25.68 -3.94 12.95
CA GLN A 259 -25.48 -3.52 11.55
C GLN A 259 -26.36 -2.32 11.10
N VAL A 260 -27.04 -1.66 12.06
CA VAL A 260 -27.87 -0.49 11.76
C VAL A 260 -26.98 0.74 11.90
N ASN A 261 -26.94 1.58 10.85
CA ASN A 261 -26.19 2.82 10.86
C ASN A 261 -27.04 3.82 11.66
N LYS A 262 -26.49 4.31 12.79
CA LYS A 262 -27.16 5.25 13.69
C LYS A 262 -27.60 6.55 12.99
N ALA A 263 -26.67 7.19 12.24
CA ALA A 263 -26.96 8.43 11.49
C ALA A 263 -28.10 8.25 10.47
N ARG A 264 -28.09 7.12 9.74
CA ARG A 264 -29.10 6.75 8.74
C ARG A 264 -30.47 6.49 9.37
N MET A 265 -30.50 5.86 10.57
CA MET A 265 -31.71 5.56 11.35
C MET A 265 -32.35 6.87 11.82
N ILE A 266 -31.50 7.81 12.30
CA ILE A 266 -31.93 9.14 12.77
C ILE A 266 -32.55 9.92 11.59
N GLU A 267 -31.88 9.91 10.42
CA GLU A 267 -32.36 10.58 9.20
C GLU A 267 -33.72 10.04 8.76
N LYS A 268 -33.98 8.74 8.96
CA LYS A 268 -35.24 8.08 8.65
C LYS A 268 -36.35 8.55 9.59
N ILE A 269 -36.01 8.82 10.88
CA ILE A 269 -36.95 9.34 11.88
C ILE A 269 -37.31 10.78 11.49
N ALA A 270 -36.29 11.59 11.15
CA ALA A 270 -36.44 12.99 10.72
C ALA A 270 -37.35 13.07 9.47
N GLU A 271 -37.11 12.18 8.48
CA GLU A 271 -37.86 12.03 7.23
C GLU A 271 -39.35 11.76 7.54
N LEU A 272 -39.64 10.83 8.47
CA LEU A 272 -41.01 10.50 8.89
C LEU A 272 -41.74 11.70 9.50
N VAL A 273 -41.02 12.50 10.31
CA VAL A 273 -41.52 13.69 11.00
C VAL A 273 -41.81 14.78 9.95
N ARG A 274 -40.83 15.03 9.06
CA ARG A 274 -40.87 16.00 7.97
C ARG A 274 -42.06 15.72 7.03
N ASP A 275 -42.29 14.44 6.68
CA ASP A 275 -43.37 14.00 5.80
C ASP A 275 -44.68 13.71 6.53
N LYS A 276 -44.77 14.07 7.83
CA LYS A 276 -45.93 13.91 8.72
C LYS A 276 -46.49 12.47 8.74
N LYS A 277 -45.60 11.46 8.59
CA LYS A 277 -45.93 10.04 8.63
C LYS A 277 -45.95 9.50 10.06
N ILE A 278 -45.59 10.35 11.04
CA ILE A 278 -45.60 10.03 12.47
C ILE A 278 -46.01 11.27 13.29
N ASP A 279 -46.93 11.09 14.24
CA ASP A 279 -47.40 12.17 15.11
C ASP A 279 -46.74 12.15 16.50
N GLY A 280 -46.53 13.35 17.06
CA GLY A 280 -46.07 13.56 18.43
C GLY A 280 -44.63 13.86 18.74
N ILE A 281 -43.77 14.01 17.71
CA ILE A 281 -42.34 14.27 17.93
C ILE A 281 -42.02 15.76 17.78
N THR A 282 -41.42 16.37 18.82
CA THR A 282 -41.07 17.80 18.85
C THR A 282 -39.58 18.07 18.60
N ASP A 283 -38.71 17.10 18.87
CA ASP A 283 -37.26 17.21 18.65
C ASP A 283 -36.62 15.84 18.50
N LEU A 284 -35.47 15.79 17.83
CA LEU A 284 -34.71 14.57 17.56
C LEU A 284 -33.23 14.94 17.63
N ARG A 285 -32.51 14.38 18.64
CA ARG A 285 -31.09 14.69 18.84
C ARG A 285 -30.23 13.46 19.08
N ASP A 286 -29.01 13.50 18.55
CA ASP A 286 -28.03 12.46 18.79
C ASP A 286 -27.07 13.03 19.81
N GLU A 287 -27.26 12.64 21.08
CA GLU A 287 -26.44 13.08 22.21
C GLU A 287 -25.30 12.10 22.51
N THR A 288 -25.02 11.16 21.57
CA THR A 288 -23.94 10.16 21.67
C THR A 288 -22.60 10.85 21.87
N SER A 289 -21.80 10.32 22.79
CA SER A 289 -20.45 10.79 23.08
C SER A 289 -19.62 9.61 23.58
N LEU A 290 -18.28 9.74 23.62
CA LEU A 290 -17.40 8.68 24.13
C LEU A 290 -17.62 8.43 25.62
N ARG A 291 -17.93 9.49 26.39
CA ARG A 291 -18.23 9.47 27.83
C ARG A 291 -19.57 8.77 28.13
N THR A 292 -20.65 9.24 27.48
CA THR A 292 -22.05 8.83 27.65
C THR A 292 -22.44 7.52 26.94
N GLY A 293 -21.74 7.19 25.87
CA GLY A 293 -22.12 6.07 25.03
C GLY A 293 -23.26 6.50 24.11
N VAL A 294 -23.90 5.55 23.41
CA VAL A 294 -25.02 5.82 22.50
C VAL A 294 -26.20 6.46 23.26
N ARG A 295 -26.66 7.63 22.82
CA ARG A 295 -27.79 8.33 23.44
C ARG A 295 -28.58 9.11 22.38
N VAL A 296 -29.67 8.52 21.89
CA VAL A 296 -30.54 9.15 20.90
C VAL A 296 -31.79 9.62 21.63
N VAL A 297 -32.07 10.91 21.56
CA VAL A 297 -33.22 11.52 22.25
C VAL A 297 -34.30 11.91 21.25
N ILE A 298 -35.53 11.45 21.52
CA ILE A 298 -36.74 11.75 20.76
C ILE A 298 -37.69 12.45 21.72
N ASP A 299 -37.80 13.79 21.63
CA ASP A 299 -38.69 14.57 22.49
C ASP A 299 -40.15 14.36 22.05
N VAL A 300 -41.04 14.16 23.03
CA VAL A 300 -42.46 13.90 22.80
C VAL A 300 -43.29 15.14 23.19
N ARG A 301 -44.32 15.45 22.37
CA ARG A 301 -45.25 16.56 22.59
C ARG A 301 -45.99 16.36 23.91
N LYS A 302 -46.20 17.45 24.68
CA LYS A 302 -46.90 17.40 25.97
C LYS A 302 -48.28 16.73 25.82
N ASP A 303 -48.60 15.79 26.72
CA ASP A 303 -49.85 15.02 26.78
C ASP A 303 -49.98 13.94 25.67
N ALA A 304 -48.99 13.82 24.75
CA ALA A 304 -49.02 12.77 23.72
C ALA A 304 -48.52 11.48 24.39
N ASN A 305 -49.06 10.31 23.98
CA ASN A 305 -48.64 9.03 24.56
C ASN A 305 -47.31 8.59 23.94
N ALA A 306 -46.22 8.67 24.75
CA ALA A 306 -44.86 8.33 24.36
C ALA A 306 -44.64 6.86 23.98
N SER A 307 -45.41 5.94 24.58
CA SER A 307 -45.33 4.51 24.30
C SER A 307 -45.91 4.19 22.91
N VAL A 308 -46.97 4.92 22.51
CA VAL A 308 -47.63 4.79 21.21
C VAL A 308 -46.63 5.26 20.13
N ILE A 309 -45.96 6.40 20.37
CA ILE A 309 -44.94 6.96 19.47
C ILE A 309 -43.78 5.96 19.29
N LEU A 310 -43.28 5.38 20.42
CA LEU A 310 -42.19 4.39 20.41
C LEU A 310 -42.56 3.17 19.57
N ASN A 311 -43.78 2.63 19.76
CA ASN A 311 -44.31 1.49 19.00
C ASN A 311 -44.41 1.81 17.50
N ASN A 312 -44.81 3.04 17.16
CA ASN A 312 -44.87 3.48 15.77
C ASN A 312 -43.47 3.56 15.17
N LEU A 313 -42.48 4.04 15.96
CA LEU A 313 -41.07 4.09 15.54
C LEU A 313 -40.51 2.70 15.26
N TYR A 314 -40.93 1.69 16.07
CA TYR A 314 -40.49 0.31 15.87
C TYR A 314 -41.03 -0.24 14.53
N LYS A 315 -42.28 0.09 14.19
CA LYS A 315 -42.95 -0.36 12.97
C LYS A 315 -42.42 0.34 11.73
N GLN A 316 -42.09 1.64 11.83
CA GLN A 316 -41.75 2.46 10.68
C GLN A 316 -40.27 2.81 10.48
N THR A 317 -39.38 2.46 11.43
CA THR A 317 -37.95 2.79 11.28
C THR A 317 -37.05 1.60 11.61
N PRO A 318 -35.70 1.67 11.31
CA PRO A 318 -34.81 0.57 11.73
C PRO A 318 -34.65 0.39 13.26
N LEU A 319 -35.37 1.19 14.09
CA LEU A 319 -35.36 1.07 15.56
C LEU A 319 -35.69 -0.37 15.98
N GLN A 320 -36.45 -1.06 15.11
CA GLN A 320 -36.72 -2.49 15.14
C GLN A 320 -36.28 -3.02 13.76
N THR A 321 -35.38 -3.98 13.76
CA THR A 321 -34.85 -4.56 12.53
C THR A 321 -34.82 -6.06 12.66
N SER A 322 -35.09 -6.76 11.57
CA SER A 322 -35.01 -8.21 11.59
C SER A 322 -33.62 -8.64 11.12
N PHE A 323 -33.17 -9.79 11.64
CA PHE A 323 -31.94 -10.43 11.25
C PHE A 323 -32.37 -11.73 10.62
N GLY A 324 -32.24 -11.80 9.30
CA GLY A 324 -32.62 -12.96 8.51
C GLY A 324 -31.49 -13.96 8.54
N VAL A 325 -31.60 -14.96 9.42
CA VAL A 325 -30.59 -16.01 9.57
C VAL A 325 -30.67 -16.95 8.35
N ASN A 326 -29.50 -17.22 7.75
CA ASN A 326 -29.27 -18.10 6.62
C ASN A 326 -27.84 -18.62 6.83
N MET A 327 -27.71 -19.68 7.63
CA MET A 327 -26.41 -20.24 8.02
C MET A 327 -25.76 -21.12 6.95
N ILE A 328 -25.12 -20.48 5.97
CA ILE A 328 -24.37 -21.15 4.91
C ILE A 328 -22.87 -21.00 5.18
N ALA A 329 -22.16 -22.11 5.24
CA ALA A 329 -20.71 -22.14 5.46
C ALA A 329 -20.08 -23.21 4.58
N LEU A 330 -18.75 -23.14 4.39
CA LEU A 330 -18.05 -24.15 3.62
C LEU A 330 -17.78 -25.35 4.53
N VAL A 331 -18.34 -26.51 4.15
CA VAL A 331 -18.22 -27.79 4.83
C VAL A 331 -17.58 -28.72 3.79
N ASN A 332 -16.33 -29.16 4.06
CA ASN A 332 -15.49 -29.96 3.16
C ASN A 332 -15.36 -29.25 1.79
N GLY A 333 -15.07 -27.96 1.84
CA GLY A 333 -14.92 -27.11 0.66
C GLY A 333 -16.17 -26.85 -0.17
N ARG A 334 -17.35 -27.30 0.30
CA ARG A 334 -18.64 -27.16 -0.39
C ARG A 334 -19.60 -26.29 0.43
N PRO A 335 -20.41 -25.42 -0.21
CA PRO A 335 -21.37 -24.61 0.57
C PRO A 335 -22.51 -25.46 1.09
N LYS A 336 -22.90 -25.22 2.34
CA LYS A 336 -23.96 -25.99 2.96
C LYS A 336 -24.75 -25.17 3.96
N LEU A 337 -26.08 -25.30 3.89
CA LEU A 337 -26.99 -24.70 4.87
C LEU A 337 -26.94 -25.65 6.07
N ILE A 338 -26.51 -25.13 7.21
CA ILE A 338 -26.32 -25.94 8.42
C ILE A 338 -27.15 -25.43 9.60
N ASN A 339 -27.54 -26.34 10.51
CA ASN A 339 -28.25 -25.96 11.73
C ASN A 339 -27.21 -25.75 12.85
N LEU A 340 -27.65 -25.34 14.06
CA LEU A 340 -26.76 -25.09 15.20
C LEU A 340 -25.90 -26.30 15.57
N LYS A 341 -26.53 -27.49 15.71
CA LYS A 341 -25.80 -28.72 16.06
C LYS A 341 -24.72 -29.06 15.04
N GLU A 342 -25.05 -28.95 13.73
N GLU A 342 -25.04 -28.97 13.73
CA GLU A 342 -24.16 -29.21 12.60
CA GLU A 342 -24.10 -29.27 12.65
C GLU A 342 -22.88 -28.38 12.68
C GLU A 342 -22.85 -28.39 12.71
N ALA A 343 -23.02 -27.06 12.95
CA ALA A 343 -21.96 -26.06 13.08
C ALA A 343 -21.03 -26.42 14.24
N LEU A 344 -21.61 -26.83 15.40
CA LEU A 344 -20.87 -27.21 16.60
C LEU A 344 -20.15 -28.55 16.40
N VAL A 345 -20.78 -29.52 15.69
CA VAL A 345 -20.22 -30.85 15.40
C VAL A 345 -18.96 -30.72 14.53
N HIS A 346 -19.04 -29.96 13.41
CA HIS A 346 -17.90 -29.71 12.52
C HIS A 346 -16.79 -28.95 13.24
N TYR A 347 -17.16 -28.03 14.15
CA TYR A 347 -16.17 -27.28 14.92
C TYR A 347 -15.43 -28.22 15.91
N LEU A 348 -16.17 -29.06 16.65
CA LEU A 348 -15.59 -30.02 17.61
C LEU A 348 -14.68 -31.04 16.91
N GLU A 349 -15.05 -31.47 15.68
CA GLU A 349 -14.23 -32.39 14.87
C GLU A 349 -12.91 -31.75 14.48
N HIS A 350 -12.93 -30.46 14.08
CA HIS A 350 -11.74 -29.69 13.74
C HIS A 350 -10.79 -29.63 14.96
N GLN A 351 -11.33 -29.38 16.17
CA GLN A 351 -10.56 -29.33 17.43
C GLN A 351 -9.91 -30.64 17.80
N LYS A 352 -10.63 -31.76 17.62
CA LYS A 352 -10.12 -33.09 17.90
C LYS A 352 -8.94 -33.40 16.97
N THR A 353 -9.08 -33.06 15.66
CA THR A 353 -8.06 -33.22 14.61
C THR A 353 -6.81 -32.38 14.92
N VAL A 354 -7.00 -31.10 15.30
CA VAL A 354 -5.95 -30.14 15.66
C VAL A 354 -5.14 -30.63 16.87
N VAL A 355 -5.80 -31.01 17.98
CA VAL A 355 -5.16 -31.48 19.21
C VAL A 355 -4.43 -32.83 18.98
N ARG A 356 -5.01 -33.73 18.15
CA ARG A 356 -4.40 -35.01 17.79
C ARG A 356 -3.12 -34.79 16.97
N ARG A 357 -3.20 -33.93 15.92
CA ARG A 357 -2.08 -33.59 15.05
C ARG A 357 -0.93 -32.93 15.80
N ARG A 358 -1.24 -32.03 16.74
CA ARG A 358 -0.28 -31.32 17.61
C ARG A 358 0.47 -32.34 18.49
N THR A 359 -0.27 -33.30 19.09
CA THR A 359 0.27 -34.38 19.94
C THR A 359 1.16 -35.32 19.10
N GLN A 360 0.80 -35.57 17.84
CA GLN A 360 1.59 -36.39 16.92
C GLN A 360 2.87 -35.64 16.53
N TYR A 361 2.78 -34.31 16.26
CA TYR A 361 3.92 -33.46 15.92
C TYR A 361 4.93 -33.45 17.06
N ASN A 362 4.43 -33.14 18.28
CA ASN A 362 5.22 -33.08 19.52
C ASN A 362 5.94 -34.42 19.80
N LEU A 363 5.29 -35.56 19.51
CA LEU A 363 5.87 -36.91 19.68
C LEU A 363 7.06 -37.11 18.73
N ARG A 364 6.88 -36.81 17.42
CA ARG A 364 7.92 -36.92 16.41
C ARG A 364 9.11 -36.04 16.80
N LYS A 365 8.83 -34.79 17.21
CA LYS A 365 9.81 -33.78 17.60
C LYS A 365 10.64 -34.22 18.83
N ALA A 366 9.97 -34.83 19.84
CA ALA A 366 10.58 -35.36 21.06
C ALA A 366 11.40 -36.61 20.74
N LYS A 367 10.92 -37.47 19.83
CA LYS A 367 11.63 -38.69 19.43
C LYS A 367 12.91 -38.33 18.65
N ASP A 368 12.87 -37.26 17.84
CA ASP A 368 14.00 -36.75 17.08
C ASP A 368 15.04 -36.18 18.02
N ARG A 369 14.60 -35.42 19.04
CA ARG A 369 15.47 -34.78 20.04
C ARG A 369 16.14 -35.82 20.92
N ALA A 370 15.40 -36.88 21.33
CA ALA A 370 15.92 -37.99 22.14
C ALA A 370 17.06 -38.70 21.39
N HIS A 371 16.87 -38.91 20.07
CA HIS A 371 17.83 -39.52 19.16
C HIS A 371 19.11 -38.67 19.08
N ILE A 372 18.98 -37.34 19.01
CA ILE A 372 20.11 -36.41 18.97
C ILE A 372 20.88 -36.46 20.29
N LEU A 373 20.15 -36.42 21.45
CA LEU A 373 20.73 -36.47 22.79
C LEU A 373 21.54 -37.73 23.01
N GLU A 374 21.06 -38.86 22.47
CA GLU A 374 21.74 -40.16 22.52
C GLU A 374 23.13 -40.06 21.80
N GLY A 375 23.18 -39.31 20.70
CA GLY A 375 24.40 -39.07 19.93
C GLY A 375 25.37 -38.18 20.67
N LEU A 376 24.85 -37.11 21.29
CA LEU A 376 25.63 -36.15 22.07
C LEU A 376 26.22 -36.78 23.32
N ARG A 377 25.46 -37.71 23.94
CA ARG A 377 25.82 -38.51 25.12
C ARG A 377 27.09 -39.31 24.80
N ILE A 378 27.08 -40.03 23.65
CA ILE A 378 28.18 -40.84 23.15
C ILE A 378 29.42 -39.93 22.92
N ALA A 379 29.23 -38.80 22.20
CA ALA A 379 30.31 -37.82 21.94
C ALA A 379 30.97 -37.34 23.22
N LEU A 380 30.19 -36.97 24.24
CA LEU A 380 30.75 -36.52 25.52
C LEU A 380 31.46 -37.64 26.28
N ASP A 381 30.95 -38.88 26.20
CA ASP A 381 31.54 -40.04 26.85
C ASP A 381 32.87 -40.50 26.22
N HIS A 382 33.11 -40.13 24.95
CA HIS A 382 34.30 -40.51 24.19
C HIS A 382 34.88 -39.29 23.47
N ILE A 383 34.80 -38.11 24.10
CA ILE A 383 35.18 -36.83 23.48
C ILE A 383 36.61 -36.81 22.92
N ASP A 384 37.59 -37.44 23.59
CA ASP A 384 38.97 -37.50 23.12
C ASP A 384 39.05 -38.24 21.78
N GLU A 385 38.36 -39.39 21.66
N GLU A 385 38.34 -39.38 21.67
CA GLU A 385 38.35 -40.15 20.41
CA GLU A 385 38.25 -40.23 20.48
C GLU A 385 37.50 -39.48 19.33
C GLU A 385 37.49 -39.50 19.37
N ILE A 386 36.48 -38.68 19.73
CA ILE A 386 35.64 -37.90 18.80
C ILE A 386 36.50 -36.81 18.12
N ILE A 387 37.26 -36.02 18.93
CA ILE A 387 38.15 -34.96 18.48
C ILE A 387 39.22 -35.51 17.52
N SER A 388 39.86 -36.65 17.89
CA SER A 388 40.89 -37.31 17.08
C SER A 388 40.34 -37.73 15.73
N THR A 389 39.12 -38.32 15.70
CA THR A 389 38.41 -38.76 14.50
C THR A 389 38.20 -37.57 13.56
N ILE A 390 37.74 -36.43 14.12
CA ILE A 390 37.48 -35.20 13.37
C ILE A 390 38.79 -34.59 12.84
N ARG A 391 39.81 -34.46 13.72
CA ARG A 391 41.12 -33.88 13.40
C ARG A 391 41.88 -34.63 12.32
N GLU A 392 41.81 -35.98 12.33
CA GLU A 392 42.50 -36.82 11.35
C GLU A 392 41.76 -36.82 10.00
N SER A 393 40.50 -36.29 9.99
CA SER A 393 39.65 -36.20 8.79
C SER A 393 39.94 -34.92 8.05
N ASP A 394 40.23 -35.04 6.75
N ASP A 394 40.23 -35.03 6.74
CA ASP A 394 40.52 -33.92 5.85
CA ASP A 394 40.52 -33.87 5.91
C ASP A 394 39.27 -33.11 5.53
C ASP A 394 39.26 -33.09 5.55
N THR A 395 38.16 -33.82 5.23
CA THR A 395 36.87 -33.20 4.85
C THR A 395 35.77 -33.51 5.85
N ASP A 396 34.63 -32.83 5.65
CA ASP A 396 33.42 -32.97 6.44
C ASP A 396 32.81 -34.34 6.21
N LYS A 397 32.77 -34.79 4.93
CA LYS A 397 32.22 -36.06 4.51
C LYS A 397 32.98 -37.21 5.19
N VAL A 398 34.32 -37.12 5.23
CA VAL A 398 35.21 -38.13 5.85
C VAL A 398 34.97 -38.18 7.38
N ALA A 399 34.84 -37.01 8.04
CA ALA A 399 34.57 -36.90 9.48
C ALA A 399 33.23 -37.57 9.83
N MET A 400 32.20 -37.28 9.01
CA MET A 400 30.84 -37.81 9.08
C MET A 400 30.81 -39.34 9.03
N GLU A 401 31.42 -39.95 7.99
N GLU A 401 31.44 -39.94 8.00
CA GLU A 401 31.48 -41.41 7.81
CA GLU A 401 31.53 -41.38 7.75
C GLU A 401 32.25 -42.10 8.92
C GLU A 401 32.30 -42.11 8.85
N SER A 402 33.43 -41.54 9.30
CA SER A 402 34.26 -42.09 10.37
C SER A 402 33.53 -42.09 11.72
N LEU A 403 32.82 -40.98 12.06
CA LEU A 403 32.04 -40.88 13.30
C LEU A 403 30.90 -41.91 13.33
N GLN A 404 30.19 -42.05 12.20
CA GLN A 404 29.09 -43.01 12.02
C GLN A 404 29.54 -44.45 12.24
N GLN A 405 30.65 -44.87 11.60
CA GLN A 405 31.15 -46.24 11.72
C GLN A 405 31.78 -46.54 13.08
N ARG A 406 32.68 -45.65 13.55
CA ARG A 406 33.41 -45.83 14.80
C ARG A 406 32.52 -45.88 16.05
N PHE A 407 31.53 -44.96 16.14
CA PHE A 407 30.66 -44.84 17.31
C PHE A 407 29.20 -45.28 17.10
N LYS A 408 28.89 -46.03 16.02
CA LYS A 408 27.53 -46.53 15.74
C LYS A 408 26.51 -45.38 15.76
N LEU A 409 26.79 -44.32 14.99
CA LEU A 409 25.94 -43.14 14.94
C LEU A 409 25.23 -43.01 13.60
N SER A 410 24.10 -42.31 13.59
CA SER A 410 23.37 -42.05 12.35
C SER A 410 23.94 -40.76 11.74
N GLU A 411 23.55 -40.48 10.49
CA GLU A 411 23.94 -39.28 9.78
C GLU A 411 23.54 -38.04 10.64
N LYS A 412 22.31 -38.02 11.16
CA LYS A 412 21.79 -36.92 12.01
C LYS A 412 22.60 -36.73 13.28
N GLN A 413 23.00 -37.83 13.94
CA GLN A 413 23.81 -37.79 15.16
C GLN A 413 25.23 -37.25 14.89
N ALA A 414 25.89 -37.74 13.82
CA ALA A 414 27.24 -37.28 13.44
C ALA A 414 27.25 -35.79 13.09
N GLN A 415 26.21 -35.32 12.37
CA GLN A 415 26.00 -33.91 11.98
C GLN A 415 25.85 -33.03 13.23
N ALA A 416 25.03 -33.47 14.22
CA ALA A 416 24.80 -32.76 15.49
C ALA A 416 26.10 -32.63 16.29
N ILE A 417 26.96 -33.68 16.24
CA ILE A 417 28.27 -33.70 16.90
C ILE A 417 29.23 -32.70 16.23
N LEU A 418 29.25 -32.68 14.90
CA LEU A 418 30.08 -31.76 14.13
C LEU A 418 29.66 -30.31 14.28
N ASP A 419 28.35 -30.06 14.51
CA ASP A 419 27.78 -28.72 14.72
C ASP A 419 27.95 -28.23 16.16
N MET A 420 28.36 -29.11 17.06
CA MET A 420 28.53 -28.83 18.48
C MET A 420 29.70 -27.84 18.69
N ARG A 421 29.40 -26.75 19.42
CA ARG A 421 30.37 -25.69 19.76
C ARG A 421 31.24 -26.13 20.93
N LEU A 422 32.50 -25.63 21.02
CA LEU A 422 33.45 -25.95 22.08
C LEU A 422 32.91 -25.68 23.49
N ARG A 423 32.09 -24.62 23.66
CA ARG A 423 31.47 -24.29 24.96
C ARG A 423 30.57 -25.41 25.52
N ARG A 424 30.08 -26.33 24.66
CA ARG A 424 29.25 -27.48 25.07
C ARG A 424 30.08 -28.53 25.81
N LEU A 425 31.41 -28.38 25.84
CA LEU A 425 32.33 -29.33 26.51
C LEU A 425 32.59 -28.98 27.97
N THR A 426 31.98 -27.89 28.50
CA THR A 426 32.14 -27.52 29.90
C THR A 426 31.53 -28.59 30.81
N GLY A 427 32.17 -28.79 31.97
CA GLY A 427 31.92 -29.81 32.98
C GLY A 427 30.53 -30.31 33.31
N LEU A 428 29.53 -29.41 33.39
CA LEU A 428 28.17 -29.77 33.79
C LEU A 428 27.24 -30.13 32.61
N GLU A 429 27.75 -30.06 31.37
CA GLU A 429 26.98 -30.35 30.16
C GLU A 429 26.51 -31.78 30.05
N ARG A 430 27.37 -32.73 30.43
CA ARG A 430 27.03 -34.15 30.40
C ARG A 430 25.80 -34.44 31.28
N ASP A 431 25.67 -33.74 32.44
CA ASP A 431 24.51 -33.85 33.33
C ASP A 431 23.23 -33.26 32.75
N LYS A 432 23.34 -32.08 32.09
CA LYS A 432 22.22 -31.40 31.42
C LYS A 432 21.64 -32.29 30.32
N ILE A 433 22.53 -32.95 29.55
CA ILE A 433 22.18 -33.85 28.45
C ILE A 433 21.45 -35.07 29.02
N GLU A 434 21.89 -35.60 30.18
CA GLU A 434 21.27 -36.73 30.88
C GLU A 434 19.87 -36.37 31.43
N ALA A 435 19.75 -35.20 32.09
CA ALA A 435 18.50 -34.70 32.69
C ALA A 435 17.44 -34.40 31.63
N GLU A 436 17.86 -33.80 30.49
CA GLU A 436 16.95 -33.47 29.39
C GLU A 436 16.39 -34.74 28.77
N TYR A 437 17.26 -35.75 28.57
CA TYR A 437 16.92 -37.04 28.00
C TYR A 437 15.91 -37.79 28.87
N ASN A 438 16.14 -37.85 30.19
CA ASN A 438 15.23 -38.50 31.13
C ASN A 438 13.86 -37.81 31.16
N GLU A 439 13.84 -36.47 31.08
CA GLU A 439 12.60 -35.66 31.03
C GLU A 439 11.86 -35.91 29.72
N LEU A 440 12.60 -36.00 28.59
CA LEU A 440 12.06 -36.25 27.24
C LEU A 440 11.39 -37.61 27.18
N LEU A 441 12.02 -38.66 27.76
CA LEU A 441 11.45 -40.01 27.79
C LEU A 441 10.12 -40.01 28.50
N ASN A 442 10.01 -39.22 29.59
CA ASN A 442 8.76 -39.08 30.34
C ASN A 442 7.70 -38.35 29.51
N TYR A 443 8.11 -37.28 28.80
CA TYR A 443 7.27 -36.49 27.89
C TYR A 443 6.71 -37.36 26.76
N ILE A 444 7.55 -38.24 26.17
CA ILE A 444 7.17 -39.17 25.09
C ILE A 444 6.03 -40.09 25.55
N SER A 445 6.17 -40.70 26.74
CA SER A 445 5.15 -41.60 27.32
C SER A 445 3.84 -40.85 27.59
N GLU A 446 3.90 -39.58 28.06
CA GLU A 446 2.73 -38.72 28.29
C GLU A 446 1.96 -38.49 26.98
N LEU A 447 2.69 -38.22 25.88
CA LEU A 447 2.12 -38.00 24.54
C LEU A 447 1.50 -39.28 23.97
N GLU A 448 2.17 -40.42 24.18
CA GLU A 448 1.73 -41.74 23.73
C GLU A 448 0.44 -42.16 24.43
N THR A 449 0.27 -41.74 25.71
CA THR A 449 -0.90 -41.99 26.54
C THR A 449 -2.10 -41.29 25.91
N ILE A 450 -1.93 -40.01 25.49
CA ILE A 450 -2.98 -39.20 24.84
C ILE A 450 -3.42 -39.85 23.51
N LEU A 451 -2.46 -40.23 22.65
CA LEU A 451 -2.73 -40.83 21.35
C LEU A 451 -3.34 -42.24 21.40
N ALA A 452 -3.13 -42.98 22.51
CA ALA A 452 -3.65 -44.34 22.70
C ALA A 452 -5.08 -44.39 23.21
N ASP A 453 -5.56 -43.30 23.84
CA ASP A 453 -6.90 -43.20 24.40
C ASP A 453 -7.65 -41.98 23.87
N GLU A 454 -8.71 -42.23 23.07
CA GLU A 454 -9.53 -41.18 22.48
C GLU A 454 -10.26 -40.35 23.51
N GLU A 455 -10.53 -40.91 24.70
CA GLU A 455 -11.19 -40.22 25.81
C GLU A 455 -10.24 -39.19 26.44
N VAL A 456 -8.96 -39.55 26.63
CA VAL A 456 -7.90 -38.70 27.18
C VAL A 456 -7.70 -37.48 26.26
N LEU A 457 -7.66 -37.74 24.93
CA LEU A 457 -7.53 -36.74 23.87
C LEU A 457 -8.73 -35.78 23.91
N LEU A 458 -9.94 -36.33 24.04
CA LEU A 458 -11.19 -35.58 24.11
C LEU A 458 -11.28 -34.74 25.38
N GLN A 459 -10.75 -35.26 26.50
CA GLN A 459 -10.71 -34.53 27.76
C GLN A 459 -9.77 -33.32 27.67
N LEU A 460 -8.64 -33.48 26.92
CA LEU A 460 -7.67 -32.42 26.70
C LEU A 460 -8.29 -31.27 25.88
N VAL A 461 -9.15 -31.62 24.89
CA VAL A 461 -9.88 -30.66 24.06
C VAL A 461 -10.81 -29.86 24.99
N ARG A 462 -11.56 -30.58 25.85
CA ARG A 462 -12.48 -30.00 26.83
C ARG A 462 -11.75 -29.05 27.77
N ASP A 463 -10.59 -29.46 28.30
CA ASP A 463 -9.80 -28.67 29.24
C ASP A 463 -9.27 -27.38 28.65
N GLU A 464 -8.80 -27.44 27.39
CA GLU A 464 -8.24 -26.29 26.69
C GLU A 464 -9.33 -25.30 26.30
N LEU A 465 -10.55 -25.80 26.00
CA LEU A 465 -11.72 -24.99 25.69
C LEU A 465 -12.20 -24.24 26.94
N THR A 466 -12.24 -24.93 28.10
CA THR A 466 -12.63 -24.40 29.41
C THR A 466 -11.71 -23.24 29.80
N GLU A 467 -10.39 -23.38 29.56
CA GLU A 467 -9.37 -22.37 29.84
C GLU A 467 -9.66 -21.10 29.04
N ILE A 468 -9.94 -21.23 27.72
CA ILE A 468 -10.26 -20.11 26.82
C ILE A 468 -11.57 -19.44 27.28
N ARG A 469 -12.57 -20.24 27.70
CA ARG A 469 -13.84 -19.76 28.23
C ARG A 469 -13.61 -18.91 29.50
N ASP A 470 -12.75 -19.39 30.41
CA ASP A 470 -12.42 -18.69 31.66
C ASP A 470 -11.64 -17.39 31.44
N ARG A 471 -10.80 -17.35 30.42
CA ARG A 471 -9.96 -16.21 30.10
C ARG A 471 -10.65 -15.15 29.23
N PHE A 472 -11.40 -15.59 28.20
CA PHE A 472 -12.03 -14.71 27.22
C PHE A 472 -13.55 -14.59 27.29
N GLY A 473 -14.21 -15.49 28.01
CA GLY A 473 -15.65 -15.48 28.15
C GLY A 473 -16.13 -14.23 28.86
N ASP A 474 -17.23 -13.68 28.38
CA ASP A 474 -17.78 -12.44 28.94
C ASP A 474 -19.30 -12.55 29.09
N ASP A 475 -19.90 -11.53 29.69
CA ASP A 475 -21.33 -11.46 29.90
C ASP A 475 -22.10 -11.29 28.60
N ARG A 476 -23.35 -11.79 28.61
CA ARG A 476 -24.31 -11.63 27.53
C ARG A 476 -24.64 -10.12 27.45
N ARG A 477 -24.75 -9.59 26.23
CA ARG A 477 -25.07 -8.19 25.98
C ARG A 477 -26.52 -8.06 25.54
N THR A 478 -26.94 -8.85 24.52
CA THR A 478 -28.30 -8.81 23.99
C THR A 478 -29.29 -9.50 24.95
N GLU A 479 -30.37 -8.81 25.28
CA GLU A 479 -31.38 -9.40 26.14
C GLU A 479 -32.42 -10.08 25.28
N ILE A 480 -32.72 -11.35 25.61
CA ILE A 480 -33.74 -12.09 24.90
C ILE A 480 -35.00 -12.01 25.75
N GLN A 481 -35.96 -11.19 25.29
CA GLN A 481 -37.24 -10.98 25.99
C GLN A 481 -38.30 -11.91 25.44
N LEU A 482 -39.13 -12.47 26.33
N LEU A 482 -39.09 -12.55 26.32
CA LEU A 482 -40.23 -13.34 25.97
CA LEU A 482 -40.13 -13.47 25.84
C LEU A 482 -41.35 -12.48 25.38
C LEU A 482 -41.38 -12.67 25.41
N GLY A 483 -41.66 -12.72 24.10
CA GLY A 483 -42.71 -11.97 23.38
C GLY A 483 -44.18 -12.29 23.74
N LYS B 1 -12.60 8.43 -23.48
CA LYS B 1 -11.99 7.16 -23.08
C LYS B 1 -11.51 6.32 -24.26
N LEU B 2 -12.18 6.42 -25.43
CA LEU B 2 -11.81 5.70 -26.63
C LEU B 2 -10.52 6.24 -27.26
N ALA B 3 -9.54 5.37 -27.46
CA ALA B 3 -8.28 5.68 -28.12
C ALA B 3 -8.38 4.99 -29.49
N ASP B 4 -9.01 5.69 -30.43
CA ASP B 4 -9.29 5.19 -31.77
C ASP B 4 -8.04 4.98 -32.64
N CYS B 5 -8.21 4.25 -33.77
CA CYS B 5 -7.17 3.97 -34.75
C CYS B 5 -7.22 4.99 -35.91
N SER B 6 -6.11 5.09 -36.68
CA SER B 6 -5.95 6.02 -37.81
C SER B 6 -6.93 5.71 -38.96
N SER B 7 -6.95 4.45 -39.42
CA SER B 7 -7.79 3.97 -40.52
C SER B 7 -9.28 4.12 -40.22
N LYS B 8 -10.07 4.37 -41.27
CA LYS B 8 -11.52 4.51 -41.18
C LYS B 8 -12.21 3.46 -42.06
N SER B 9 -11.47 2.41 -42.43
CA SER B 9 -11.92 1.26 -43.22
C SER B 9 -12.23 0.16 -42.18
N PRO B 10 -13.51 -0.01 -41.78
CA PRO B 10 -13.85 -0.96 -40.71
C PRO B 10 -13.42 -2.41 -40.88
N GLU B 11 -13.31 -2.89 -42.13
CA GLU B 11 -12.91 -4.25 -42.48
C GLU B 11 -11.55 -4.66 -41.89
N GLU B 12 -10.60 -3.71 -41.79
CA GLU B 12 -9.26 -3.92 -41.24
C GLU B 12 -9.09 -3.38 -39.80
N CYS B 13 -10.10 -2.68 -39.27
CA CYS B 13 -10.07 -2.08 -37.95
C CYS B 13 -10.57 -3.01 -36.86
N GLU B 14 -9.89 -3.00 -35.71
CA GLU B 14 -10.20 -3.83 -34.54
C GLU B 14 -10.34 -2.94 -33.31
N ILE B 15 -11.27 -3.28 -32.42
CA ILE B 15 -11.46 -2.55 -31.17
C ILE B 15 -11.26 -3.52 -30.01
N PHE B 16 -10.34 -3.19 -29.10
CA PHE B 16 -10.02 -4.02 -27.95
C PHE B 16 -10.67 -3.44 -26.72
N LEU B 17 -11.58 -4.21 -26.09
CA LEU B 17 -12.26 -3.82 -24.85
C LEU B 17 -11.44 -4.36 -23.70
N VAL B 18 -10.72 -3.48 -23.02
CA VAL B 18 -9.80 -3.91 -21.98
C VAL B 18 -10.31 -3.63 -20.56
N GLU B 19 -10.09 -4.61 -19.68
CA GLU B 19 -10.45 -4.54 -18.26
C GLU B 19 -9.50 -3.55 -17.54
N GLY B 20 -10.03 -2.38 -17.19
CA GLY B 20 -9.33 -1.31 -16.48
C GLY B 20 -8.46 -0.36 -17.28
N ASP B 21 -8.18 0.84 -16.70
CA ASP B 21 -7.29 1.88 -17.25
C ASP B 21 -5.82 1.47 -17.21
N SER B 22 -5.46 0.62 -16.23
CA SER B 22 -4.12 0.07 -16.03
C SER B 22 -3.72 -0.82 -17.21
N ALA B 23 -4.69 -1.53 -17.79
CA ALA B 23 -4.48 -2.39 -18.96
C ALA B 23 -4.52 -1.54 -20.24
N GLY B 24 -5.37 -0.52 -20.25
CA GLY B 24 -5.57 0.41 -21.35
C GLY B 24 -4.31 1.07 -21.84
N GLY B 25 -3.57 1.67 -20.90
CA GLY B 25 -2.31 2.36 -21.18
C GLY B 25 -1.25 1.51 -21.87
N SER B 26 -1.02 0.29 -21.36
CA SER B 26 -0.03 -0.63 -21.94
C SER B 26 -0.43 -1.13 -23.33
N THR B 27 -1.75 -1.38 -23.55
CA THR B 27 -2.30 -1.81 -24.84
C THR B 27 -2.24 -0.69 -25.85
N LYS B 28 -2.44 0.57 -25.40
CA LYS B 28 -2.35 1.75 -26.26
CA LYS B 28 -2.34 1.79 -26.23
C LYS B 28 -0.90 1.94 -26.74
N SER B 29 0.08 1.59 -25.87
CA SER B 29 1.50 1.68 -26.20
C SER B 29 1.94 0.52 -27.13
N GLY B 30 1.47 -0.69 -26.82
CA GLY B 30 1.81 -1.91 -27.56
C GLY B 30 1.14 -2.11 -28.90
N ARG B 31 -0.10 -1.59 -29.09
CA ARG B 31 -0.90 -1.74 -30.32
C ARG B 31 -0.28 -1.18 -31.60
N ASP B 32 -0.98 -1.43 -32.71
CA ASP B 32 -0.75 -0.87 -34.03
C ASP B 32 -1.89 0.15 -34.13
N SER B 33 -1.59 1.43 -33.82
CA SER B 33 -2.54 2.55 -33.81
C SER B 33 -3.21 2.84 -35.17
N ARG B 34 -2.77 2.19 -36.25
CA ARG B 34 -3.38 2.39 -37.55
C ARG B 34 -4.69 1.60 -37.65
N THR B 35 -4.71 0.37 -37.10
CA THR B 35 -5.87 -0.51 -37.19
C THR B 35 -6.43 -0.99 -35.85
N GLN B 36 -5.80 -0.65 -34.72
CA GLN B 36 -6.28 -1.13 -33.42
C GLN B 36 -6.67 -0.03 -32.46
N ALA B 37 -7.95 -0.01 -32.06
CA ALA B 37 -8.53 0.94 -31.12
C ALA B 37 -8.63 0.29 -29.73
N ILE B 38 -8.57 1.12 -28.68
CA ILE B 38 -8.66 0.65 -27.31
C ILE B 38 -9.78 1.35 -26.57
N LEU B 39 -10.65 0.56 -25.93
CA LEU B 39 -11.70 1.06 -25.09
C LEU B 39 -11.60 0.42 -23.70
N PRO B 40 -11.03 1.15 -22.73
CA PRO B 40 -10.97 0.60 -21.37
C PRO B 40 -12.31 0.65 -20.64
N LEU B 41 -12.59 -0.41 -19.85
CA LEU B 41 -13.80 -0.58 -19.04
C LEU B 41 -13.45 -0.55 -17.54
N ARG B 42 -14.13 0.30 -16.77
CA ARG B 42 -13.88 0.48 -15.33
C ARG B 42 -14.49 -0.65 -14.48
N GLY B 43 -13.89 -1.83 -14.61
CA GLY B 43 -14.20 -3.04 -13.88
C GLY B 43 -15.47 -3.76 -14.30
N LYS B 44 -16.25 -4.17 -13.30
CA LYS B 44 -17.52 -4.88 -13.49
C LYS B 44 -18.49 -3.94 -14.16
N ILE B 45 -19.05 -4.38 -15.28
CA ILE B 45 -20.02 -3.60 -16.06
C ILE B 45 -21.44 -4.07 -15.74
N LEU B 46 -22.42 -3.21 -16.03
CA LEU B 46 -23.85 -3.47 -15.80
C LEU B 46 -24.33 -4.77 -16.46
N ASN B 47 -25.09 -5.58 -15.71
CA ASN B 47 -25.74 -6.80 -16.21
C ASN B 47 -27.08 -6.34 -16.80
N VAL B 48 -27.16 -6.31 -18.15
CA VAL B 48 -28.35 -5.86 -18.89
C VAL B 48 -29.55 -6.80 -18.72
N GLU B 49 -29.31 -8.08 -18.38
CA GLU B 49 -30.34 -9.10 -18.15
C GLU B 49 -31.16 -8.79 -16.89
N LYS B 50 -30.54 -8.12 -15.90
CA LYS B 50 -31.16 -7.73 -14.64
C LYS B 50 -31.64 -6.28 -14.60
N ALA B 51 -31.17 -5.46 -15.54
CA ALA B 51 -31.47 -4.03 -15.62
C ALA B 51 -32.59 -3.68 -16.61
N ARG B 52 -33.37 -2.63 -16.31
CA ARG B 52 -34.40 -2.12 -17.22
C ARG B 52 -33.73 -1.21 -18.27
N LEU B 53 -34.41 -0.98 -19.41
CA LEU B 53 -33.88 -0.21 -20.54
C LEU B 53 -33.35 1.19 -20.20
N ASP B 54 -34.08 1.98 -19.36
CA ASP B 54 -33.61 3.34 -18.99
C ASP B 54 -32.23 3.30 -18.31
N ARG B 55 -32.04 2.33 -17.40
CA ARG B 55 -30.77 2.14 -16.69
C ARG B 55 -29.67 1.76 -17.68
N ILE B 56 -29.97 0.84 -18.62
CA ILE B 56 -29.02 0.39 -19.65
C ILE B 56 -28.57 1.57 -20.51
N LEU B 57 -29.54 2.33 -21.05
CA LEU B 57 -29.28 3.47 -21.92
C LEU B 57 -28.61 4.64 -21.20
N ASN B 58 -28.77 4.74 -19.87
CA ASN B 58 -28.16 5.81 -19.07
C ASN B 58 -26.77 5.43 -18.55
N ASN B 59 -26.38 4.14 -18.70
CA ASN B 59 -25.07 3.63 -18.27
C ASN B 59 -23.95 4.13 -19.16
N ASN B 60 -22.92 4.73 -18.53
N ASN B 60 -22.92 4.73 -18.53
CA ASN B 60 -21.73 5.32 -19.16
CA ASN B 60 -21.72 5.31 -19.14
C ASN B 60 -20.90 4.35 -19.99
C ASN B 60 -20.91 4.34 -20.00
N GLU B 61 -20.61 3.14 -19.44
CA GLU B 61 -19.83 2.12 -20.12
C GLU B 61 -20.57 1.54 -21.35
N ILE B 62 -21.91 1.36 -21.25
CA ILE B 62 -22.79 0.83 -22.31
C ILE B 62 -22.85 1.86 -23.46
N ARG B 63 -23.11 3.14 -23.12
CA ARG B 63 -23.16 4.27 -24.06
C ARG B 63 -21.87 4.39 -24.88
N GLN B 64 -20.71 4.31 -24.20
CA GLN B 64 -19.38 4.39 -24.79
C GLN B 64 -19.15 3.32 -25.84
N MET B 65 -19.60 2.08 -25.56
CA MET B 65 -19.49 0.95 -26.49
C MET B 65 -20.39 1.13 -27.70
N ILE B 66 -21.65 1.57 -27.50
CA ILE B 66 -22.61 1.82 -28.60
C ILE B 66 -22.03 2.90 -29.53
N THR B 67 -21.56 4.04 -28.96
CA THR B 67 -20.96 5.16 -29.68
C THR B 67 -19.74 4.70 -30.48
N ALA B 68 -18.85 3.90 -29.86
CA ALA B 68 -17.64 3.38 -30.49
C ALA B 68 -17.94 2.41 -31.64
N PHE B 69 -18.95 1.53 -31.47
CA PHE B 69 -19.31 0.54 -32.50
C PHE B 69 -20.02 1.17 -33.70
N GLY B 70 -20.79 2.25 -33.46
CA GLY B 70 -21.51 3.01 -34.48
C GLY B 70 -22.66 2.33 -35.21
N THR B 71 -23.14 1.18 -34.70
CA THR B 71 -24.20 0.37 -35.30
C THR B 71 -25.62 0.73 -34.83
N GLY B 72 -25.74 1.20 -33.60
CA GLY B 72 -27.03 1.44 -32.95
C GLY B 72 -27.43 0.18 -32.23
N ILE B 73 -28.58 0.17 -31.53
CA ILE B 73 -28.98 -1.02 -30.78
C ILE B 73 -30.41 -1.51 -31.07
N GLY B 74 -30.65 -2.79 -30.74
CA GLY B 74 -31.93 -3.47 -30.88
C GLY B 74 -32.47 -3.53 -32.29
N GLY B 75 -33.66 -2.97 -32.47
CA GLY B 75 -34.33 -2.89 -33.76
C GLY B 75 -33.66 -1.91 -34.71
N ASP B 76 -32.98 -0.89 -34.12
CA ASP B 76 -32.27 0.14 -34.86
C ASP B 76 -30.83 -0.24 -35.25
N PHE B 77 -30.39 -1.48 -34.90
CA PHE B 77 -29.04 -2.00 -35.22
C PHE B 77 -28.82 -2.02 -36.73
N ASP B 78 -27.64 -1.56 -37.16
CA ASP B 78 -27.23 -1.57 -38.57
C ASP B 78 -25.78 -2.08 -38.69
N LEU B 79 -25.63 -3.32 -39.17
CA LEU B 79 -24.33 -4.00 -39.34
C LEU B 79 -23.41 -3.29 -40.31
N ALA B 80 -23.98 -2.68 -41.38
CA ALA B 80 -23.22 -1.95 -42.39
C ALA B 80 -22.54 -0.71 -41.82
N LYS B 81 -23.04 -0.20 -40.67
CA LYS B 81 -22.52 0.97 -39.97
C LYS B 81 -21.44 0.64 -38.91
N ALA B 82 -21.06 -0.67 -38.79
CA ALA B 82 -20.03 -1.12 -37.85
C ALA B 82 -18.71 -0.43 -38.14
N ARG B 83 -18.10 0.16 -37.12
CA ARG B 83 -16.86 0.92 -37.25
C ARG B 83 -15.62 0.00 -37.19
N TYR B 84 -15.82 -1.25 -36.74
CA TYR B 84 -14.77 -2.27 -36.59
C TYR B 84 -15.39 -3.63 -36.92
N HIS B 85 -14.69 -4.44 -37.73
CA HIS B 85 -15.18 -5.78 -38.08
C HIS B 85 -14.62 -6.83 -37.08
N LYS B 86 -13.90 -6.36 -36.05
CA LYS B 86 -13.37 -7.16 -34.95
C LYS B 86 -13.55 -6.40 -33.63
N ILE B 87 -14.40 -6.95 -32.76
CA ILE B 87 -14.67 -6.45 -31.41
C ILE B 87 -14.01 -7.52 -30.53
N VAL B 88 -12.87 -7.17 -29.93
CA VAL B 88 -12.08 -8.10 -29.12
C VAL B 88 -12.23 -7.87 -27.62
N ILE B 89 -12.72 -8.90 -26.91
CA ILE B 89 -12.86 -8.90 -25.46
C ILE B 89 -11.51 -9.28 -24.88
N MET B 90 -10.87 -8.33 -24.17
CA MET B 90 -9.57 -8.53 -23.57
C MET B 90 -9.57 -8.25 -22.06
N THR B 91 -9.96 -9.28 -21.27
CA THR B 91 -9.99 -9.23 -19.80
C THR B 91 -8.85 -10.08 -19.22
N ASP B 92 -8.59 -9.96 -17.89
CA ASP B 92 -7.59 -10.73 -17.14
C ASP B 92 -7.90 -12.21 -17.20
N ALA B 93 -6.86 -13.07 -17.18
CA ALA B 93 -7.02 -14.53 -17.22
C ALA B 93 -7.33 -15.08 -15.80
N ASP B 94 -8.33 -14.47 -15.15
CA ASP B 94 -8.81 -14.84 -13.83
C ASP B 94 -10.34 -14.88 -13.78
N VAL B 95 -10.90 -15.26 -12.63
CA VAL B 95 -12.33 -15.44 -12.41
C VAL B 95 -13.15 -14.15 -12.62
N ASP B 96 -12.61 -12.98 -12.24
CA ASP B 96 -13.30 -11.70 -12.41
C ASP B 96 -13.28 -11.23 -13.86
N GLY B 97 -12.21 -11.59 -14.57
CA GLY B 97 -12.07 -11.34 -16.00
C GLY B 97 -13.09 -12.17 -16.77
N ALA B 98 -13.30 -13.42 -16.32
CA ALA B 98 -14.29 -14.34 -16.88
C ALA B 98 -15.72 -13.77 -16.68
N HIS B 99 -15.98 -13.16 -15.50
CA HIS B 99 -17.26 -12.52 -15.17
C HIS B 99 -17.53 -11.31 -16.08
N ILE B 100 -16.53 -10.42 -16.26
CA ILE B 100 -16.66 -9.26 -17.13
C ILE B 100 -16.99 -9.73 -18.56
N ARG B 101 -16.34 -10.82 -19.01
CA ARG B 101 -16.58 -11.42 -20.31
C ARG B 101 -18.04 -11.89 -20.44
N THR B 102 -18.61 -12.54 -19.39
CA THR B 102 -20.03 -12.97 -19.40
C THR B 102 -20.95 -11.75 -19.52
N LEU B 103 -20.65 -10.69 -18.77
CA LEU B 103 -21.40 -9.42 -18.74
C LEU B 103 -21.37 -8.73 -20.10
N LEU B 104 -20.19 -8.75 -20.76
CA LEU B 104 -20.00 -8.18 -22.10
C LEU B 104 -20.79 -8.97 -23.14
N LEU B 105 -20.68 -10.32 -23.12
CA LEU B 105 -21.40 -11.22 -24.02
C LEU B 105 -22.92 -11.10 -23.85
N THR B 106 -23.40 -10.87 -22.60
CA THR B 106 -24.83 -10.68 -22.29
C THR B 106 -25.33 -9.44 -23.01
N PHE B 107 -24.56 -8.33 -22.95
CA PHE B 107 -24.88 -7.08 -23.61
C PHE B 107 -24.94 -7.22 -25.13
N PHE B 108 -23.94 -7.90 -25.74
CA PHE B 108 -23.88 -8.11 -27.18
C PHE B 108 -25.00 -9.03 -27.64
N TYR B 109 -25.30 -10.10 -26.89
CA TYR B 109 -26.37 -11.01 -27.29
C TYR B 109 -27.76 -10.36 -27.28
N ARG B 110 -28.07 -9.55 -26.24
CA ARG B 110 -29.37 -8.91 -26.07
C ARG B 110 -29.57 -7.60 -26.83
N PHE B 111 -28.48 -6.88 -27.18
CA PHE B 111 -28.61 -5.58 -27.86
C PHE B 111 -27.94 -5.50 -29.23
N MET B 112 -26.94 -6.36 -29.48
CA MET B 112 -26.18 -6.36 -30.73
C MET B 112 -25.98 -7.79 -31.28
N ARG B 113 -27.03 -8.64 -31.21
CA ARG B 113 -26.98 -10.04 -31.67
C ARG B 113 -26.42 -10.22 -33.10
N PRO B 114 -26.82 -9.43 -34.16
CA PRO B 114 -26.24 -9.65 -35.49
C PRO B 114 -24.72 -9.46 -35.58
N LEU B 115 -24.12 -8.78 -34.60
CA LEU B 115 -22.67 -8.57 -34.48
C LEU B 115 -21.98 -9.91 -34.18
N ILE B 116 -22.62 -10.78 -33.36
CA ILE B 116 -22.15 -12.13 -33.01
C ILE B 116 -22.33 -13.05 -34.24
N GLU B 117 -23.52 -13.00 -34.86
CA GLU B 117 -23.91 -13.78 -36.03
C GLU B 117 -22.99 -13.53 -37.24
N ALA B 118 -22.49 -12.28 -37.38
CA ALA B 118 -21.57 -11.86 -38.45
C ALA B 118 -20.11 -12.29 -38.19
N GLY B 119 -19.83 -12.77 -36.98
CA GLY B 119 -18.51 -13.21 -36.57
C GLY B 119 -17.57 -12.08 -36.22
N TYR B 120 -18.14 -10.93 -35.79
CA TYR B 120 -17.36 -9.74 -35.43
C TYR B 120 -16.88 -9.78 -33.98
N VAL B 121 -17.50 -10.60 -33.11
CA VAL B 121 -17.12 -10.69 -31.69
C VAL B 121 -16.06 -11.77 -31.47
N TYR B 122 -14.94 -11.38 -30.84
CA TYR B 122 -13.79 -12.22 -30.54
C TYR B 122 -13.42 -12.15 -29.06
N ILE B 123 -12.66 -13.16 -28.60
CA ILE B 123 -12.13 -13.26 -27.24
C ILE B 123 -10.62 -13.39 -27.34
N ALA B 124 -9.90 -12.42 -26.77
CA ALA B 124 -8.44 -12.39 -26.73
C ALA B 124 -7.96 -13.46 -25.77
N GLN B 125 -6.77 -14.02 -26.02
CA GLN B 125 -6.20 -15.06 -25.17
C GLN B 125 -4.84 -14.63 -24.60
N PRO B 126 -4.83 -13.76 -23.55
CA PRO B 126 -3.54 -13.34 -22.96
C PRO B 126 -2.90 -14.48 -22.17
N PRO B 127 -1.58 -14.43 -21.83
CA PRO B 127 -0.97 -15.54 -21.08
C PRO B 127 -1.75 -15.87 -19.82
N THR B 128 -2.19 -17.15 -19.71
N THR B 128 -2.06 -17.18 -19.66
CA THR B 128 -3.07 -17.68 -18.65
CA THR B 128 -2.79 -17.79 -18.54
C THR B 128 -2.47 -17.61 -17.24
C THR B 128 -2.01 -17.72 -17.22
N GLY B 129 -3.35 -17.31 -16.27
N GLY B 129 -2.76 -17.82 -16.12
CA GLY B 129 -3.03 -17.24 -14.85
CA GLY B 129 -2.21 -17.78 -14.77
C GLY B 129 -2.41 -15.95 -14.33
C GLY B 129 -2.92 -16.80 -13.85
N TYR B 130 -1.77 -16.05 -13.14
N TYR B 130 -2.25 -16.44 -12.76
CA TYR B 130 -1.07 -15.03 -12.34
CA TYR B 130 -2.67 -15.50 -11.72
C TYR B 130 -1.85 -13.67 -12.24
C TYR B 130 -2.51 -14.03 -12.14
N LYS B 131 -1.11 -12.52 -12.17
N LYS B 131 -2.00 -13.80 -13.37
CA LYS B 131 -1.67 -11.16 -12.07
CA LYS B 131 -1.67 -12.50 -13.97
C LYS B 131 -2.30 -10.65 -13.38
C LYS B 131 -2.84 -11.63 -14.44
N GLY B 132 -2.93 -9.47 -13.32
N GLY B 132 -2.67 -10.33 -14.25
CA GLY B 132 -3.66 -8.82 -14.41
CA GLY B 132 -3.56 -9.27 -14.69
C GLY B 132 -2.91 -8.33 -15.63
C GLY B 132 -2.99 -8.66 -15.96
N LEU B 133 -3.64 -7.61 -16.52
CA LEU B 133 -3.08 -7.07 -17.76
C LEU B 133 -2.14 -5.88 -17.52
N GLY B 134 -2.34 -5.16 -16.42
CA GLY B 134 -1.50 -4.04 -16.00
C GLY B 134 -0.12 -4.47 -15.54
N GLU B 135 0.00 -5.78 -15.18
CA GLU B 135 1.26 -6.39 -14.76
CA GLU B 135 1.25 -6.42 -14.76
C GLU B 135 2.15 -6.67 -15.96
N MET B 136 1.57 -6.72 -17.16
CA MET B 136 2.27 -6.98 -18.42
C MET B 136 2.86 -5.73 -19.08
N ASN B 137 4.04 -5.89 -19.71
CA ASN B 137 4.74 -4.85 -20.48
C ASN B 137 4.00 -4.74 -21.81
N ALA B 138 4.11 -3.58 -22.48
CA ALA B 138 3.45 -3.30 -23.76
C ALA B 138 3.87 -4.27 -24.89
N ASP B 139 5.16 -4.63 -24.94
CA ASP B 139 5.72 -5.56 -25.94
C ASP B 139 5.19 -6.98 -25.79
N GLN B 140 5.00 -7.46 -24.54
CA GLN B 140 4.47 -8.80 -24.32
C GLN B 140 2.95 -8.85 -24.57
N LEU B 141 2.21 -7.75 -24.29
CA LEU B 141 0.77 -7.70 -24.60
C LEU B 141 0.56 -7.69 -26.11
N TRP B 142 1.46 -7.02 -26.86
CA TRP B 142 1.43 -6.98 -28.32
C TRP B 142 1.70 -8.39 -28.89
N GLU B 143 2.88 -8.96 -28.57
CA GLU B 143 3.34 -10.25 -29.09
C GLU B 143 2.42 -11.42 -28.80
N THR B 144 1.86 -11.50 -27.59
CA THR B 144 1.03 -12.63 -27.18
C THR B 144 -0.47 -12.51 -27.50
N THR B 145 -1.01 -11.27 -27.48
CA THR B 145 -2.45 -11.05 -27.56
C THR B 145 -2.97 -10.13 -28.69
N MET B 146 -2.15 -9.18 -29.19
CA MET B 146 -2.62 -8.20 -30.18
C MET B 146 -2.03 -8.32 -31.59
N ASN B 147 -0.83 -8.88 -31.71
CA ASN B 147 -0.11 -9.07 -32.98
C ASN B 147 -0.84 -10.13 -33.81
N PRO B 148 -1.39 -9.78 -34.99
CA PRO B 148 -2.08 -10.80 -35.82
C PRO B 148 -1.22 -11.97 -36.28
N GLU B 149 0.11 -11.82 -36.31
CA GLU B 149 1.06 -12.86 -36.72
C GLU B 149 1.22 -13.97 -35.68
N HIS B 150 1.03 -13.66 -34.38
CA HIS B 150 1.23 -14.65 -33.31
C HIS B 150 0.05 -14.86 -32.35
N ARG B 151 -0.93 -13.94 -32.32
CA ARG B 151 -2.09 -14.06 -31.42
C ARG B 151 -3.02 -15.22 -31.79
N ALA B 152 -3.80 -15.68 -30.82
CA ALA B 152 -4.80 -16.71 -31.00
C ALA B 152 -6.12 -16.14 -30.49
N LEU B 153 -6.95 -15.63 -31.43
CA LEU B 153 -8.25 -15.05 -31.10
C LEU B 153 -9.34 -16.11 -31.24
N LEU B 154 -10.31 -16.09 -30.33
CA LEU B 154 -11.44 -17.01 -30.37
C LEU B 154 -12.63 -16.28 -30.94
N GLN B 155 -13.12 -16.73 -32.10
CA GLN B 155 -14.29 -16.14 -32.73
C GLN B 155 -15.55 -16.70 -32.06
N VAL B 156 -16.38 -15.81 -31.49
CA VAL B 156 -17.61 -16.19 -30.81
C VAL B 156 -18.64 -16.63 -31.85
N LYS B 157 -19.14 -17.87 -31.69
CA LYS B 157 -20.12 -18.49 -32.58
C LYS B 157 -21.44 -18.75 -31.87
N LEU B 158 -22.54 -18.48 -32.56
CA LEU B 158 -23.90 -18.73 -32.12
C LEU B 158 -24.43 -19.92 -32.96
N GLU B 159 -24.68 -21.07 -32.30
CA GLU B 159 -25.15 -22.30 -32.94
C GLU B 159 -26.68 -22.44 -32.81
N ASP B 160 -27.20 -22.39 -31.57
CA ASP B 160 -28.60 -22.56 -31.24
C ASP B 160 -29.08 -21.32 -30.48
N ALA B 161 -30.00 -20.54 -31.10
CA ALA B 161 -30.55 -19.32 -30.51
C ALA B 161 -31.47 -19.62 -29.32
N ILE B 162 -32.23 -20.73 -29.36
CA ILE B 162 -33.14 -21.18 -28.28
C ILE B 162 -32.29 -21.54 -27.03
N GLU B 163 -31.18 -22.27 -27.24
CA GLU B 163 -30.26 -22.69 -26.19
C GLU B 163 -29.55 -21.48 -25.58
N ALA B 164 -29.09 -20.54 -26.42
CA ALA B 164 -28.43 -19.30 -25.99
C ALA B 164 -29.37 -18.41 -25.19
N ASP B 165 -30.64 -18.25 -25.65
CA ASP B 165 -31.68 -17.48 -24.95
C ASP B 165 -31.87 -17.99 -23.52
N GLN B 166 -31.98 -19.33 -23.37
CA GLN B 166 -32.15 -20.03 -22.10
C GLN B 166 -30.93 -19.90 -21.20
N THR B 167 -29.71 -19.97 -21.80
CA THR B 167 -28.42 -19.87 -21.12
C THR B 167 -28.26 -18.49 -20.48
N PHE B 168 -28.49 -17.42 -21.26
CA PHE B 168 -28.41 -16.05 -20.77
C PHE B 168 -29.45 -15.74 -19.69
N GLU B 169 -30.67 -16.28 -19.83
CA GLU B 169 -31.75 -16.08 -18.86
C GLU B 169 -31.44 -16.78 -17.53
N MET B 170 -30.90 -18.03 -17.60
CA MET B 170 -30.55 -18.83 -16.43
C MET B 170 -29.36 -18.26 -15.66
N LEU B 171 -28.26 -17.99 -16.37
CA LEU B 171 -27.01 -17.51 -15.77
C LEU B 171 -27.05 -16.07 -15.31
N MET B 172 -27.66 -15.17 -16.12
CA MET B 172 -27.62 -13.74 -15.87
C MET B 172 -28.93 -13.10 -15.37
N GLY B 173 -30.05 -13.83 -15.45
CA GLY B 173 -31.36 -13.33 -15.04
C GLY B 173 -31.55 -13.12 -13.54
N ASP B 174 -32.74 -12.62 -13.15
CA ASP B 174 -33.09 -12.31 -11.76
C ASP B 174 -33.48 -13.52 -10.91
N VAL B 175 -33.78 -14.67 -11.54
CA VAL B 175 -34.18 -15.87 -10.79
C VAL B 175 -32.92 -16.58 -10.27
N VAL B 176 -32.64 -16.43 -8.97
CA VAL B 176 -31.47 -17.00 -8.29
C VAL B 176 -31.50 -18.55 -8.28
N GLU B 177 -32.67 -19.15 -8.01
CA GLU B 177 -32.86 -20.59 -7.90
C GLU B 177 -32.39 -21.40 -9.11
N ASN B 178 -32.63 -20.93 -10.33
CA ASN B 178 -32.20 -21.67 -11.53
C ASN B 178 -30.69 -21.61 -11.72
N ARG B 179 -30.08 -20.49 -11.28
CA ARG B 179 -28.65 -20.26 -11.30
C ARG B 179 -28.00 -21.16 -10.24
N ARG B 180 -28.60 -21.21 -9.02
CA ARG B 180 -28.17 -22.05 -7.89
C ARG B 180 -28.23 -23.53 -8.28
N GLN B 181 -29.31 -23.95 -8.99
CA GLN B 181 -29.51 -25.31 -9.49
C GLN B 181 -28.44 -25.65 -10.55
N PHE B 182 -28.09 -24.69 -11.44
CA PHE B 182 -27.04 -24.85 -12.44
C PHE B 182 -25.67 -25.08 -11.76
N ILE B 183 -25.36 -24.27 -10.72
CA ILE B 183 -24.10 -24.39 -9.98
C ILE B 183 -24.02 -25.77 -9.34
N GLU B 184 -25.04 -26.15 -8.53
CA GLU B 184 -25.14 -27.44 -7.85
C GLU B 184 -24.90 -28.62 -8.82
N ASP B 185 -25.54 -28.59 -10.00
CA ASP B 185 -25.44 -29.62 -11.01
C ASP B 185 -24.09 -29.70 -11.73
N ASN B 186 -23.38 -28.56 -11.88
CA ASN B 186 -22.15 -28.55 -12.66
C ASN B 186 -20.85 -28.34 -11.86
N ALA B 187 -20.96 -27.95 -10.59
CA ALA B 187 -19.84 -27.68 -9.71
C ALA B 187 -18.99 -28.92 -9.41
N VAL B 188 -17.69 -28.83 -9.69
CA VAL B 188 -16.72 -29.89 -9.43
C VAL B 188 -15.71 -29.28 -8.43
N TYR B 189 -15.81 -29.70 -7.15
CA TYR B 189 -15.01 -29.17 -6.04
C TYR B 189 -13.61 -29.81 -5.94
N ALA B 190 -12.75 -29.47 -6.93
CA ALA B 190 -11.36 -29.91 -7.06
C ALA B 190 -10.70 -29.14 -8.21
N ASN C 2 -1.27 30.20 25.37
CA ASN C 2 -2.24 31.21 25.79
C ASN C 2 -2.64 32.14 24.63
N GLU C 3 -1.87 33.22 24.38
CA GLU C 3 -2.14 34.19 23.32
C GLU C 3 -1.09 34.07 22.21
N ARG C 4 -1.43 34.48 20.98
CA ARG C 4 -0.51 34.38 19.84
C ARG C 4 -0.69 35.50 18.81
N ASN C 5 0.36 36.28 18.58
CA ASN C 5 0.39 37.39 17.62
C ASN C 5 0.37 36.84 16.17
N ILE C 6 -0.60 37.32 15.34
CA ILE C 6 -0.80 36.87 13.95
C ILE C 6 0.46 37.03 13.08
N THR C 7 1.23 38.13 13.25
CA THR C 7 2.46 38.41 12.50
C THR C 7 3.56 37.38 12.86
N SER C 8 3.75 37.09 14.17
CA SER C 8 4.72 36.11 14.66
C SER C 8 4.34 34.71 14.21
N GLU C 9 3.04 34.37 14.31
CA GLU C 9 2.48 33.09 13.89
C GLU C 9 2.70 32.84 12.40
N MET C 10 2.43 33.86 11.55
CA MET C 10 2.59 33.80 10.11
C MET C 10 4.04 33.61 9.72
N ARG C 11 4.96 34.44 10.28
CA ARG C 11 6.40 34.38 10.01
C ARG C 11 6.98 33.00 10.37
N GLU C 12 6.64 32.48 11.56
CA GLU C 12 7.15 31.18 12.04
C GLU C 12 6.58 29.98 11.29
N SER C 13 5.25 29.94 11.07
CA SER C 13 4.62 28.83 10.36
C SER C 13 5.01 28.79 8.89
N PHE C 14 5.13 29.97 8.25
CA PHE C 14 5.53 30.04 6.85
C PHE C 14 6.99 29.68 6.65
N LEU C 15 7.89 30.16 7.53
CA LEU C 15 9.32 29.84 7.45
C LEU C 15 9.55 28.34 7.66
N ASP C 16 8.81 27.71 8.61
N ASP C 16 8.83 27.71 8.62
CA ASP C 16 8.89 26.28 8.90
CA ASP C 16 8.95 26.28 8.88
C ASP C 16 8.56 25.46 7.66
C ASP C 16 8.56 25.44 7.66
N TYR C 17 7.49 25.84 6.94
CA TYR C 17 7.05 25.19 5.71
C TYR C 17 8.06 25.46 4.57
N ALA C 18 8.42 26.76 4.35
CA ALA C 18 9.36 27.19 3.30
C ALA C 18 10.67 26.42 3.41
N MET C 19 11.28 26.39 4.62
CA MET C 19 12.53 25.68 4.94
C MET C 19 12.46 24.18 4.67
N SER C 20 11.36 23.53 5.07
CA SER C 20 11.15 22.11 4.88
C SER C 20 11.04 21.76 3.40
N VAL C 21 10.36 22.59 2.59
CA VAL C 21 10.22 22.36 1.14
C VAL C 21 11.59 22.50 0.45
N ILE C 22 12.38 23.49 0.90
CA ILE C 22 13.72 23.79 0.38
C ILE C 22 14.74 22.67 0.69
N VAL C 23 14.92 22.32 1.98
CA VAL C 23 15.94 21.34 2.40
C VAL C 23 15.44 19.91 2.48
N ALA C 24 14.10 19.69 2.46
CA ALA C 24 13.56 18.33 2.62
C ALA C 24 12.38 17.98 1.68
N ARG C 25 12.40 18.47 0.43
CA ARG C 25 11.33 18.12 -0.52
C ARG C 25 11.66 18.33 -2.00
N ALA C 26 11.72 19.61 -2.42
CA ALA C 26 11.81 20.05 -3.80
C ALA C 26 13.18 20.19 -4.41
N LEU C 27 14.22 20.28 -3.60
CA LEU C 27 15.56 20.50 -4.12
C LEU C 27 16.47 19.28 -3.96
N PRO C 28 17.29 18.99 -4.99
CA PRO C 28 18.21 17.86 -4.89
C PRO C 28 19.51 18.20 -4.14
N ASP C 29 20.17 17.19 -3.56
CA ASP C 29 21.46 17.39 -2.91
C ASP C 29 22.51 17.38 -4.02
N VAL C 30 23.51 18.28 -3.93
CA VAL C 30 24.59 18.37 -4.93
C VAL C 30 25.43 17.06 -5.05
N ARG C 31 25.59 16.33 -3.92
CA ARG C 31 26.40 15.12 -3.79
C ARG C 31 25.85 13.90 -4.53
N ASP C 32 24.57 13.51 -4.27
CA ASP C 32 23.96 12.35 -4.93
C ASP C 32 22.90 12.69 -5.99
N GLY C 33 22.54 13.97 -6.09
CA GLY C 33 21.54 14.47 -7.05
C GLY C 33 20.13 14.08 -6.75
N LEU C 34 19.86 13.74 -5.48
CA LEU C 34 18.54 13.27 -5.08
C LEU C 34 17.79 14.18 -4.12
N LYS C 35 16.46 14.08 -4.19
CA LYS C 35 15.52 14.73 -3.29
C LYS C 35 15.18 13.63 -2.26
N PRO C 36 14.67 13.98 -1.04
CA PRO C 36 14.36 12.93 -0.05
C PRO C 36 13.50 11.76 -0.52
N VAL C 37 12.43 12.00 -1.30
CA VAL C 37 11.54 10.91 -1.74
C VAL C 37 12.31 9.86 -2.59
N HIS C 38 13.16 10.28 -3.55
CA HIS C 38 13.93 9.38 -4.40
C HIS C 38 15.00 8.65 -3.62
N ARG C 39 15.69 9.34 -2.69
CA ARG C 39 16.71 8.73 -1.84
C ARG C 39 16.09 7.61 -0.97
N ARG C 40 14.89 7.86 -0.42
CA ARG C 40 14.17 6.90 0.42
C ARG C 40 13.67 5.70 -0.36
N ILE C 41 13.32 5.88 -1.65
CA ILE C 41 12.88 4.80 -2.54
C ILE C 41 14.07 3.88 -2.79
N LEU C 42 15.20 4.46 -3.24
CA LEU C 42 16.41 3.73 -3.58
C LEU C 42 17.00 3.00 -2.38
N TYR C 43 17.06 3.69 -1.20
CA TYR C 43 17.52 3.09 0.05
C TYR C 43 16.58 1.95 0.45
N GLY C 44 15.28 2.17 0.27
CA GLY C 44 14.24 1.18 0.51
C GLY C 44 14.47 -0.06 -0.35
N LEU C 45 14.75 0.15 -1.65
CA LEU C 45 15.05 -0.94 -2.61
C LEU C 45 16.27 -1.73 -2.17
N ASN C 46 17.28 -1.06 -1.62
CA ASN C 46 18.50 -1.70 -1.12
C ASN C 46 18.23 -2.51 0.15
N GLU C 47 17.49 -1.92 1.12
CA GLU C 47 17.15 -2.60 2.38
C GLU C 47 16.29 -3.81 2.19
N GLN C 48 15.41 -3.78 1.18
CA GLN C 48 14.51 -4.88 0.81
C GLN C 48 15.22 -5.93 -0.09
N GLY C 49 16.49 -5.71 -0.42
CA GLY C 49 17.30 -6.58 -1.27
C GLY C 49 16.83 -6.66 -2.71
N MET C 50 16.28 -5.55 -3.24
CA MET C 50 15.71 -5.46 -4.60
C MET C 50 16.75 -5.19 -5.70
N THR C 51 17.86 -5.93 -5.66
CA THR C 51 18.99 -5.84 -6.58
C THR C 51 18.61 -6.39 -7.98
N PRO C 52 19.33 -5.99 -9.07
CA PRO C 52 18.97 -6.45 -10.42
C PRO C 52 18.96 -7.95 -10.69
N ASP C 53 19.68 -8.74 -9.87
CA ASP C 53 19.75 -10.20 -10.02
C ASP C 53 18.51 -10.90 -9.44
N LYS C 54 17.80 -10.23 -8.53
CA LYS C 54 16.61 -10.82 -7.90
C LYS C 54 15.35 -10.45 -8.69
N SER C 55 14.29 -11.25 -8.53
CA SER C 55 13.02 -11.04 -9.24
C SER C 55 12.34 -9.73 -8.81
N TYR C 56 11.45 -9.19 -9.66
CA TYR C 56 10.70 -7.96 -9.39
C TYR C 56 9.77 -8.13 -8.19
N LYS C 57 9.56 -7.05 -7.43
CA LYS C 57 8.64 -7.03 -6.29
C LYS C 57 7.50 -6.09 -6.62
N LYS C 58 6.29 -6.42 -6.16
CA LYS C 58 5.08 -5.60 -6.33
C LYS C 58 5.36 -4.17 -5.80
N SER C 59 5.05 -3.16 -6.63
CA SER C 59 5.26 -1.74 -6.33
C SER C 59 4.62 -1.28 -5.01
N ALA C 60 3.42 -1.77 -4.70
CA ALA C 60 2.68 -1.42 -3.47
C ALA C 60 3.44 -1.82 -2.21
N ARG C 61 4.20 -2.96 -2.28
CA ARG C 61 5.01 -3.47 -1.17
C ARG C 61 6.22 -2.58 -0.96
N ILE C 62 6.88 -2.16 -2.07
CA ILE C 62 8.03 -1.25 -2.06
C ILE C 62 7.60 0.11 -1.44
N VAL C 63 6.51 0.69 -1.97
CA VAL C 63 5.95 1.97 -1.56
C VAL C 63 5.51 1.98 -0.10
N GLY C 64 4.79 0.94 0.33
CA GLY C 64 4.30 0.78 1.70
C GLY C 64 5.42 0.77 2.74
N ASP C 65 6.52 0.06 2.44
CA ASP C 65 7.70 -0.03 3.30
C ASP C 65 8.38 1.32 3.43
N VAL C 66 8.59 2.01 2.28
CA VAL C 66 9.22 3.32 2.18
C VAL C 66 8.41 4.37 2.96
N MET C 67 7.08 4.35 2.75
CA MET C 67 6.12 5.24 3.40
C MET C 67 6.13 5.08 4.93
N GLY C 68 6.07 3.82 5.37
CA GLY C 68 6.05 3.46 6.79
C GLY C 68 7.36 3.73 7.50
N LYS C 69 8.47 3.34 6.87
CA LYS C 69 9.79 3.49 7.47
C LYS C 69 10.44 4.86 7.32
N TYR C 70 10.31 5.53 6.15
CA TYR C 70 11.06 6.76 5.93
C TYR C 70 10.33 7.99 5.43
N HIS C 71 9.24 7.82 4.68
CA HIS C 71 8.56 8.93 4.02
C HIS C 71 7.10 9.10 4.45
N PRO C 72 6.84 9.91 5.50
CA PRO C 72 5.46 10.02 6.01
C PRO C 72 4.57 10.97 5.20
N HIS C 73 4.31 10.57 3.95
CA HIS C 73 3.52 11.33 2.99
C HIS C 73 2.63 10.37 2.19
N GLY C 74 1.81 10.92 1.29
CA GLY C 74 0.91 10.15 0.44
C GLY C 74 1.64 9.18 -0.46
N ASP C 75 1.03 7.98 -0.68
CA ASP C 75 1.63 6.92 -1.51
C ASP C 75 1.80 7.31 -2.97
N SER C 76 0.93 8.21 -3.50
CA SER C 76 1.02 8.68 -4.89
C SER C 76 2.31 9.45 -5.14
N SER C 77 2.77 10.26 -4.15
CA SER C 77 4.02 11.02 -4.28
C SER C 77 5.20 10.07 -4.37
N ILE C 78 5.18 8.97 -3.59
CA ILE C 78 6.23 7.95 -3.58
C ILE C 78 6.19 7.16 -4.88
N TYR C 79 5.02 6.57 -5.19
CA TYR C 79 4.85 5.76 -6.40
C TYR C 79 5.17 6.52 -7.71
N GLU C 80 4.63 7.74 -7.87
CA GLU C 80 4.87 8.54 -9.07
C GLU C 80 6.34 8.95 -9.23
N ALA C 81 7.06 9.11 -8.11
CA ALA C 81 8.50 9.41 -8.12
C ALA C 81 9.27 8.18 -8.58
N MET C 82 8.85 6.97 -8.14
CA MET C 82 9.45 5.67 -8.52
C MET C 82 9.18 5.39 -10.01
N VAL C 83 7.96 5.75 -10.48
CA VAL C 83 7.55 5.57 -11.87
C VAL C 83 8.47 6.38 -12.80
N ARG C 84 8.72 7.67 -12.45
N ARG C 84 8.72 7.67 -12.47
CA ARG C 84 9.58 8.60 -13.20
CA ARG C 84 9.57 8.57 -13.25
C ARG C 84 10.99 8.06 -13.38
C ARG C 84 11.01 8.05 -13.40
N MET C 85 11.55 7.43 -12.32
CA MET C 85 12.89 6.84 -12.31
C MET C 85 12.99 5.58 -13.20
N ALA C 86 11.84 5.03 -13.61
CA ALA C 86 11.78 3.85 -14.47
C ALA C 86 11.52 4.21 -15.95
N GLN C 87 11.24 5.49 -16.25
CA GLN C 87 10.91 5.93 -17.61
C GLN C 87 12.17 6.33 -18.39
N ASP C 88 12.42 5.64 -19.52
CA ASP C 88 13.60 5.93 -20.34
C ASP C 88 13.50 7.28 -21.08
N PHE C 89 12.30 7.87 -21.11
CA PHE C 89 12.08 9.19 -21.73
C PHE C 89 12.22 10.33 -20.68
N SER C 90 12.23 9.98 -19.38
CA SER C 90 12.37 10.95 -18.28
C SER C 90 13.78 10.94 -17.70
N TYR C 91 14.35 9.74 -17.49
CA TYR C 91 15.68 9.58 -16.94
C TYR C 91 16.69 9.21 -17.98
N ARG C 92 17.77 10.00 -18.06
CA ARG C 92 18.89 9.78 -18.96
C ARG C 92 19.60 8.45 -18.61
N TYR C 93 19.62 8.09 -17.31
CA TYR C 93 20.15 6.82 -16.79
C TYR C 93 19.14 6.33 -15.76
N PRO C 94 18.12 5.54 -16.22
CA PRO C 94 17.05 5.11 -15.29
C PRO C 94 17.56 4.38 -14.06
N LEU C 95 16.93 4.70 -12.92
CA LEU C 95 17.31 4.18 -11.62
C LEU C 95 16.43 3.03 -11.12
N VAL C 96 15.25 2.89 -11.73
CA VAL C 96 14.29 1.83 -11.38
C VAL C 96 14.02 1.00 -12.62
N ASP C 97 13.97 -0.31 -12.43
CA ASP C 97 13.66 -1.30 -13.46
C ASP C 97 12.22 -1.72 -13.18
N GLY C 98 11.33 -1.30 -14.05
CA GLY C 98 9.90 -1.55 -13.91
C GLY C 98 9.33 -2.65 -14.80
N GLN C 99 8.40 -3.41 -14.23
CA GLN C 99 7.66 -4.49 -14.88
C GLN C 99 6.18 -4.06 -14.91
N GLY C 100 5.62 -3.96 -16.11
CA GLY C 100 4.26 -3.53 -16.36
C GLY C 100 4.17 -2.16 -17.02
N ASN C 101 2.95 -1.59 -17.06
CA ASN C 101 2.69 -0.28 -17.64
C ASN C 101 3.27 0.79 -16.73
N PHE C 102 4.36 1.44 -17.18
CA PHE C 102 5.04 2.49 -16.43
C PHE C 102 4.87 3.88 -17.06
N GLY C 103 3.90 4.01 -17.97
CA GLY C 103 3.59 5.27 -18.64
C GLY C 103 4.22 5.45 -20.01
N SER C 104 3.86 6.55 -20.70
CA SER C 104 4.33 6.87 -22.05
C SER C 104 4.68 8.35 -22.23
N MET C 105 5.23 8.70 -23.41
CA MET C 105 5.58 10.07 -23.82
C MET C 105 4.31 10.91 -24.05
N ASP C 106 3.13 10.24 -24.19
CA ASP C 106 1.83 10.87 -24.41
C ASP C 106 1.15 11.31 -23.10
N GLY C 107 1.85 11.16 -21.99
CA GLY C 107 1.35 11.55 -20.67
C GLY C 107 0.40 10.55 -20.05
N ASP C 108 0.34 9.33 -20.60
CA ASP C 108 -0.49 8.27 -20.04
C ASP C 108 0.18 7.88 -18.73
N GLY C 109 -0.62 7.70 -17.69
CA GLY C 109 -0.09 7.33 -16.39
C GLY C 109 0.35 5.88 -16.36
N ALA C 110 1.06 5.50 -15.29
CA ALA C 110 1.45 4.12 -15.09
C ALA C 110 0.21 3.35 -14.60
N ALA C 111 0.26 2.00 -14.64
CA ALA C 111 -0.82 1.18 -14.10
C ALA C 111 -0.82 1.37 -12.58
N ALA C 112 -1.93 1.05 -11.87
CA ALA C 112 -2.00 1.18 -10.40
C ALA C 112 -0.83 0.42 -9.77
N MET C 113 -0.30 0.92 -8.62
CA MET C 113 0.86 0.32 -7.94
C MET C 113 0.67 -1.16 -7.55
N ARG C 114 -0.59 -1.63 -7.46
CA ARG C 114 -0.87 -3.03 -7.16
C ARG C 114 -0.63 -3.96 -8.36
N PHE C 115 -0.59 -3.41 -9.58
CA PHE C 115 -0.35 -4.17 -10.81
C PHE C 115 1.10 -4.18 -11.20
N THR C 116 1.81 -3.07 -10.99
CA THR C 116 3.21 -2.98 -11.41
C THR C 116 4.18 -3.59 -10.40
N GLU C 117 5.37 -3.89 -10.89
CA GLU C 117 6.47 -4.48 -10.13
C GLU C 117 7.75 -3.71 -10.46
N ALA C 118 8.73 -3.74 -9.54
CA ALA C 118 9.98 -3.04 -9.72
C ALA C 118 11.16 -3.67 -8.98
N ARG C 119 12.36 -3.18 -9.31
CA ARG C 119 13.66 -3.50 -8.71
C ARG C 119 14.65 -2.42 -9.18
N MET C 120 15.89 -2.45 -8.66
CA MET C 120 16.95 -1.52 -9.05
C MET C 120 17.43 -1.82 -10.47
N THR C 121 18.01 -0.81 -11.12
CA THR C 121 18.71 -1.00 -12.39
C THR C 121 20.16 -1.29 -11.97
N LYS C 122 21.00 -1.76 -12.90
CA LYS C 122 22.41 -2.03 -12.61
C LYS C 122 23.15 -0.75 -12.21
N ILE C 123 22.83 0.40 -12.83
CA ILE C 123 23.47 1.67 -12.51
C ILE C 123 23.13 2.15 -11.06
N THR C 124 21.94 1.81 -10.53
CA THR C 124 21.53 2.16 -9.17
C THR C 124 22.43 1.48 -8.12
N LEU C 125 22.97 0.29 -8.44
CA LEU C 125 23.94 -0.39 -7.57
C LEU C 125 25.12 0.54 -7.34
N GLU C 126 25.47 1.39 -8.33
CA GLU C 126 26.57 2.35 -8.24
C GLU C 126 26.22 3.55 -7.36
N LEU C 127 24.93 3.87 -7.25
CA LEU C 127 24.50 4.93 -6.33
C LEU C 127 24.60 4.45 -4.88
N LEU C 128 24.26 3.17 -4.64
CA LEU C 128 24.20 2.52 -3.31
C LEU C 128 25.47 1.82 -2.87
N ARG C 129 26.41 1.58 -3.79
CA ARG C 129 27.69 0.91 -3.55
C ARG C 129 28.41 1.51 -2.34
N ASP C 130 28.72 0.65 -1.34
CA ASP C 130 29.47 0.94 -0.10
C ASP C 130 28.68 1.69 0.99
N ILE C 131 27.33 1.77 0.85
CA ILE C 131 26.48 2.45 1.84
C ILE C 131 26.62 1.84 3.25
N ASN C 132 26.90 0.52 3.35
CA ASN C 132 27.07 -0.17 4.64
C ASN C 132 28.53 -0.36 5.00
N LYS C 133 29.39 0.52 4.50
CA LYS C 133 30.84 0.54 4.75
C LYS C 133 31.23 1.87 5.41
N ASP C 134 30.33 2.47 6.23
CA ASP C 134 30.53 3.73 6.96
C ASP C 134 31.10 4.84 6.05
N THR C 135 30.53 4.98 4.85
CA THR C 135 30.94 5.93 3.82
C THR C 135 30.14 7.21 3.86
N ILE C 136 28.92 7.12 4.39
CA ILE C 136 27.98 8.24 4.46
C ILE C 136 27.34 8.27 5.86
N ASP C 137 26.80 9.42 6.26
CA ASP C 137 26.18 9.54 7.59
C ASP C 137 24.73 9.15 7.58
N PHE C 138 24.36 8.26 8.51
CA PHE C 138 22.98 7.86 8.72
C PHE C 138 22.39 8.78 9.77
N ILE C 139 21.10 9.05 9.66
CA ILE C 139 20.34 9.89 10.59
C ILE C 139 19.10 9.13 11.06
N ASP C 140 18.48 9.60 12.14
CA ASP C 140 17.24 9.02 12.62
C ASP C 140 16.13 9.37 11.63
N ASN C 141 15.18 8.44 11.45
CA ASN C 141 14.02 8.66 10.59
C ASN C 141 13.03 9.62 11.32
N TYR C 142 11.86 9.90 10.70
CA TYR C 142 10.85 10.83 11.21
C TYR C 142 10.31 10.50 12.62
N ASP C 143 10.19 9.20 13.00
CA ASP C 143 9.63 8.79 14.29
C ASP C 143 10.67 8.23 15.30
N GLY C 144 11.93 8.12 14.88
CA GLY C 144 13.01 7.60 15.70
C GLY C 144 13.07 6.07 15.78
N ASN C 145 12.20 5.37 15.03
CA ASN C 145 12.17 3.90 15.01
C ASN C 145 13.07 3.30 13.94
N GLU C 146 13.61 4.14 13.05
CA GLU C 146 14.47 3.68 11.97
C GLU C 146 15.67 4.62 11.74
N ARG C 147 16.58 4.18 10.87
CA ARG C 147 17.75 4.91 10.44
C ARG C 147 17.72 5.00 8.93
N GLU C 148 18.09 6.16 8.39
CA GLU C 148 18.10 6.40 6.96
C GLU C 148 19.35 7.18 6.56
N PRO C 149 19.85 7.03 5.31
CA PRO C 149 21.04 7.79 4.92
C PRO C 149 20.76 9.27 4.70
N SER C 150 21.69 10.14 5.10
CA SER C 150 21.54 11.58 4.85
C SER C 150 21.83 11.84 3.37
N VAL C 151 22.69 10.99 2.75
CA VAL C 151 23.13 11.08 1.36
C VAL C 151 23.57 9.70 0.90
N LEU C 152 23.54 9.43 -0.43
CA LEU C 152 24.00 8.15 -0.96
C LEU C 152 25.47 8.26 -1.43
N PRO C 153 26.26 7.17 -1.38
CA PRO C 153 27.67 7.25 -1.84
C PRO C 153 27.83 7.83 -3.24
N ALA C 154 26.88 7.51 -4.16
CA ALA C 154 26.76 8.04 -5.55
C ALA C 154 28.08 7.98 -6.32
N ARG C 155 28.46 6.80 -6.76
CA ARG C 155 29.75 6.53 -7.40
C ARG C 155 29.86 7.01 -8.85
N PHE C 156 28.79 7.62 -9.39
CA PHE C 156 28.74 8.33 -10.68
C PHE C 156 28.07 9.70 -10.42
N PRO C 157 28.42 10.78 -11.18
CA PRO C 157 27.79 12.10 -10.90
C PRO C 157 26.31 12.18 -11.33
N ASN C 158 25.42 11.73 -10.44
CA ASN C 158 23.98 11.62 -10.70
C ASN C 158 23.21 12.96 -10.82
N LEU C 159 23.61 14.04 -10.11
CA LEU C 159 22.91 15.32 -10.23
C LEU C 159 22.91 15.80 -11.67
N LEU C 160 24.08 15.82 -12.29
CA LEU C 160 24.22 16.27 -13.65
C LEU C 160 23.80 15.22 -14.66
N ALA C 161 24.02 13.93 -14.37
CA ALA C 161 23.66 12.84 -15.29
C ALA C 161 22.15 12.78 -15.56
N ASN C 162 21.34 12.76 -14.50
CA ASN C 162 19.90 12.67 -14.64
C ASN C 162 19.16 14.00 -14.55
N GLY C 163 19.86 15.04 -14.11
CA GLY C 163 19.29 16.38 -13.95
C GLY C 163 18.27 16.44 -12.82
N ALA C 164 17.54 17.55 -12.72
CA ALA C 164 16.51 17.74 -11.69
C ALA C 164 15.61 18.91 -12.02
N SER C 165 14.37 18.82 -11.59
CA SER C 165 13.39 19.90 -11.70
C SER C 165 12.60 19.91 -10.39
N GLY C 166 12.42 21.07 -9.81
CA GLY C 166 11.68 21.19 -8.57
C GLY C 166 11.20 22.58 -8.26
N ILE C 167 9.93 22.70 -7.85
CA ILE C 167 9.34 23.98 -7.46
C ILE C 167 9.33 24.00 -5.94
N ALA C 168 10.13 24.89 -5.34
CA ALA C 168 10.20 25.01 -3.88
C ALA C 168 9.39 26.21 -3.40
N VAL C 169 9.92 26.98 -2.43
CA VAL C 169 9.29 28.18 -1.90
C VAL C 169 10.40 29.22 -1.99
N GLY C 170 10.10 30.35 -2.65
CA GLY C 170 11.03 31.45 -2.88
C GLY C 170 12.06 31.15 -3.95
N MET C 171 12.07 29.92 -4.47
CA MET C 171 13.04 29.46 -5.48
C MET C 171 12.56 28.19 -6.13
N ALA C 172 13.20 27.83 -7.23
CA ALA C 172 12.95 26.59 -7.96
C ALA C 172 14.28 26.09 -8.57
N THR C 173 14.26 24.89 -9.17
CA THR C 173 15.47 24.34 -9.80
C THR C 173 15.14 23.70 -11.15
N ASN C 174 16.09 23.82 -12.07
CA ASN C 174 15.95 23.24 -13.40
C ASN C 174 17.34 22.94 -13.95
N ILE C 175 17.79 21.71 -13.67
CA ILE C 175 19.10 21.18 -14.06
C ILE C 175 18.85 20.15 -15.18
N PRO C 176 19.45 20.34 -16.38
CA PRO C 176 19.23 19.37 -17.46
C PRO C 176 20.09 18.11 -17.31
N PRO C 177 19.67 16.97 -17.93
CA PRO C 177 20.53 15.77 -17.89
C PRO C 177 21.77 15.93 -18.79
N HIS C 178 22.79 15.10 -18.56
CA HIS C 178 24.07 15.13 -19.28
C HIS C 178 24.56 13.72 -19.64
N ASN C 179 25.54 13.65 -20.54
CA ASN C 179 26.11 12.37 -20.96
C ASN C 179 27.14 11.91 -19.89
N LEU C 180 27.02 10.64 -19.46
CA LEU C 180 27.86 10.07 -18.41
C LEU C 180 29.33 9.97 -18.80
N THR C 181 29.63 9.68 -20.07
CA THR C 181 31.03 9.59 -20.54
C THR C 181 31.66 10.99 -20.41
N GLU C 182 30.97 12.01 -20.91
CA GLU C 182 31.37 13.41 -20.87
C GLU C 182 31.59 13.89 -19.42
N LEU C 183 30.63 13.62 -18.52
CA LEU C 183 30.70 14.00 -17.10
C LEU C 183 31.88 13.41 -16.37
N ILE C 184 32.09 12.07 -16.48
CA ILE C 184 33.20 11.38 -15.82
C ILE C 184 34.53 11.91 -16.36
N ASN C 185 34.62 12.12 -17.70
CA ASN C 185 35.82 12.71 -18.31
C ASN C 185 36.09 14.12 -17.74
N GLY C 186 35.01 14.88 -17.49
CA GLY C 186 35.06 16.21 -16.89
C GLY C 186 35.54 16.16 -15.45
N VAL C 187 35.06 15.16 -14.68
CA VAL C 187 35.46 14.94 -13.28
C VAL C 187 36.95 14.54 -13.24
N LEU C 188 37.38 13.65 -14.18
CA LEU C 188 38.78 13.22 -14.29
C LEU C 188 39.72 14.40 -14.57
N SER C 189 39.34 15.26 -15.54
CA SER C 189 40.12 16.46 -15.89
C SER C 189 40.26 17.40 -14.68
N LEU C 190 39.15 17.63 -13.94
CA LEU C 190 39.12 18.44 -12.72
C LEU C 190 40.04 17.86 -11.62
N SER C 191 40.07 16.51 -11.50
CA SER C 191 40.91 15.82 -10.50
C SER C 191 42.41 16.01 -10.73
N LYS C 192 42.80 16.30 -11.99
CA LYS C 192 44.19 16.54 -12.39
C LYS C 192 44.53 18.05 -12.44
N ASN C 193 43.51 18.92 -12.32
CA ASN C 193 43.69 20.38 -12.36
C ASN C 193 42.61 21.10 -11.57
N PRO C 194 42.86 21.46 -10.30
CA PRO C 194 41.82 22.16 -9.51
C PRO C 194 41.44 23.53 -10.07
N ASP C 195 42.34 24.14 -10.88
CA ASP C 195 42.17 25.46 -11.47
C ASP C 195 41.64 25.42 -12.92
N ILE C 196 41.07 24.26 -13.32
CA ILE C 196 40.48 24.09 -14.67
C ILE C 196 39.34 25.13 -14.89
N SER C 197 39.26 25.74 -16.08
CA SER C 197 38.21 26.71 -16.38
C SER C 197 36.94 26.00 -16.87
N ILE C 198 35.81 26.73 -16.91
CA ILE C 198 34.53 26.24 -17.43
C ILE C 198 34.71 25.89 -18.92
N ALA C 199 35.40 26.78 -19.67
CA ALA C 199 35.70 26.61 -21.10
C ALA C 199 36.46 25.30 -21.33
N GLU C 200 37.47 25.01 -20.47
CA GLU C 200 38.24 23.79 -20.53
C GLU C 200 37.34 22.58 -20.23
N LEU C 201 36.49 22.67 -19.18
CA LEU C 201 35.55 21.61 -18.80
C LEU C 201 34.59 21.29 -19.94
N MET C 202 34.21 22.31 -20.72
CA MET C 202 33.33 22.19 -21.88
C MET C 202 33.98 21.43 -23.07
N GLU C 203 35.29 21.11 -22.99
CA GLU C 203 35.97 20.26 -23.98
C GLU C 203 35.53 18.81 -23.74
N ASP C 204 35.18 18.48 -22.48
CA ASP C 204 34.64 17.17 -22.09
C ASP C 204 33.11 17.19 -22.14
N ILE C 205 32.50 18.17 -21.45
CA ILE C 205 31.04 18.31 -21.35
C ILE C 205 30.54 19.34 -22.40
N GLU C 206 30.18 18.83 -23.59
CA GLU C 206 29.70 19.62 -24.73
C GLU C 206 28.45 20.45 -24.38
N GLY C 207 27.59 19.85 -23.58
CA GLY C 207 26.34 20.44 -23.13
C GLY C 207 25.40 19.37 -22.59
N PRO C 208 24.11 19.70 -22.39
CA PRO C 208 23.17 18.67 -21.90
C PRO C 208 22.96 17.55 -22.92
N ASP C 209 22.54 16.39 -22.42
CA ASP C 209 22.24 15.21 -23.24
C ASP C 209 20.93 14.62 -22.75
N PHE C 210 19.87 14.94 -23.48
CA PHE C 210 18.50 14.56 -23.16
C PHE C 210 18.19 13.09 -23.50
N PRO C 211 17.42 12.38 -22.65
CA PRO C 211 17.08 10.97 -22.96
C PRO C 211 16.29 10.84 -24.26
N THR C 212 15.53 11.90 -24.61
CA THR C 212 14.69 12.08 -25.78
C THR C 212 15.47 12.53 -27.04
N ALA C 213 16.82 12.60 -26.95
CA ALA C 213 17.74 13.00 -28.03
C ALA C 213 17.40 14.42 -28.56
N GLY C 214 17.07 14.55 -29.85
CA GLY C 214 16.74 15.84 -30.43
C GLY C 214 17.96 16.71 -30.69
N LEU C 215 17.73 18.02 -30.87
CA LEU C 215 18.75 19.01 -31.19
C LEU C 215 18.79 20.17 -30.22
N ILE C 216 19.98 20.79 -30.07
CA ILE C 216 20.20 22.04 -29.34
C ILE C 216 20.76 23.04 -30.36
N LEU C 217 20.14 24.24 -30.44
CA LEU C 217 20.57 25.31 -31.35
C LEU C 217 21.57 26.25 -30.68
N GLY C 218 22.86 26.09 -31.01
CA GLY C 218 23.93 26.94 -30.51
C GLY C 218 24.52 26.55 -29.17
N LYS C 219 25.66 27.17 -28.82
CA LYS C 219 26.41 26.93 -27.60
C LYS C 219 26.33 28.08 -26.58
N SER C 220 25.84 29.27 -27.01
CA SER C 220 25.79 30.46 -26.16
C SER C 220 24.92 30.32 -24.88
N GLY C 221 23.79 29.62 -24.99
CA GLY C 221 22.88 29.35 -23.88
C GLY C 221 23.46 28.35 -22.91
N ILE C 222 24.16 27.31 -23.46
CA ILE C 222 24.89 26.26 -22.71
C ILE C 222 26.01 26.92 -21.89
N ARG C 223 26.82 27.77 -22.56
N ARG C 223 26.82 27.77 -22.56
CA ARG C 223 27.96 28.51 -22.00
CA ARG C 223 27.95 28.49 -21.97
C ARG C 223 27.57 29.41 -20.83
C ARG C 223 27.53 29.38 -20.80
N ARG C 224 26.47 30.18 -20.98
CA ARG C 224 25.94 31.09 -19.95
C ARG C 224 25.49 30.29 -18.73
N ALA C 225 24.83 29.14 -18.97
CA ALA C 225 24.31 28.23 -17.95
C ALA C 225 25.44 27.59 -17.15
N TYR C 226 26.54 27.20 -17.81
CA TYR C 226 27.68 26.56 -17.15
C TYR C 226 28.56 27.55 -16.40
N GLU C 227 28.62 28.80 -16.86
N GLU C 227 28.62 28.80 -16.87
CA GLU C 227 29.40 29.86 -16.26
CA GLU C 227 29.41 29.86 -16.26
C GLU C 227 28.72 30.48 -15.04
C GLU C 227 28.72 30.47 -15.03
N THR C 228 27.38 30.66 -15.11
CA THR C 228 26.58 31.32 -14.07
C THR C 228 25.57 30.47 -13.33
N GLY C 229 25.16 29.34 -13.89
CA GLY C 229 24.11 28.48 -13.35
C GLY C 229 22.75 28.80 -13.96
N ARG C 230 22.68 29.84 -14.80
CA ARG C 230 21.45 30.28 -15.47
C ARG C 230 21.68 30.56 -16.95
N GLY C 231 20.75 30.14 -17.79
CA GLY C 231 20.79 30.32 -19.24
C GLY C 231 19.63 29.64 -19.94
N SER C 232 19.26 30.15 -21.14
CA SER C 232 18.15 29.62 -21.96
C SER C 232 18.70 28.73 -23.09
N ILE C 233 18.26 27.47 -23.13
CA ILE C 233 18.72 26.53 -24.14
C ILE C 233 17.60 26.17 -25.13
N GLN C 234 17.82 26.47 -26.41
CA GLN C 234 16.84 26.18 -27.47
C GLN C 234 16.91 24.72 -27.91
N MET C 235 15.83 23.96 -27.66
CA MET C 235 15.74 22.55 -28.04
C MET C 235 14.84 22.44 -29.25
N ARG C 236 15.26 21.65 -30.24
CA ARG C 236 14.48 21.40 -31.44
C ARG C 236 14.26 19.92 -31.64
N SER C 237 13.10 19.58 -32.20
CA SER C 237 12.75 18.21 -32.56
C SER C 237 13.66 17.76 -33.71
N ARG C 238 13.80 16.43 -33.92
CA ARG C 238 14.54 15.97 -35.08
C ARG C 238 13.48 15.80 -36.15
N ALA C 239 13.50 16.70 -37.15
CA ALA C 239 12.54 16.68 -38.26
C ALA C 239 13.24 16.72 -39.61
N VAL C 240 12.72 15.93 -40.57
CA VAL C 240 13.22 15.89 -41.95
C VAL C 240 12.06 16.08 -42.91
N ILE C 241 12.38 16.54 -44.13
CA ILE C 241 11.41 16.69 -45.22
C ILE C 241 11.72 15.59 -46.23
N GLU C 242 10.70 14.81 -46.62
CA GLU C 242 10.85 13.74 -47.59
C GLU C 242 9.65 13.64 -48.53
N GLU C 243 9.84 13.01 -49.69
CA GLU C 243 8.80 12.79 -50.69
C GLU C 243 7.86 11.68 -50.23
N ARG C 244 6.61 11.72 -50.67
CA ARG C 244 5.63 10.71 -50.32
C ARG C 244 4.89 10.15 -51.54
N GLY C 245 5.31 10.59 -52.72
CA GLY C 245 4.73 10.19 -53.99
C GLY C 245 3.93 11.28 -54.66
N GLY C 246 3.76 11.17 -55.97
CA GLY C 246 3.02 12.09 -56.81
C GLY C 246 3.41 13.56 -56.70
N GLY C 247 4.70 13.81 -56.50
CA GLY C 247 5.25 15.15 -56.33
C GLY C 247 4.92 15.81 -55.00
N ARG C 248 4.30 15.06 -54.07
CA ARG C 248 3.92 15.53 -52.73
C ARG C 248 5.01 15.22 -51.71
N GLN C 249 5.05 16.01 -50.62
CA GLN C 249 6.04 15.86 -49.55
C GLN C 249 5.40 15.78 -48.17
N ARG C 250 6.24 15.47 -47.17
CA ARG C 250 5.83 15.39 -45.77
C ARG C 250 6.99 15.71 -44.83
N ILE C 251 6.65 16.19 -43.63
CA ILE C 251 7.60 16.45 -42.55
C ILE C 251 7.49 15.22 -41.61
N VAL C 252 8.63 14.58 -41.30
CA VAL C 252 8.68 13.40 -40.45
C VAL C 252 9.50 13.77 -39.21
N VAL C 253 8.85 13.73 -38.02
CA VAL C 253 9.46 14.06 -36.73
C VAL C 253 9.74 12.74 -36.02
N THR C 254 11.02 12.46 -35.69
CA THR C 254 11.41 11.21 -35.04
C THR C 254 11.90 11.38 -33.60
N GLU C 255 12.18 12.62 -33.19
CA GLU C 255 12.64 12.96 -31.85
C GLU C 255 11.99 14.29 -31.48
N ILE C 256 11.54 14.42 -30.24
CA ILE C 256 10.88 15.64 -29.76
C ILE C 256 11.66 16.25 -28.59
N PRO C 257 11.47 17.55 -28.22
CA PRO C 257 12.25 18.10 -27.08
C PRO C 257 11.89 17.44 -25.75
N PHE C 258 12.84 17.48 -24.82
CA PHE C 258 12.73 16.91 -23.49
C PHE C 258 11.53 17.46 -22.72
N GLN C 259 10.78 16.57 -22.02
CA GLN C 259 9.60 16.90 -21.19
C GLN C 259 8.38 17.40 -22.00
N VAL C 260 8.41 17.29 -23.35
CA VAL C 260 7.29 17.67 -24.21
C VAL C 260 6.38 16.47 -24.36
N ASN C 261 5.08 16.63 -24.08
CA ASN C 261 4.10 15.58 -24.24
C ASN C 261 3.78 15.52 -25.75
N LYS C 262 4.07 14.37 -26.38
CA LYS C 262 3.87 14.14 -27.82
C LYS C 262 2.40 14.34 -28.25
N ALA C 263 1.44 13.72 -27.52
CA ALA C 263 -0.01 13.86 -27.79
C ALA C 263 -0.48 15.32 -27.74
N ARG C 264 -0.02 16.10 -26.72
N ARG C 264 -0.02 16.09 -26.72
CA ARG C 264 -0.38 17.52 -26.54
CA ARG C 264 -0.34 17.51 -26.51
C ARG C 264 0.25 18.42 -27.61
C ARG C 264 0.23 18.37 -27.65
N MET C 265 1.45 18.05 -28.10
CA MET C 265 2.15 18.79 -29.18
C MET C 265 1.38 18.57 -30.49
N ILE C 266 0.91 17.32 -30.74
CA ILE C 266 0.13 16.95 -31.92
C ILE C 266 -1.20 17.70 -31.91
N GLU C 267 -1.92 17.72 -30.76
N GLU C 267 -1.90 17.72 -30.74
CA GLU C 267 -3.21 18.42 -30.64
CA GLU C 267 -3.19 18.40 -30.55
C GLU C 267 -3.05 19.92 -30.91
C GLU C 267 -3.08 19.92 -30.81
N LYS C 268 -1.91 20.52 -30.49
CA LYS C 268 -1.60 21.92 -30.72
C LYS C 268 -1.42 22.17 -32.22
N ILE C 269 -0.83 21.21 -32.98
CA ILE C 269 -0.66 21.31 -34.43
C ILE C 269 -2.05 21.22 -35.08
N ALA C 270 -2.88 20.25 -34.64
CA ALA C 270 -4.24 20.05 -35.13
C ALA C 270 -5.11 21.31 -34.91
N GLU C 271 -5.00 21.92 -33.71
CA GLU C 271 -5.66 23.15 -33.30
C GLU C 271 -5.29 24.29 -34.26
N LEU C 272 -3.98 24.46 -34.58
CA LEU C 272 -3.48 25.48 -35.50
C LEU C 272 -4.07 25.32 -36.89
N VAL C 273 -4.19 24.07 -37.37
CA VAL C 273 -4.72 23.70 -38.69
C VAL C 273 -6.23 24.01 -38.73
N ARG C 274 -6.95 23.53 -37.70
CA ARG C 274 -8.39 23.71 -37.51
C ARG C 274 -8.77 25.21 -37.49
N ASP C 275 -7.98 26.03 -36.78
CA ASP C 275 -8.19 27.48 -36.65
C ASP C 275 -7.52 28.30 -37.76
N LYS C 276 -7.00 27.62 -38.81
CA LYS C 276 -6.32 28.22 -39.98
C LYS C 276 -5.19 29.20 -39.61
N LYS C 277 -4.48 28.93 -38.49
CA LYS C 277 -3.35 29.71 -38.01
C LYS C 277 -2.03 29.27 -38.66
N ILE C 278 -2.08 28.20 -39.48
CA ILE C 278 -0.95 27.67 -40.24
C ILE C 278 -1.44 27.15 -41.61
N ASP C 279 -0.73 27.51 -42.68
CA ASP C 279 -1.10 27.08 -44.03
C ASP C 279 -0.22 25.92 -44.53
N GLY C 280 -0.83 25.06 -45.35
CA GLY C 280 -0.14 23.98 -46.06
C GLY C 280 -0.18 22.56 -45.55
N ILE C 281 -0.91 22.29 -44.45
CA ILE C 281 -0.96 20.93 -43.87
C ILE C 281 -2.24 20.20 -44.32
N THR C 282 -2.08 19.02 -44.93
CA THR C 282 -3.19 18.20 -45.43
C THR C 282 -3.54 17.01 -44.53
N ASP C 283 -2.58 16.54 -43.72
CA ASP C 283 -2.78 15.43 -42.76
C ASP C 283 -1.78 15.50 -41.63
N LEU C 284 -2.13 14.91 -40.50
CA LEU C 284 -1.32 14.89 -39.28
C LEU C 284 -1.54 13.53 -38.62
N ARG C 285 -0.48 12.70 -38.57
CA ARG C 285 -0.58 11.34 -38.01
C ARG C 285 0.54 10.99 -37.06
N ASP C 286 0.20 10.26 -35.99
CA ASP C 286 1.19 9.75 -35.07
C ASP C 286 1.36 8.28 -35.42
N GLU C 287 2.45 7.99 -36.16
CA GLU C 287 2.79 6.64 -36.62
C GLU C 287 3.76 5.94 -35.66
N THR C 288 3.94 6.50 -34.43
CA THR C 288 4.80 5.98 -33.37
C THR C 288 4.37 4.55 -33.01
N SER C 289 5.36 3.67 -32.86
CA SER C 289 5.16 2.28 -32.47
C SER C 289 6.40 1.84 -31.71
N LEU C 290 6.25 0.84 -30.85
CA LEU C 290 7.33 0.25 -30.05
C LEU C 290 8.43 -0.31 -30.97
N ARG C 291 8.01 -0.79 -32.17
CA ARG C 291 8.83 -1.43 -33.20
C ARG C 291 9.48 -0.46 -34.21
N THR C 292 9.01 0.81 -34.28
CA THR C 292 9.58 1.80 -35.22
C THR C 292 10.14 3.05 -34.52
N GLY C 293 9.71 3.28 -33.27
CA GLY C 293 10.09 4.43 -32.49
C GLY C 293 9.18 5.61 -32.79
N VAL C 294 9.52 6.80 -32.26
CA VAL C 294 8.74 8.04 -32.48
C VAL C 294 8.69 8.39 -33.97
N ARG C 295 7.48 8.54 -34.52
CA ARG C 295 7.28 8.90 -35.92
C ARG C 295 6.01 9.74 -36.09
N VAL C 296 6.18 11.06 -36.14
CA VAL C 296 5.05 11.99 -36.34
C VAL C 296 5.13 12.49 -37.77
N VAL C 297 4.07 12.26 -38.53
CA VAL C 297 3.98 12.63 -39.94
C VAL C 297 3.04 13.83 -40.13
N ILE C 298 3.56 14.87 -40.81
CA ILE C 298 2.84 16.08 -41.17
C ILE C 298 2.86 16.13 -42.70
N ASP C 299 1.73 15.76 -43.35
CA ASP C 299 1.63 15.80 -44.81
C ASP C 299 1.49 17.23 -45.29
N VAL C 300 2.24 17.58 -46.34
CA VAL C 300 2.28 18.93 -46.92
C VAL C 300 1.53 18.96 -48.25
N ARG C 301 0.77 20.05 -48.49
CA ARG C 301 0.00 20.29 -49.71
C ARG C 301 0.96 20.33 -50.91
N LYS C 302 0.54 19.76 -52.06
CA LYS C 302 1.35 19.74 -53.28
C LYS C 302 1.78 21.17 -53.67
N ASP C 303 3.08 21.34 -53.98
CA ASP C 303 3.72 22.61 -54.39
C ASP C 303 3.88 23.63 -53.23
N ALA C 304 3.43 23.30 -52.00
CA ALA C 304 3.63 24.19 -50.83
C ALA C 304 5.05 23.98 -50.34
N ASN C 305 5.72 25.05 -49.85
CA ASN C 305 7.10 24.92 -49.34
C ASN C 305 7.08 24.28 -47.95
N ALA C 306 7.55 23.01 -47.86
CA ALA C 306 7.60 22.21 -46.62
C ALA C 306 8.55 22.77 -45.55
N SER C 307 9.62 23.44 -45.96
CA SER C 307 10.59 24.04 -45.05
C SER C 307 10.01 25.27 -44.34
N VAL C 308 9.14 26.04 -45.06
CA VAL C 308 8.45 27.22 -44.55
C VAL C 308 7.45 26.75 -43.49
N ILE C 309 6.70 25.68 -43.79
CA ILE C 309 5.74 25.06 -42.86
C ILE C 309 6.45 24.57 -41.58
N LEU C 310 7.61 23.88 -41.73
CA LEU C 310 8.41 23.38 -40.61
C LEU C 310 8.85 24.52 -39.69
N ASN C 311 9.37 25.62 -40.28
CA ASN C 311 9.81 26.82 -39.57
C ASN C 311 8.66 27.47 -38.82
N ASN C 312 7.45 27.48 -39.41
CA ASN C 312 6.25 28.02 -38.76
C ASN C 312 5.87 27.14 -37.57
N LEU C 313 5.99 25.80 -37.72
CA LEU C 313 5.72 24.84 -36.64
C LEU C 313 6.68 25.04 -35.46
N TYR C 314 7.96 25.38 -35.74
CA TYR C 314 8.96 25.66 -34.70
C TYR C 314 8.57 26.90 -33.89
N LYS C 315 8.06 27.94 -34.58
CA LYS C 315 7.64 29.20 -33.97
C LYS C 315 6.34 29.10 -33.20
N GLN C 316 5.40 28.30 -33.68
CA GLN C 316 4.05 28.24 -33.13
C GLN C 316 3.69 27.02 -32.27
N THR C 317 4.56 25.99 -32.20
CA THR C 317 4.24 24.78 -31.42
C THR C 317 5.43 24.34 -30.53
N PRO C 318 5.23 23.39 -29.57
CA PRO C 318 6.36 22.88 -28.78
C PRO C 318 7.43 22.12 -29.58
N LEU C 319 7.29 22.02 -30.93
CA LEU C 319 8.28 21.38 -31.82
C LEU C 319 9.66 21.98 -31.59
N GLN C 320 9.69 23.25 -31.15
CA GLN C 320 10.84 23.98 -30.63
C GLN C 320 10.45 24.44 -29.21
N THR C 321 11.25 24.08 -28.22
CA THR C 321 10.99 24.40 -26.82
C THR C 321 12.29 24.86 -26.16
N SER C 322 12.20 25.83 -25.25
CA SER C 322 13.39 26.25 -24.52
C SER C 322 13.50 25.50 -23.20
N PHE C 323 14.73 25.31 -22.72
CA PHE C 323 15.02 24.72 -21.41
C PHE C 323 15.69 25.84 -20.63
N GLY C 324 14.97 26.37 -19.66
CA GLY C 324 15.46 27.43 -18.80
C GLY C 324 16.28 26.87 -17.66
N VAL C 325 17.61 26.87 -17.83
CA VAL C 325 18.55 26.36 -16.81
C VAL C 325 18.60 27.30 -15.61
N ASN C 326 18.45 26.73 -14.40
CA ASN C 326 18.49 27.39 -13.10
C ASN C 326 19.01 26.31 -12.15
N MET C 327 20.34 26.18 -12.07
CA MET C 327 21.00 25.13 -11.29
C MET C 327 21.09 25.41 -9.79
N ILE C 328 19.98 25.13 -9.09
CA ILE C 328 19.90 25.27 -7.63
C ILE C 328 19.92 23.87 -7.00
N ALA C 329 20.88 23.64 -6.09
CA ALA C 329 21.04 22.36 -5.37
C ALA C 329 21.39 22.63 -3.92
N LEU C 330 21.22 21.61 -3.06
CA LEU C 330 21.58 21.75 -1.65
C LEU C 330 23.08 21.52 -1.52
N VAL C 331 23.79 22.55 -1.06
CA VAL C 331 25.23 22.58 -0.81
C VAL C 331 25.36 22.86 0.68
N ASN C 332 25.90 21.88 1.44
N ASN C 332 25.90 21.87 1.43
CA ASN C 332 26.04 21.91 2.90
CA ASN C 332 26.05 21.90 2.90
C ASN C 332 24.66 22.17 3.57
C ASN C 332 24.68 22.13 3.60
N GLY C 333 23.64 21.49 3.05
CA GLY C 333 22.25 21.60 3.52
C GLY C 333 21.54 22.92 3.23
N ARG C 334 22.19 23.82 2.47
N ARG C 334 22.18 23.83 2.47
CA ARG C 334 21.67 25.15 2.10
CA ARG C 334 21.63 25.14 2.12
C ARG C 334 21.45 25.24 0.58
C ARG C 334 21.46 25.26 0.60
N PRO C 335 20.36 25.91 0.11
CA PRO C 335 20.16 26.04 -1.35
C PRO C 335 21.13 27.02 -1.98
N LYS C 336 21.67 26.65 -3.13
CA LYS C 336 22.67 27.49 -3.79
C LYS C 336 22.59 27.39 -5.30
N LEU C 337 22.66 28.54 -5.97
CA LEU C 337 22.75 28.63 -7.42
C LEU C 337 24.23 28.34 -7.72
N ILE C 338 24.48 27.25 -8.46
CA ILE C 338 25.84 26.80 -8.74
C ILE C 338 26.13 26.74 -10.24
N ASN C 339 27.39 26.92 -10.62
CA ASN C 339 27.82 26.78 -12.00
C ASN C 339 28.31 25.35 -12.22
N LEU C 340 28.70 24.99 -13.46
CA LEU C 340 29.18 23.65 -13.80
C LEU C 340 30.36 23.18 -12.96
N LYS C 341 31.40 24.03 -12.81
CA LYS C 341 32.59 23.69 -12.02
C LYS C 341 32.26 23.39 -10.56
N GLU C 342 31.42 24.23 -9.93
CA GLU C 342 31.03 24.05 -8.53
C GLU C 342 30.38 22.66 -8.32
N ALA C 343 29.41 22.32 -9.20
CA ALA C 343 28.69 21.04 -9.16
C ALA C 343 29.65 19.86 -9.20
N LEU C 344 30.65 19.93 -10.09
CA LEU C 344 31.69 18.89 -10.25
C LEU C 344 32.65 18.85 -9.05
N VAL C 345 33.01 20.04 -8.49
CA VAL C 345 33.92 20.17 -7.33
C VAL C 345 33.32 19.50 -6.08
N HIS C 346 32.04 19.82 -5.77
CA HIS C 346 31.31 19.25 -4.64
C HIS C 346 31.13 17.75 -4.83
N TYR C 347 30.91 17.30 -6.09
CA TYR C 347 30.77 15.89 -6.39
C TYR C 347 32.09 15.12 -6.14
N LEU C 348 33.22 15.66 -6.66
CA LEU C 348 34.55 15.06 -6.48
C LEU C 348 34.96 14.97 -5.01
N GLU C 349 34.60 16.00 -4.20
CA GLU C 349 34.88 16.02 -2.76
C GLU C 349 34.13 14.91 -2.04
N HIS C 350 32.86 14.70 -2.42
CA HIS C 350 32.01 13.63 -1.88
C HIS C 350 32.67 12.26 -2.15
N GLN C 351 33.17 12.04 -3.39
CA GLN C 351 33.86 10.80 -3.79
C GLN C 351 35.13 10.51 -3.03
N LYS C 352 35.96 11.55 -2.80
CA LYS C 352 37.21 11.43 -2.05
C LYS C 352 36.90 11.00 -0.60
N THR C 353 35.88 11.64 0.02
CA THR C 353 35.39 11.36 1.37
C THR C 353 34.86 9.91 1.49
N VAL C 354 34.04 9.47 0.52
CA VAL C 354 33.43 8.15 0.43
C VAL C 354 34.52 7.05 0.34
N VAL C 355 35.47 7.19 -0.61
CA VAL C 355 36.56 6.21 -0.83
C VAL C 355 37.51 6.14 0.39
N ARG C 356 37.79 7.29 1.04
CA ARG C 356 38.62 7.36 2.24
C ARG C 356 37.95 6.63 3.41
N ARG C 357 36.66 6.94 3.66
CA ARG C 357 35.85 6.35 4.73
C ARG C 357 35.69 4.83 4.57
N ARG C 358 35.47 4.36 3.32
CA ARG C 358 35.35 2.95 2.98
C ARG C 358 36.66 2.21 3.30
N THR C 359 37.81 2.80 2.92
CA THR C 359 39.15 2.28 3.16
C THR C 359 39.45 2.20 4.66
N GLN C 360 38.97 3.20 5.44
CA GLN C 360 39.12 3.22 6.90
C GLN C 360 38.24 2.13 7.55
N TYR C 361 36.99 1.97 7.04
CA TYR C 361 36.06 0.95 7.52
C TYR C 361 36.63 -0.43 7.29
N ASN C 362 37.05 -0.72 6.05
CA ASN C 362 37.63 -1.97 5.62
C ASN C 362 38.85 -2.35 6.43
N LEU C 363 39.70 -1.36 6.81
CA LEU C 363 40.90 -1.57 7.63
C LEU C 363 40.52 -2.04 9.03
N ARG C 364 39.59 -1.32 9.70
CA ARG C 364 39.07 -1.68 11.03
C ARG C 364 38.51 -3.11 11.02
N LYS C 365 37.64 -3.45 10.03
CA LYS C 365 37.03 -4.77 9.94
C LYS C 365 38.03 -5.89 9.71
N ALA C 366 39.01 -5.64 8.83
CA ALA C 366 40.08 -6.60 8.54
C ALA C 366 40.96 -6.79 9.77
N LYS C 367 41.24 -5.71 10.53
CA LYS C 367 42.05 -5.78 11.74
C LYS C 367 41.33 -6.55 12.85
N ASP C 368 39.99 -6.40 12.94
CA ASP C 368 39.17 -7.11 13.91
C ASP C 368 39.14 -8.62 13.59
N ARG C 369 39.00 -8.95 12.29
CA ARG C 369 38.95 -10.32 11.79
C ARG C 369 40.29 -11.02 11.95
N ALA C 370 41.39 -10.30 11.70
CA ALA C 370 42.76 -10.81 11.85
C ALA C 370 43.02 -11.15 13.31
N HIS C 371 42.53 -10.32 14.24
CA HIS C 371 42.62 -10.51 15.69
C HIS C 371 41.89 -11.80 16.11
N ILE C 372 40.70 -12.06 15.52
CA ILE C 372 39.93 -13.28 15.80
C ILE C 372 40.68 -14.51 15.26
N LEU C 373 41.19 -14.45 14.01
CA LEU C 373 41.94 -15.52 13.37
C LEU C 373 43.22 -15.87 14.15
N GLU C 374 43.85 -14.88 14.81
CA GLU C 374 45.04 -15.06 15.67
C GLU C 374 44.67 -15.90 16.88
N GLY C 375 43.46 -15.71 17.40
CA GLY C 375 42.93 -16.47 18.51
C GLY C 375 42.66 -17.91 18.11
N LEU C 376 42.06 -18.09 16.91
CA LEU C 376 41.73 -19.40 16.33
C LEU C 376 42.99 -20.19 16.01
N ARG C 377 44.06 -19.50 15.54
CA ARG C 377 45.34 -20.13 15.22
C ARG C 377 46.02 -20.67 16.48
N ILE C 378 45.99 -19.91 17.60
CA ILE C 378 46.48 -20.32 18.93
C ILE C 378 45.71 -21.59 19.36
N ALA C 379 44.35 -21.55 19.29
CA ALA C 379 43.48 -22.67 19.64
C ALA C 379 43.87 -23.93 18.85
N LEU C 380 44.07 -23.82 17.52
CA LEU C 380 44.45 -24.96 16.69
C LEU C 380 45.85 -25.49 17.01
N ASP C 381 46.79 -24.58 17.36
CA ASP C 381 48.18 -24.94 17.72
C ASP C 381 48.30 -25.65 19.07
N HIS C 382 47.29 -25.47 19.96
CA HIS C 382 47.28 -26.04 21.31
C HIS C 382 45.89 -26.63 21.60
N ILE C 383 45.26 -27.25 20.60
CA ILE C 383 43.87 -27.74 20.69
C ILE C 383 43.64 -28.69 21.86
N ASP C 384 44.61 -29.59 22.16
CA ASP C 384 44.51 -30.52 23.30
C ASP C 384 44.43 -29.76 24.62
N GLU C 385 45.25 -28.71 24.79
CA GLU C 385 45.25 -27.85 25.97
C GLU C 385 43.98 -26.99 26.06
N ILE C 386 43.46 -26.57 24.89
CA ILE C 386 42.23 -25.77 24.79
C ILE C 386 41.03 -26.59 25.29
N ILE C 387 40.87 -27.84 24.78
CA ILE C 387 39.82 -28.78 25.16
C ILE C 387 39.85 -29.06 26.66
N SER C 388 41.05 -29.35 27.22
CA SER C 388 41.25 -29.62 28.66
C SER C 388 40.80 -28.45 29.53
N THR C 389 41.18 -27.21 29.12
CA THR C 389 40.82 -25.97 29.80
C THR C 389 39.29 -25.81 29.84
N ILE C 390 38.62 -26.07 28.70
CA ILE C 390 37.17 -26.00 28.57
C ILE C 390 36.48 -27.08 29.42
N ARG C 391 36.94 -28.34 29.28
CA ARG C 391 36.40 -29.51 29.99
C ARG C 391 36.48 -29.41 31.50
N GLU C 392 37.57 -28.86 32.03
CA GLU C 392 37.78 -28.70 33.47
C GLU C 392 36.96 -27.50 34.04
N SER C 393 36.39 -26.65 33.18
CA SER C 393 35.59 -25.49 33.61
C SER C 393 34.14 -25.91 33.77
N ASP C 394 33.49 -25.56 34.89
CA ASP C 394 32.08 -25.94 35.09
C ASP C 394 31.11 -25.02 34.35
N THR C 395 31.49 -23.77 34.11
CA THR C 395 30.66 -22.79 33.40
C THR C 395 31.39 -22.18 32.22
N ASP C 396 30.64 -21.45 31.40
CA ASP C 396 31.13 -20.71 30.25
C ASP C 396 32.02 -19.55 30.67
N LYS C 397 31.62 -18.84 31.73
CA LYS C 397 32.37 -17.72 32.29
C LYS C 397 33.76 -18.18 32.79
N VAL C 398 33.82 -19.34 33.46
CA VAL C 398 35.07 -19.92 33.97
C VAL C 398 35.98 -20.35 32.79
N ALA C 399 35.41 -20.95 31.73
CA ALA C 399 36.14 -21.35 30.51
C ALA C 399 36.77 -20.14 29.84
N MET C 400 36.00 -19.03 29.76
CA MET C 400 36.39 -17.74 29.19
C MET C 400 37.62 -17.16 29.90
N GLU C 401 37.55 -17.07 31.23
CA GLU C 401 38.60 -16.52 32.07
C GLU C 401 39.87 -17.36 32.04
N SER C 402 39.74 -18.70 32.07
CA SER C 402 40.86 -19.64 32.01
C SER C 402 41.57 -19.59 30.64
N LEU C 403 40.80 -19.53 29.52
CA LEU C 403 41.36 -19.42 28.16
C LEU C 403 42.15 -18.12 27.98
N GLN C 404 41.59 -17.01 28.49
CA GLN C 404 42.22 -15.67 28.46
C GLN C 404 43.55 -15.67 29.21
N GLN C 405 43.55 -16.28 30.41
CA GLN C 405 44.67 -16.40 31.33
C GLN C 405 45.80 -17.31 30.82
N ARG C 406 45.47 -18.57 30.47
N ARG C 406 45.49 -18.57 30.48
CA ARG C 406 46.41 -19.58 29.99
CA ARG C 406 46.45 -19.56 30.00
C ARG C 406 47.07 -19.25 28.64
C ARG C 406 47.08 -19.23 28.64
N PHE C 407 46.28 -18.80 27.65
CA PHE C 407 46.78 -18.55 26.29
C PHE C 407 46.95 -17.08 25.87
N LYS C 408 46.92 -16.15 26.84
CA LYS C 408 47.08 -14.70 26.60
C LYS C 408 46.12 -14.22 25.50
N LEU C 409 44.83 -14.52 25.70
CA LEU C 409 43.78 -14.19 24.74
C LEU C 409 42.89 -13.09 25.27
N SER C 410 42.25 -12.36 24.36
CA SER C 410 41.30 -11.31 24.73
C SER C 410 39.94 -11.96 24.92
N GLU C 411 39.00 -11.23 25.50
CA GLU C 411 37.61 -11.66 25.69
C GLU C 411 37.02 -12.11 24.32
N LYS C 412 37.23 -11.30 23.26
CA LYS C 412 36.76 -11.58 21.91
C LYS C 412 37.33 -12.87 21.34
N GLN C 413 38.64 -13.11 21.56
CA GLN C 413 39.32 -14.32 21.11
C GLN C 413 38.81 -15.59 21.82
N ALA C 414 38.66 -15.54 23.16
CA ALA C 414 38.17 -16.66 23.96
C ALA C 414 36.74 -17.03 23.56
N GLN C 415 35.88 -16.01 23.34
CA GLN C 415 34.49 -16.16 22.91
C GLN C 415 34.41 -16.86 21.54
N ALA C 416 35.25 -16.42 20.58
CA ALA C 416 35.33 -17.00 19.24
C ALA C 416 35.76 -18.47 19.29
N ILE C 417 36.67 -18.83 20.21
CA ILE C 417 37.15 -20.20 20.41
C ILE C 417 36.02 -21.06 20.98
N LEU C 418 35.27 -20.52 21.96
CA LEU C 418 34.15 -21.25 22.56
C LEU C 418 32.98 -21.44 21.58
N ASP C 419 32.82 -20.51 20.62
CA ASP C 419 31.77 -20.56 19.59
C ASP C 419 32.16 -21.45 18.41
N MET C 420 33.42 -21.87 18.35
CA MET C 420 33.95 -22.71 17.30
C MET C 420 33.33 -24.12 17.34
N ARG C 421 32.78 -24.55 16.20
CA ARG C 421 32.14 -25.86 16.02
C ARG C 421 33.22 -26.92 15.79
N LEU C 422 32.94 -28.19 16.18
CA LEU C 422 33.88 -29.30 16.02
C LEU C 422 34.32 -29.53 14.57
N ARG C 423 33.43 -29.27 13.59
CA ARG C 423 33.75 -29.38 12.16
C ARG C 423 34.91 -28.46 11.72
N ARG C 424 35.22 -27.37 12.48
CA ARG C 424 36.33 -26.45 12.20
C ARG C 424 37.70 -27.10 12.48
N LEU C 425 37.70 -28.31 13.08
CA LEU C 425 38.93 -29.05 13.40
C LEU C 425 39.40 -29.99 12.28
N THR C 426 38.64 -30.08 11.17
CA THR C 426 39.04 -30.93 10.02
C THR C 426 40.23 -30.28 9.27
N GLY C 427 40.91 -31.08 8.46
CA GLY C 427 42.05 -30.61 7.65
C GLY C 427 41.76 -29.40 6.77
N LEU C 428 40.66 -29.44 6.00
CA LEU C 428 40.27 -28.36 5.08
C LEU C 428 39.89 -27.06 5.82
N GLU C 429 39.14 -27.19 6.93
CA GLU C 429 38.68 -26.08 7.76
C GLU C 429 39.82 -25.41 8.54
N ARG C 430 40.84 -26.19 8.92
CA ARG C 430 42.02 -25.73 9.63
C ARG C 430 42.83 -24.81 8.70
N ASP C 431 43.07 -25.27 7.46
CA ASP C 431 43.77 -24.59 6.38
C ASP C 431 43.05 -23.31 5.96
N LYS C 432 41.69 -23.33 5.94
CA LYS C 432 40.84 -22.19 5.59
C LYS C 432 41.11 -21.00 6.51
N ILE C 433 41.27 -21.27 7.81
CA ILE C 433 41.56 -20.28 8.84
C ILE C 433 42.94 -19.63 8.58
N GLU C 434 43.95 -20.47 8.20
CA GLU C 434 45.31 -20.03 7.89
C GLU C 434 45.34 -19.17 6.61
N ALA C 435 44.65 -19.65 5.54
CA ALA C 435 44.58 -18.98 4.24
C ALA C 435 43.88 -17.64 4.31
N GLU C 436 42.79 -17.56 5.10
CA GLU C 436 42.03 -16.31 5.28
C GLU C 436 42.89 -15.26 5.97
N TYR C 437 43.63 -15.68 7.03
CA TYR C 437 44.52 -14.83 7.80
C TYR C 437 45.65 -14.27 6.93
N ASN C 438 46.31 -15.12 6.13
CA ASN C 438 47.39 -14.70 5.22
C ASN C 438 46.89 -13.71 4.16
N GLU C 439 45.67 -13.94 3.62
CA GLU C 439 45.03 -13.05 2.65
C GLU C 439 44.71 -11.71 3.29
N LEU C 440 44.21 -11.73 4.55
CA LEU C 440 43.85 -10.55 5.33
C LEU C 440 45.06 -9.67 5.61
N LEU C 441 46.22 -10.27 5.96
CA LEU C 441 47.45 -9.51 6.21
C LEU C 441 47.86 -8.72 4.98
N ASN C 442 47.77 -9.33 3.77
N ASN C 442 47.75 -9.32 3.78
CA ASN C 442 48.09 -8.68 2.51
CA ASN C 442 48.06 -8.70 2.49
C ASN C 442 47.09 -7.55 2.23
C ASN C 442 47.09 -7.57 2.22
N TYR C 443 45.80 -7.79 2.53
CA TYR C 443 44.72 -6.81 2.36
C TYR C 443 44.92 -5.59 3.26
N ILE C 444 45.31 -5.82 4.55
CA ILE C 444 45.57 -4.76 5.53
C ILE C 444 46.66 -3.78 5.03
N SER C 445 47.80 -4.33 4.54
CA SER C 445 48.90 -3.53 4.01
C SER C 445 48.48 -2.73 2.77
N GLU C 446 47.64 -3.32 1.89
CA GLU C 446 47.11 -2.65 0.70
C GLU C 446 46.27 -1.43 1.11
N LEU C 447 45.42 -1.58 2.15
CA LEU C 447 44.57 -0.51 2.68
C LEU C 447 45.38 0.60 3.33
N GLU C 448 46.42 0.22 4.07
CA GLU C 448 47.32 1.15 4.78
C GLU C 448 48.12 1.99 3.80
N THR C 449 48.45 1.41 2.62
CA THR C 449 49.17 2.06 1.52
C THR C 449 48.30 3.22 0.98
N ILE C 450 46.98 2.96 0.77
CA ILE C 450 46.01 3.94 0.28
C ILE C 450 45.85 5.10 1.26
N LEU C 451 45.68 4.79 2.56
CA LEU C 451 45.49 5.80 3.61
C LEU C 451 46.72 6.65 3.91
N ALA C 452 47.93 6.13 3.61
CA ALA C 452 49.20 6.83 3.83
C ALA C 452 49.56 7.84 2.74
N ASP C 453 48.98 7.67 1.52
CA ASP C 453 49.26 8.53 0.37
C ASP C 453 47.97 9.07 -0.24
N GLU C 454 47.76 10.40 -0.15
CA GLU C 454 46.57 11.06 -0.68
C GLU C 454 46.48 10.99 -2.22
N GLU C 455 47.62 10.83 -2.90
CA GLU C 455 47.67 10.68 -4.35
C GLU C 455 47.16 9.31 -4.77
N VAL C 456 47.53 8.24 -4.03
CA VAL C 456 47.10 6.85 -4.24
C VAL C 456 45.58 6.77 -4.08
N LEU C 457 45.04 7.41 -3.03
CA LEU C 457 43.61 7.52 -2.72
C LEU C 457 42.88 8.22 -3.88
N LEU C 458 43.43 9.34 -4.37
CA LEU C 458 42.87 10.11 -5.47
C LEU C 458 42.91 9.34 -6.79
N GLN C 459 43.98 8.53 -7.00
CA GLN C 459 44.10 7.70 -8.20
C GLN C 459 43.05 6.58 -8.17
N LEU C 460 42.73 6.04 -6.98
CA LEU C 460 41.72 5.01 -6.79
C LEU C 460 40.33 5.55 -7.13
N VAL C 461 40.05 6.84 -6.79
CA VAL C 461 38.80 7.52 -7.12
C VAL C 461 38.70 7.59 -8.65
N ARG C 462 39.80 8.03 -9.30
CA ARG C 462 39.91 8.14 -10.75
C ARG C 462 39.67 6.79 -11.43
N ASP C 463 40.31 5.73 -10.92
CA ASP C 463 40.21 4.37 -11.47
C ASP C 463 38.82 3.79 -11.38
N GLU C 464 38.12 4.01 -10.26
CA GLU C 464 36.78 3.51 -10.01
C GLU C 464 35.76 4.27 -10.86
N LEU C 465 35.99 5.58 -11.11
CA LEU C 465 35.16 6.40 -11.98
C LEU C 465 35.31 5.95 -13.44
N THR C 466 36.56 5.65 -13.87
CA THR C 466 36.90 5.16 -15.21
C THR C 466 36.18 3.85 -15.51
N GLU C 467 36.16 2.94 -14.52
CA GLU C 467 35.50 1.64 -14.60
C GLU C 467 34.00 1.83 -14.87
N ILE C 468 33.33 2.72 -14.11
CA ILE C 468 31.91 3.04 -14.25
C ILE C 468 31.64 3.66 -15.64
N ARG C 469 32.56 4.55 -16.10
CA ARG C 469 32.50 5.18 -17.41
C ARG C 469 32.56 4.11 -18.52
N ASP C 470 33.48 3.13 -18.39
CA ASP C 470 33.65 2.05 -19.35
C ASP C 470 32.47 1.07 -19.39
N ARG C 471 31.81 0.86 -18.25
CA ARG C 471 30.69 -0.06 -18.13
C ARG C 471 29.33 0.56 -18.46
N PHE C 472 29.09 1.80 -18.00
CA PHE C 472 27.80 2.47 -18.15
C PHE C 472 27.77 3.65 -19.12
N GLY C 473 28.94 4.14 -19.55
CA GLY C 473 29.04 5.25 -20.48
C GLY C 473 28.44 4.88 -21.82
N ASP C 474 27.72 5.82 -22.43
CA ASP C 474 27.06 5.58 -23.70
C ASP C 474 27.24 6.77 -24.63
N ASP C 475 26.77 6.62 -25.87
CA ASP C 475 26.87 7.66 -26.88
C ASP C 475 25.96 8.87 -26.55
N ARG C 476 26.37 10.04 -27.05
CA ARG C 476 25.62 11.27 -26.97
C ARG C 476 24.36 11.07 -27.82
N ARG C 477 23.21 11.55 -27.34
CA ARG C 477 21.93 11.45 -28.03
C ARG C 477 21.57 12.80 -28.66
N THR C 478 21.61 13.89 -27.87
CA THR C 478 21.27 15.22 -28.33
C THR C 478 22.38 15.81 -29.19
N GLU C 479 22.02 16.30 -30.38
CA GLU C 479 23.00 16.92 -31.26
C GLU C 479 23.04 18.41 -30.96
N ILE C 480 24.25 18.93 -30.73
CA ILE C 480 24.44 20.35 -30.51
C ILE C 480 24.88 20.95 -31.84
N GLN C 481 23.96 21.65 -32.51
CA GLN C 481 24.21 22.29 -33.80
C GLN C 481 24.66 23.72 -33.61
N LEU C 482 25.76 24.10 -34.30
CA LEU C 482 26.37 25.42 -34.26
C LEU C 482 25.84 26.29 -35.39
N LYS D 1 -20.75 18.80 4.09
CA LYS D 1 -19.46 18.53 4.75
C LYS D 1 -19.44 18.98 6.22
N LEU D 2 -20.21 20.03 6.57
CA LEU D 2 -20.28 20.52 7.95
C LEU D 2 -21.05 19.57 8.85
N ALA D 3 -20.42 19.16 9.96
CA ALA D 3 -21.02 18.32 11.00
C ALA D 3 -21.26 19.29 12.17
N ASP D 4 -22.39 20.00 12.12
CA ASP D 4 -22.75 21.02 13.09
C ASP D 4 -23.04 20.50 14.50
N CYS D 5 -23.12 21.42 15.48
CA CYS D 5 -23.44 21.11 16.87
C CYS D 5 -24.94 21.33 17.16
N SER D 6 -25.45 20.75 18.28
CA SER D 6 -26.86 20.82 18.71
C SER D 6 -27.30 22.24 19.05
N SER D 7 -26.53 22.92 19.93
CA SER D 7 -26.79 24.28 20.39
C SER D 7 -26.78 25.30 19.26
N LYS D 8 -27.61 26.35 19.40
CA LYS D 8 -27.72 27.43 18.43
C LYS D 8 -27.37 28.78 19.09
N SER D 9 -26.72 28.71 20.27
CA SER D 9 -26.24 29.86 21.05
C SER D 9 -24.75 30.00 20.69
N PRO D 10 -24.40 30.93 19.74
CA PRO D 10 -23.01 31.04 19.27
C PRO D 10 -21.92 31.26 20.31
N GLU D 11 -22.27 31.91 21.45
CA GLU D 11 -21.36 32.22 22.57
CA GLU D 11 -21.36 32.22 22.57
C GLU D 11 -20.64 30.98 23.12
N GLU D 12 -21.34 29.84 23.15
CA GLU D 12 -20.81 28.57 23.66
C GLU D 12 -20.42 27.57 22.55
N CYS D 13 -20.71 27.91 21.29
CA CYS D 13 -20.42 27.05 20.14
C CYS D 13 -19.04 27.30 19.55
N GLU D 14 -18.37 26.19 19.17
CA GLU D 14 -17.03 26.18 18.58
C GLU D 14 -17.05 25.42 17.27
N ILE D 15 -16.27 25.88 16.29
CA ILE D 15 -16.13 25.20 14.99
C ILE D 15 -14.67 24.82 14.78
N PHE D 16 -14.40 23.53 14.57
CA PHE D 16 -13.05 23.03 14.36
C PHE D 16 -12.82 22.77 12.87
N LEU D 17 -11.84 23.47 12.29
CA LEU D 17 -11.46 23.30 10.89
C LEU D 17 -10.31 22.29 10.85
N VAL D 18 -10.59 21.06 10.34
N VAL D 18 -10.59 21.06 10.34
CA VAL D 18 -9.60 19.97 10.25
CA VAL D 18 -9.62 19.96 10.30
C VAL D 18 -9.17 19.78 8.79
C VAL D 18 -9.18 19.57 8.87
N GLU D 19 -8.01 19.12 8.55
N GLU D 19 -8.06 18.84 8.75
CA GLU D 19 -7.42 18.95 7.22
CA GLU D 19 -7.46 18.36 7.50
C GLU D 19 -8.17 18.09 6.18
C GLU D 19 -8.11 17.06 7.02
N GLY D 20 -8.71 16.94 6.60
N GLY D 20 -8.90 17.17 5.97
CA GLY D 20 -9.42 16.02 5.70
CA GLY D 20 -9.58 16.04 5.35
C GLY D 20 -10.43 15.16 6.42
C GLY D 20 -10.54 15.29 6.23
N ASP D 21 -11.04 14.18 5.70
CA ASP D 21 -12.01 13.31 6.33
C ASP D 21 -11.34 12.32 7.27
N SER D 22 -10.03 12.04 7.10
CA SER D 22 -9.30 11.14 8.01
C SER D 22 -9.25 11.69 9.44
N ALA D 23 -9.09 13.02 9.57
CA ALA D 23 -9.09 13.70 10.86
C ALA D 23 -10.52 14.01 11.28
N GLY D 24 -11.40 14.23 10.29
CA GLY D 24 -12.82 14.50 10.46
C GLY D 24 -13.57 13.48 11.30
N GLY D 25 -13.42 12.20 10.95
CA GLY D 25 -14.05 11.07 11.62
C GLY D 25 -13.68 10.97 13.08
N SER D 26 -12.36 11.04 13.37
CA SER D 26 -11.79 11.05 14.72
C SER D 26 -12.42 12.19 15.53
N THR D 27 -12.39 13.42 14.96
CA THR D 27 -12.90 14.66 15.53
C THR D 27 -14.42 14.58 15.83
N LYS D 28 -15.22 14.00 14.91
CA LYS D 28 -16.68 13.82 15.02
C LYS D 28 -17.04 12.88 16.16
N SER D 29 -16.24 11.81 16.34
CA SER D 29 -16.44 10.80 17.37
C SER D 29 -16.01 11.30 18.75
N GLY D 30 -14.86 11.97 18.81
CA GLY D 30 -14.28 12.49 20.05
C GLY D 30 -14.92 13.73 20.64
N ARG D 31 -15.50 14.62 19.80
CA ARG D 31 -16.11 15.89 20.22
C ARG D 31 -17.30 15.80 21.17
N ASP D 32 -17.75 16.99 21.61
CA ASP D 32 -18.96 17.23 22.37
C ASP D 32 -19.87 17.85 21.29
N SER D 33 -20.73 17.01 20.67
CA SER D 33 -21.64 17.40 19.59
C SER D 33 -22.67 18.48 19.97
N ARG D 34 -22.75 18.85 21.26
CA ARG D 34 -23.70 19.87 21.70
C ARG D 34 -23.15 21.26 21.37
N THR D 35 -21.83 21.45 21.54
CA THR D 35 -21.18 22.74 21.35
C THR D 35 -20.03 22.75 20.34
N GLN D 36 -19.66 21.59 19.79
CA GLN D 36 -18.54 21.52 18.86
C GLN D 36 -18.94 21.02 17.47
N ALA D 37 -18.64 21.86 16.46
CA ALA D 37 -18.89 21.58 15.05
C ALA D 37 -17.57 21.23 14.36
N ILE D 38 -17.64 20.42 13.31
CA ILE D 38 -16.46 20.01 12.55
C ILE D 38 -16.65 20.36 11.08
N LEU D 39 -15.65 21.03 10.51
CA LEU D 39 -15.59 21.33 9.09
C LEU D 39 -14.28 20.79 8.51
N PRO D 40 -14.33 19.60 7.87
CA PRO D 40 -13.12 19.05 7.23
C PRO D 40 -12.81 19.81 5.92
N LEU D 41 -11.56 20.25 5.77
N LEU D 41 -11.54 20.20 5.74
CA LEU D 41 -11.09 20.95 4.58
CA LEU D 41 -11.08 20.94 4.57
C LEU D 41 -10.65 19.91 3.54
C LEU D 41 -10.24 20.10 3.62
N ARG D 42 -10.17 20.36 2.37
N ARG D 42 -10.44 20.31 2.30
CA ARG D 42 -9.73 19.44 1.31
CA ARG D 42 -9.75 19.60 1.22
C ARG D 42 -8.26 19.64 1.00
C ARG D 42 -8.26 19.99 1.12
N GLY D 43 -7.44 19.49 2.05
CA GLY D 43 -5.99 19.70 2.04
C GLY D 43 -5.58 21.14 1.90
N LYS D 44 -4.67 21.43 0.94
CA LYS D 44 -4.19 22.79 0.65
C LYS D 44 -5.35 23.61 0.10
N ILE D 45 -5.65 24.74 0.75
CA ILE D 45 -6.74 25.63 0.35
C ILE D 45 -6.19 26.79 -0.46
N LEU D 46 -7.06 27.45 -1.23
CA LEU D 46 -6.71 28.58 -2.09
C LEU D 46 -6.02 29.72 -1.31
N ASN D 47 -4.93 30.26 -1.87
CA ASN D 47 -4.22 31.43 -1.33
C ASN D 47 -4.94 32.65 -1.92
N VAL D 48 -5.74 33.33 -1.09
CA VAL D 48 -6.55 34.50 -1.49
C VAL D 48 -5.69 35.73 -1.85
N GLU D 49 -4.45 35.79 -1.32
CA GLU D 49 -3.48 36.87 -1.58
C GLU D 49 -3.00 36.84 -3.04
N LYS D 50 -2.97 35.66 -3.67
CA LYS D 50 -2.54 35.45 -5.05
C LYS D 50 -3.71 35.32 -6.05
N ALA D 51 -4.93 35.08 -5.54
CA ALA D 51 -6.14 34.87 -6.34
C ALA D 51 -7.01 36.12 -6.50
N ARG D 52 -7.72 36.22 -7.64
CA ARG D 52 -8.65 37.32 -7.91
C ARG D 52 -9.98 37.01 -7.21
N LEU D 53 -10.81 38.05 -6.95
CA LEU D 53 -12.08 37.92 -6.22
C LEU D 53 -13.06 36.88 -6.79
N ASP D 54 -13.22 36.83 -8.13
N ASP D 54 -13.22 36.82 -8.13
CA ASP D 54 -14.10 35.87 -8.81
CA ASP D 54 -14.12 35.85 -8.77
C ASP D 54 -13.75 34.41 -8.49
C ASP D 54 -13.75 34.39 -8.46
N ARG D 55 -12.44 34.08 -8.44
CA ARG D 55 -11.91 32.75 -8.11
C ARG D 55 -12.15 32.45 -6.63
N ILE D 56 -11.92 33.45 -5.75
CA ILE D 56 -12.13 33.31 -4.30
C ILE D 56 -13.60 32.97 -4.01
N LEU D 57 -14.53 33.76 -4.58
CA LEU D 57 -15.98 33.60 -4.40
C LEU D 57 -16.54 32.32 -5.00
N ASN D 58 -15.87 31.78 -6.03
CA ASN D 58 -16.26 30.53 -6.68
C ASN D 58 -15.66 29.28 -6.05
N ASN D 59 -14.68 29.47 -5.13
CA ASN D 59 -14.00 28.36 -4.46
C ASN D 59 -14.94 27.71 -3.44
N ASN D 60 -15.22 26.40 -3.63
N ASN D 60 -15.29 26.42 -3.67
CA ASN D 60 -16.10 25.58 -2.78
CA ASN D 60 -16.23 25.68 -2.83
C ASN D 60 -15.74 25.57 -1.29
C ASN D 60 -15.81 25.53 -1.36
N GLU D 61 -14.43 25.48 -0.97
N GLU D 61 -14.48 25.53 -1.07
CA GLU D 61 -13.93 25.45 0.42
CA GLU D 61 -13.96 25.44 0.30
C GLU D 61 -14.12 26.79 1.11
C GLU D 61 -14.16 26.76 1.05
N ILE D 62 -13.81 27.89 0.40
CA ILE D 62 -13.97 29.27 0.88
C ILE D 62 -15.48 29.52 1.15
N ARG D 63 -16.34 29.13 0.18
CA ARG D 63 -17.81 29.21 0.27
C ARG D 63 -18.35 28.47 1.48
N GLN D 64 -17.87 27.23 1.73
CA GLN D 64 -18.26 26.37 2.85
C GLN D 64 -17.98 27.03 4.20
N MET D 65 -16.81 27.69 4.33
CA MET D 65 -16.43 28.40 5.55
C MET D 65 -17.29 29.64 5.78
N ILE D 66 -17.55 30.45 4.71
CA ILE D 66 -18.40 31.64 4.79
C ILE D 66 -19.81 31.23 5.25
N THR D 67 -20.40 30.19 4.60
CA THR D 67 -21.73 29.63 4.90
C THR D 67 -21.80 29.15 6.36
N ALA D 68 -20.77 28.42 6.81
CA ALA D 68 -20.68 27.88 8.18
C ALA D 68 -20.55 29.00 9.24
N PHE D 69 -19.76 30.05 8.96
CA PHE D 69 -19.55 31.16 9.90
C PHE D 69 -20.78 32.07 10.01
N GLY D 70 -21.52 32.22 8.91
CA GLY D 70 -22.76 33.01 8.82
C GLY D 70 -22.63 34.52 8.95
N THR D 71 -21.41 35.07 8.86
CA THR D 71 -21.12 36.51 9.02
C THR D 71 -21.16 37.32 7.72
N GLY D 72 -20.82 36.69 6.61
CA GLY D 72 -20.66 37.37 5.32
C GLY D 72 -19.22 37.81 5.20
N ILE D 73 -18.81 38.42 4.07
CA ILE D 73 -17.41 38.82 3.91
C ILE D 73 -17.21 40.29 3.51
N GLY D 74 -15.99 40.78 3.75
CA GLY D 74 -15.53 42.13 3.45
C GLY D 74 -16.32 43.23 4.11
N GLY D 75 -16.89 44.10 3.27
CA GLY D 75 -17.72 45.22 3.72
C GLY D 75 -19.05 44.76 4.26
N ASP D 76 -19.53 43.60 3.78
CA ASP D 76 -20.80 42.99 4.20
C ASP D 76 -20.69 42.11 5.45
N PHE D 77 -19.48 42.02 6.07
CA PHE D 77 -19.24 41.25 7.29
C PHE D 77 -20.10 41.77 8.45
N ASP D 78 -20.71 40.84 9.20
CA ASP D 78 -21.52 41.15 10.37
C ASP D 78 -21.15 40.20 11.53
N LEU D 79 -20.42 40.73 12.53
CA LEU D 79 -19.95 39.99 13.70
C LEU D 79 -21.07 39.44 14.56
N ALA D 80 -22.20 40.18 14.65
CA ALA D 80 -23.38 39.78 15.42
C ALA D 80 -24.03 38.50 14.86
N LYS D 81 -23.79 38.21 13.56
CA LYS D 81 -24.31 37.05 12.85
C LYS D 81 -23.39 35.82 12.91
N ALA D 82 -22.26 35.90 13.66
CA ALA D 82 -21.32 34.78 13.84
C ALA D 82 -22.03 33.61 14.49
N ARG D 83 -21.90 32.43 13.87
CA ARG D 83 -22.57 31.21 14.34
C ARG D 83 -21.79 30.50 15.44
N TYR D 84 -20.51 30.86 15.60
CA TYR D 84 -19.58 30.31 16.58
C TYR D 84 -18.67 31.45 17.08
N HIS D 85 -18.47 31.55 18.41
CA HIS D 85 -17.57 32.54 19.01
C HIS D 85 -16.14 32.02 19.12
N LYS D 86 -15.92 30.78 18.62
CA LYS D 86 -14.61 30.12 18.56
C LYS D 86 -14.47 29.39 17.23
N ILE D 87 -13.54 29.86 16.40
CA ILE D 87 -13.16 29.29 15.11
C ILE D 87 -11.78 28.70 15.40
N VAL D 88 -11.69 27.37 15.50
CA VAL D 88 -10.46 26.68 15.86
C VAL D 88 -9.78 26.00 14.65
N ILE D 89 -8.53 26.43 14.38
CA ILE D 89 -7.70 25.88 13.31
C ILE D 89 -7.03 24.63 13.90
N MET D 90 -7.38 23.46 13.37
CA MET D 90 -6.85 22.18 13.83
C MET D 90 -6.26 21.39 12.68
N THR D 91 -5.16 21.89 12.13
N THR D 91 -5.04 21.78 12.27
CA THR D 91 -4.49 21.25 11.00
CA THR D 91 -4.29 21.11 11.21
C THR D 91 -3.59 20.14 11.54
C THR D 91 -3.19 20.22 11.84
N ASP D 92 -3.16 19.18 10.69
N ASP D 92 -2.49 19.41 11.02
CA ASP D 92 -2.29 18.09 11.11
CA ASP D 92 -1.42 18.52 11.46
C ASP D 92 -0.95 18.63 11.65
C ASP D 92 -0.27 19.33 12.05
N ALA D 93 -0.34 17.88 12.59
N ALA D 93 0.37 18.83 13.12
CA ALA D 93 0.92 18.26 13.25
CA ALA D 93 1.49 19.49 13.82
C ALA D 93 2.17 18.00 12.39
C ALA D 93 2.83 19.46 13.05
N ASP D 94 2.17 18.57 11.17
N ASP D 94 2.77 19.26 11.73
CA ASP D 94 3.28 18.52 10.22
CA ASP D 94 3.91 19.20 10.83
C ASP D 94 3.47 19.89 9.53
C ASP D 94 4.09 20.50 10.03
N VAL D 95 4.55 20.06 8.72
N VAL D 95 4.69 20.40 8.81
CA VAL D 95 4.91 21.33 8.01
CA VAL D 95 4.96 21.56 7.94
C VAL D 95 3.81 21.79 7.04
C VAL D 95 3.79 21.86 6.97
N ASP D 96 3.09 20.83 6.45
CA ASP D 96 1.98 21.08 5.53
C ASP D 96 0.77 21.59 6.30
N GLY D 97 0.65 21.16 7.57
CA GLY D 97 -0.37 21.64 8.50
C GLY D 97 -0.14 23.10 8.83
N ALA D 98 1.14 23.48 8.99
CA ALA D 98 1.58 24.86 9.24
C ALA D 98 1.23 25.74 8.03
N HIS D 99 1.41 25.22 6.80
CA HIS D 99 1.07 25.89 5.54
C HIS D 99 -0.43 26.14 5.43
N ILE D 100 -1.26 25.12 5.69
CA ILE D 100 -2.73 25.25 5.66
C ILE D 100 -3.16 26.33 6.65
N ARG D 101 -2.53 26.37 7.84
CA ARG D 101 -2.79 27.38 8.86
C ARG D 101 -2.48 28.79 8.33
N THR D 102 -1.35 28.98 7.60
CA THR D 102 -1.01 30.29 7.02
C THR D 102 -2.07 30.70 5.99
N LEU D 103 -2.51 29.74 5.15
CA LEU D 103 -3.53 29.94 4.10
C LEU D 103 -4.88 30.30 4.72
N LEU D 104 -5.24 29.66 5.84
CA LEU D 104 -6.48 29.93 6.59
C LEU D 104 -6.43 31.33 7.20
N LEU D 105 -5.32 31.68 7.88
CA LEU D 105 -5.11 32.99 8.49
C LEU D 105 -5.12 34.11 7.45
N THR D 106 -4.59 33.84 6.22
CA THR D 106 -4.57 34.79 5.10
C THR D 106 -6.01 35.14 4.71
N PHE D 107 -6.86 34.10 4.58
CA PHE D 107 -8.27 34.24 4.24
C PHE D 107 -9.04 35.03 5.30
N PHE D 108 -8.84 34.72 6.60
CA PHE D 108 -9.52 35.42 7.68
C PHE D 108 -9.04 36.86 7.78
N TYR D 109 -7.73 37.13 7.64
CA TYR D 109 -7.22 38.50 7.71
C TYR D 109 -7.75 39.41 6.59
N ARG D 110 -7.81 38.90 5.35
CA ARG D 110 -8.24 39.68 4.18
C ARG D 110 -9.76 39.74 3.96
N PHE D 111 -10.54 38.78 4.49
CA PHE D 111 -11.99 38.75 4.26
C PHE D 111 -12.84 38.80 5.53
N MET D 112 -12.28 38.37 6.67
CA MET D 112 -12.99 38.33 7.94
C MET D 112 -12.16 38.93 9.10
N ARG D 113 -11.45 40.05 8.84
CA ARG D 113 -10.58 40.71 9.83
C ARG D 113 -11.26 40.98 11.20
N PRO D 114 -12.51 41.51 11.29
CA PRO D 114 -13.11 41.73 12.62
C PRO D 114 -13.30 40.47 13.48
N LEU D 115 -13.28 39.29 12.85
CA LEU D 115 -13.37 37.98 13.51
C LEU D 115 -12.10 37.74 14.35
N ILE D 116 -10.92 38.18 13.83
CA ILE D 116 -9.61 38.11 14.50
C ILE D 116 -9.57 39.13 15.64
N GLU D 117 -10.00 40.38 15.34
CA GLU D 117 -10.05 41.52 16.27
C GLU D 117 -10.95 41.24 17.48
N ALA D 118 -12.03 40.46 17.29
CA ALA D 118 -12.98 40.07 18.34
C ALA D 118 -12.45 38.91 19.22
N GLY D 119 -11.35 38.29 18.79
CA GLY D 119 -10.73 37.17 19.49
C GLY D 119 -11.43 35.85 19.27
N TYR D 120 -12.13 35.71 18.12
CA TYR D 120 -12.87 34.50 17.76
C TYR D 120 -12.00 33.44 17.09
N VAL D 121 -10.83 33.82 16.53
CA VAL D 121 -9.93 32.88 15.84
C VAL D 121 -8.92 32.29 16.81
N TYR D 122 -8.82 30.96 16.81
CA TYR D 122 -7.95 30.18 17.68
C TYR D 122 -7.12 29.17 16.90
N ILE D 123 -6.06 28.65 17.54
CA ILE D 123 -5.19 27.63 16.99
C ILE D 123 -5.11 26.50 18.00
N ALA D 124 -5.55 25.30 17.58
CA ALA D 124 -5.52 24.10 18.40
C ALA D 124 -4.07 23.63 18.55
N GLN D 125 -3.75 22.97 19.68
CA GLN D 125 -2.41 22.47 19.93
C GLN D 125 -2.40 20.95 20.15
N PRO D 126 -2.49 20.15 19.06
CA PRO D 126 -2.48 18.68 19.23
C PRO D 126 -1.07 18.17 19.58
N PRO D 127 -0.89 16.94 20.12
CA PRO D 127 0.47 16.46 20.42
C PRO D 127 1.40 16.39 19.21
N THR D 128 2.71 16.51 19.45
CA THR D 128 3.76 16.45 18.41
C THR D 128 4.04 15.02 17.86
N GLY D 129 3.75 14.00 18.68
CA GLY D 129 3.99 12.58 18.40
C GLY D 129 3.35 11.96 17.17
N TYR D 130 2.24 12.53 16.68
CA TYR D 130 1.52 12.04 15.51
C TYR D 130 1.51 13.15 14.47
N LYS D 131 1.70 12.81 13.19
CA LYS D 131 1.65 13.81 12.13
C LYS D 131 0.18 14.06 11.78
N GLY D 132 -0.42 13.14 11.03
CA GLY D 132 -1.82 13.20 10.67
C GLY D 132 -2.68 12.96 11.89
N LEU D 133 -3.71 13.78 12.08
CA LEU D 133 -4.67 13.66 13.18
C LEU D 133 -5.47 12.35 13.07
N GLY D 134 -5.41 11.72 11.89
CA GLY D 134 -6.04 10.43 11.59
C GLY D 134 -5.32 9.29 12.26
N GLU D 135 -4.04 9.53 12.68
CA GLU D 135 -3.18 8.59 13.40
C GLU D 135 -3.64 8.47 14.86
N MET D 136 -4.34 9.49 15.35
CA MET D 136 -4.82 9.57 16.73
C MET D 136 -6.19 8.92 16.94
N ASN D 137 -6.41 8.33 18.13
CA ASN D 137 -7.69 7.77 18.56
C ASN D 137 -8.60 8.95 18.94
N ALA D 138 -9.92 8.77 18.89
CA ALA D 138 -10.91 9.81 19.19
C ALA D 138 -10.79 10.36 20.63
N ASP D 139 -10.51 9.46 21.60
CA ASP D 139 -10.36 9.81 23.02
C ASP D 139 -9.12 10.67 23.29
N GLN D 140 -8.00 10.40 22.59
CA GLN D 140 -6.79 11.21 22.77
C GLN D 140 -6.92 12.57 22.07
N LEU D 141 -7.65 12.65 20.94
CA LEU D 141 -7.89 13.93 20.26
C LEU D 141 -8.79 14.81 21.12
N TRP D 142 -9.76 14.21 21.83
CA TRP D 142 -10.65 14.91 22.74
C TRP D 142 -9.85 15.45 23.94
N GLU D 143 -9.19 14.55 24.70
CA GLU D 143 -8.45 14.88 25.90
C GLU D 143 -7.33 15.91 25.72
N THR D 144 -6.56 15.81 24.64
CA THR D 144 -5.42 16.70 24.40
C THR D 144 -5.74 18.00 23.68
N THR D 145 -6.73 18.00 22.76
CA THR D 145 -6.98 19.14 21.87
C THR D 145 -8.38 19.76 21.89
N MET D 146 -9.44 18.98 22.23
CA MET D 146 -10.82 19.48 22.14
C MET D 146 -11.54 19.71 23.48
N ASN D 147 -11.14 18.99 24.53
CA ASN D 147 -11.72 19.08 25.86
C ASN D 147 -11.37 20.43 26.49
N PRO D 148 -12.35 21.31 26.77
CA PRO D 148 -12.02 22.63 27.38
C PRO D 148 -11.33 22.55 28.75
N GLU D 149 -11.48 21.43 29.47
N GLU D 149 -11.49 21.42 29.46
CA GLU D 149 -10.88 21.22 30.80
CA GLU D 149 -10.89 21.15 30.78
C GLU D 149 -9.36 20.97 30.76
C GLU D 149 -9.37 21.03 30.73
N HIS D 150 -8.82 20.44 29.64
CA HIS D 150 -7.39 20.14 29.49
C HIS D 150 -6.67 20.72 28.28
N ARG D 151 -7.41 21.17 27.24
CA ARG D 151 -6.80 21.72 26.03
C ARG D 151 -6.09 23.06 26.26
N ALA D 152 -5.15 23.40 25.36
CA ALA D 152 -4.42 24.66 25.39
C ALA D 152 -4.62 25.29 24.01
N LEU D 153 -5.60 26.21 23.90
CA LEU D 153 -5.90 26.93 22.66
C LEU D 153 -5.14 28.23 22.62
N LEU D 154 -4.64 28.60 21.43
CA LEU D 154 -3.94 29.86 21.22
C LEU D 154 -4.89 30.83 20.57
N GLN D 155 -5.22 31.93 21.27
CA GLN D 155 -6.09 32.96 20.73
C GLN D 155 -5.25 33.86 19.81
N VAL D 156 -5.67 33.96 18.54
CA VAL D 156 -4.97 34.78 17.54
C VAL D 156 -5.23 36.25 17.85
N LYS D 157 -4.15 37.02 18.03
CA LYS D 157 -4.18 38.44 18.33
C LYS D 157 -3.57 39.28 17.22
N LEU D 158 -4.21 40.41 16.93
CA LEU D 158 -3.76 41.40 15.96
C LEU D 158 -3.27 42.61 16.76
N GLU D 159 -1.95 42.89 16.70
CA GLU D 159 -1.34 44.01 17.43
C GLU D 159 -1.14 45.24 16.58
N ASP D 160 -0.46 45.07 15.43
CA ASP D 160 -0.15 46.12 14.47
C ASP D 160 -0.73 45.74 13.10
N ALA D 161 -1.73 46.52 12.62
CA ALA D 161 -2.38 46.28 11.33
C ALA D 161 -1.46 46.57 10.14
N ILE D 162 -0.58 47.60 10.25
CA ILE D 162 0.41 47.98 9.22
C ILE D 162 1.42 46.83 9.05
N GLU D 163 1.92 46.29 10.18
CA GLU D 163 2.88 45.20 10.21
C GLU D 163 2.26 43.91 9.64
N ALA D 164 1.01 43.59 10.03
CA ALA D 164 0.27 42.43 9.56
C ALA D 164 0.00 42.52 8.04
N ASP D 165 -0.41 43.71 7.55
CA ASP D 165 -0.63 43.97 6.11
C ASP D 165 0.62 43.63 5.29
N GLN D 166 1.79 44.11 5.76
CA GLN D 166 3.10 43.90 5.15
C GLN D 166 3.53 42.44 5.20
N THR D 167 3.26 41.75 6.35
CA THR D 167 3.58 40.34 6.59
C THR D 167 2.83 39.44 5.61
N PHE D 168 1.50 39.62 5.49
CA PHE D 168 0.68 38.86 4.55
C PHE D 168 1.06 39.09 3.09
N GLU D 169 1.40 40.34 2.74
CA GLU D 169 1.81 40.70 1.37
C GLU D 169 3.15 40.07 1.00
N MET D 170 4.12 40.08 1.95
CA MET D 170 5.46 39.53 1.76
C MET D 170 5.45 38.00 1.67
N LEU D 171 4.82 37.33 2.65
CA LEU D 171 4.79 35.88 2.73
C LEU D 171 3.88 35.20 1.72
N MET D 172 2.68 35.76 1.48
CA MET D 172 1.66 35.13 0.66
C MET D 172 1.42 35.75 -0.72
N GLY D 173 1.97 36.94 -0.97
CA GLY D 173 1.79 37.66 -2.23
C GLY D 173 2.51 37.06 -3.43
N ASP D 174 2.33 37.68 -4.60
CA ASP D 174 2.91 37.23 -5.87
C ASP D 174 4.39 37.58 -6.08
N VAL D 175 4.94 38.50 -5.27
CA VAL D 175 6.35 38.89 -5.40
C VAL D 175 7.25 37.86 -4.70
N VAL D 176 7.88 37.00 -5.50
CA VAL D 176 8.75 35.91 -5.03
C VAL D 176 10.01 36.44 -4.29
N GLU D 177 10.66 37.49 -4.86
CA GLU D 177 11.90 38.06 -4.35
C GLU D 177 11.86 38.50 -2.90
N ASN D 178 10.76 39.11 -2.45
CA ASN D 178 10.66 39.55 -1.05
C ASN D 178 10.49 38.38 -0.09
N ARG D 179 9.83 37.32 -0.56
CA ARG D 179 9.64 36.06 0.16
C ARG D 179 11.00 35.34 0.26
N ARG D 180 11.76 35.29 -0.87
CA ARG D 180 13.10 34.70 -0.97
C ARG D 180 14.07 35.42 -0.03
N GLN D 181 14.00 36.77 0.01
CA GLN D 181 14.84 37.59 0.88
C GLN D 181 14.50 37.31 2.35
N PHE D 182 13.18 37.19 2.68
CA PHE D 182 12.72 36.85 4.03
C PHE D 182 13.31 35.51 4.48
N ILE D 183 13.26 34.48 3.60
CA ILE D 183 13.78 33.14 3.90
C ILE D 183 15.28 33.24 4.19
N GLU D 184 16.07 33.80 3.25
CA GLU D 184 17.51 34.00 3.36
C GLU D 184 17.90 34.67 4.70
N ASP D 185 17.19 35.74 5.07
CA ASP D 185 17.44 36.51 6.28
C ASP D 185 17.06 35.80 7.57
N ASN D 186 16.04 34.93 7.56
CA ASN D 186 15.55 34.33 8.79
C ASN D 186 15.79 32.82 8.95
N ALA D 187 16.26 32.16 7.89
CA ALA D 187 16.53 30.72 7.86
C ALA D 187 17.64 30.32 8.83
N VAL D 188 17.32 29.37 9.72
CA VAL D 188 18.25 28.81 10.72
C VAL D 188 18.38 27.32 10.37
N TYR D 189 19.52 26.95 9.78
CA TYR D 189 19.81 25.59 9.31
C TYR D 189 20.31 24.66 10.41
NA NA I . -38.73 -1.33 12.11
MN MN J . -7.61 -9.55 -12.27
MN MN K . -2.66 16.21 6.35
MN MN K . 0.56 15.87 7.98
MN MN L . -6.11 3.31 -3.73
C1 EVP M . -17.33 5.75 -10.81
O1 EVP M . -16.90 5.76 -9.44
C2 EVP M . -16.15 3.96 -10.61
O2 EVP M . -17.06 4.50 -11.47
C3 EVP M . -15.39 2.82 -10.81
O3 EVP M . -11.30 -0.15 -7.61
C4 EVP M . -14.50 2.46 -9.81
O4 EVP M . -12.18 -1.40 -9.30
C5 EVP M . -13.65 1.23 -10.08
O5 EVP M . -10.53 -0.33 -13.59
C6 EVP M . -13.13 0.76 -8.72
O6 EVP M . -9.67 2.21 -14.01
C7 EVP M . -12.17 -0.39 -8.62
O7 EVP M . -10.68 4.30 -12.60
C8 EVP M . -11.58 1.10 -6.98
O8 EVP M . -14.20 2.42 -6.38
C9 EVP M . -12.43 1.85 -7.99
O9 EVP M . -12.79 2.81 -4.56
C10 EVP M . -13.44 2.89 -7.51
O10 EVP M . -10.97 3.90 -1.59
C11 EVP M . -14.39 3.21 -8.63
O11 EVP M . -13.32 4.13 -1.23
C12 EVP M . -15.18 4.34 -8.45
O12 EVP M . -15.95 3.25 -2.09
C13 EVP M . -16.05 4.68 -9.46
O13 EVP M . -16.28 3.84 -4.99
C14 EVP M . -12.59 1.49 -11.12
C15 EVP M . -12.07 0.45 -11.88
C16 EVP M . -11.08 0.69 -12.83
C17 EVP M . -10.64 1.97 -13.06
C18 EVP M . -11.16 3.03 -12.34
C19 EVP M . -12.12 2.77 -11.37
C20 EVP M . -10.65 -1.58 -12.89
C21 EVP M . -11.63 5.29 -12.21
C22 EVP M . -13.96 3.25 -5.25
C23 EVP M . -12.52 3.61 -3.41
C24 EVP M . -11.21 3.17 -2.81
C25 EVP M . -12.07 3.71 -0.68
C26 EVP M . -13.60 3.36 -2.39
C27 EVP M . -14.96 3.75 -2.97
C28 EVP M . -15.20 3.16 -4.35
C29 EVP M . -11.80 4.52 0.56
NA NA N . -2.65 12.64 -1.96
#